data_1ZUH
# 
_entry.id   1ZUH 
# 
_audit_conform.dict_name       mmcif_pdbx.dic 
_audit_conform.dict_version    5.380 
_audit_conform.dict_location   http://mmcif.pdb.org/dictionaries/ascii/mmcif_pdbx.dic 
# 
loop_
_database_2.database_id 
_database_2.database_code 
_database_2.pdbx_database_accession 
_database_2.pdbx_DOI 
PDB   1ZUH         pdb_00001zuh 10.2210/pdb1zuh/pdb 
RCSB  RCSB033132   ?            ?                   
WWPDB D_1000033132 ?            ?                   
# 
_pdbx_database_status.entry_id                        1ZUH 
_pdbx_database_status.deposit_site                    RCSB 
_pdbx_database_status.process_site                    PDBJ 
_pdbx_database_status.recvd_initial_deposition_date   2005-05-31 
_pdbx_database_status.status_code                     REL 
_pdbx_database_status.status_code_sf                  REL 
_pdbx_database_status.status_code_mr                  ? 
_pdbx_database_status.SG_entry                        ? 
_pdbx_database_status.pdb_format_compatible           Y 
_pdbx_database_status.status_code_cs                  ? 
_pdbx_database_status.methods_development_category    ? 
_pdbx_database_status.status_code_nmr_data            ? 
# 
loop_
_audit_author.name 
_audit_author.pdbx_ordinal 
'Cheng, W.C.' 1 
'Chang, Y.N.' 2 
'Wang, W.C.'  3 
# 
_citation.id                        primary 
_citation.title                     'Structural basis for shikimate-binding specificity of Helicobacter pylori shikimate kinase' 
_citation.journal_abbrev            J.Bacteriol. 
_citation.journal_volume            187 
_citation.page_first                8156 
_citation.page_last                 8163 
_citation.year                      2005 
_citation.journal_id_ASTM           JOBAAY 
_citation.country                   US 
_citation.journal_id_ISSN           0021-9193 
_citation.journal_id_CSD            0767 
_citation.book_publisher            ? 
_citation.pdbx_database_id_PubMed   16291688 
_citation.pdbx_database_id_DOI      10.1128/JB.187.23.8156-8163.2005 
# 
loop_
_citation_author.citation_id 
_citation_author.name 
_citation_author.ordinal 
_citation_author.identifier_ORCID 
primary 'Cheng, W.C.' 1 ? 
primary 'Chang, Y.N.' 2 ? 
primary 'Wang, W.C.'  3 ? 
# 
_cell.entry_id           1ZUH 
_cell.length_a           94.494 
_cell.length_b           94.494 
_cell.length_c           39.299 
_cell.angle_alpha        90.00 
_cell.angle_beta         90.00 
_cell.angle_gamma        90.00 
_cell.Z_PDB              8 
_cell.pdbx_unique_axis   ? 
_cell.length_a_esd       ? 
_cell.length_b_esd       ? 
_cell.length_c_esd       ? 
_cell.angle_alpha_esd    ? 
_cell.angle_beta_esd     ? 
_cell.angle_gamma_esd    ? 
# 
_symmetry.entry_id                         1ZUH 
_symmetry.space_group_name_H-M             'P 42 21 2' 
_symmetry.pdbx_full_space_group_name_H-M   ? 
_symmetry.cell_setting                     ? 
_symmetry.Int_Tables_number                94 
_symmetry.space_group_name_Hall            ? 
# 
loop_
_entity.id 
_entity.type 
_entity.src_method 
_entity.pdbx_description 
_entity.formula_weight 
_entity.pdbx_number_of_molecules 
_entity.pdbx_ec 
_entity.pdbx_mutation 
_entity.pdbx_fragment 
_entity.details 
1 polymer man 'Shikimate kinase' 19265.336 1   2.7.1.71 ? ? ? 
2 water   nat water              18.015    165 ?        ? ? ? 
# 
_entity_poly.entity_id                      1 
_entity_poly.type                           'polypeptide(L)' 
_entity_poly.nstd_linkage                   no 
_entity_poly.nstd_monomer                   no 
_entity_poly.pdbx_seq_one_letter_code       
;HHHHHHMQHLVLIGFMGSGKSSLAQELGLALKLEVLDTDMIISERVGLSVREIFEELGEDNFRMFEKNLIDELKTLKTPH
VISTGGGIVMHENLKGLGTTFYLKMDFETLIKRLNQKEREKRPLLNNLTQAKELFEKRQALYEKNASFIIDARGGLNNSL
KQVLQFIA
;
_entity_poly.pdbx_seq_one_letter_code_can   
;HHHHHHMQHLVLIGFMGSGKSSLAQELGLALKLEVLDTDMIISERVGLSVREIFEELGEDNFRMFEKNLIDELKTLKTPH
VISTGGGIVMHENLKGLGTTFYLKMDFETLIKRLNQKEREKRPLLNNLTQAKELFEKRQALYEKNASFIIDARGGLNNSL
KQVLQFIA
;
_entity_poly.pdbx_strand_id                 A 
_entity_poly.pdbx_target_identifier         ? 
# 
loop_
_entity_poly_seq.entity_id 
_entity_poly_seq.num 
_entity_poly_seq.mon_id 
_entity_poly_seq.hetero 
1 1   HIS n 
1 2   HIS n 
1 3   HIS n 
1 4   HIS n 
1 5   HIS n 
1 6   HIS n 
1 7   MET n 
1 8   GLN n 
1 9   HIS n 
1 10  LEU n 
1 11  VAL n 
1 12  LEU n 
1 13  ILE n 
1 14  GLY n 
1 15  PHE n 
1 16  MET n 
1 17  GLY n 
1 18  SER n 
1 19  GLY n 
1 20  LYS n 
1 21  SER n 
1 22  SER n 
1 23  LEU n 
1 24  ALA n 
1 25  GLN n 
1 26  GLU n 
1 27  LEU n 
1 28  GLY n 
1 29  LEU n 
1 30  ALA n 
1 31  LEU n 
1 32  LYS n 
1 33  LEU n 
1 34  GLU n 
1 35  VAL n 
1 36  LEU n 
1 37  ASP n 
1 38  THR n 
1 39  ASP n 
1 40  MET n 
1 41  ILE n 
1 42  ILE n 
1 43  SER n 
1 44  GLU n 
1 45  ARG n 
1 46  VAL n 
1 47  GLY n 
1 48  LEU n 
1 49  SER n 
1 50  VAL n 
1 51  ARG n 
1 52  GLU n 
1 53  ILE n 
1 54  PHE n 
1 55  GLU n 
1 56  GLU n 
1 57  LEU n 
1 58  GLY n 
1 59  GLU n 
1 60  ASP n 
1 61  ASN n 
1 62  PHE n 
1 63  ARG n 
1 64  MET n 
1 65  PHE n 
1 66  GLU n 
1 67  LYS n 
1 68  ASN n 
1 69  LEU n 
1 70  ILE n 
1 71  ASP n 
1 72  GLU n 
1 73  LEU n 
1 74  LYS n 
1 75  THR n 
1 76  LEU n 
1 77  LYS n 
1 78  THR n 
1 79  PRO n 
1 80  HIS n 
1 81  VAL n 
1 82  ILE n 
1 83  SER n 
1 84  THR n 
1 85  GLY n 
1 86  GLY n 
1 87  GLY n 
1 88  ILE n 
1 89  VAL n 
1 90  MET n 
1 91  HIS n 
1 92  GLU n 
1 93  ASN n 
1 94  LEU n 
1 95  LYS n 
1 96  GLY n 
1 97  LEU n 
1 98  GLY n 
1 99  THR n 
1 100 THR n 
1 101 PHE n 
1 102 TYR n 
1 103 LEU n 
1 104 LYS n 
1 105 MET n 
1 106 ASP n 
1 107 PHE n 
1 108 GLU n 
1 109 THR n 
1 110 LEU n 
1 111 ILE n 
1 112 LYS n 
1 113 ARG n 
1 114 LEU n 
1 115 ASN n 
1 116 GLN n 
1 117 LYS n 
1 118 GLU n 
1 119 ARG n 
1 120 GLU n 
1 121 LYS n 
1 122 ARG n 
1 123 PRO n 
1 124 LEU n 
1 125 LEU n 
1 126 ASN n 
1 127 ASN n 
1 128 LEU n 
1 129 THR n 
1 130 GLN n 
1 131 ALA n 
1 132 LYS n 
1 133 GLU n 
1 134 LEU n 
1 135 PHE n 
1 136 GLU n 
1 137 LYS n 
1 138 ARG n 
1 139 GLN n 
1 140 ALA n 
1 141 LEU n 
1 142 TYR n 
1 143 GLU n 
1 144 LYS n 
1 145 ASN n 
1 146 ALA n 
1 147 SER n 
1 148 PHE n 
1 149 ILE n 
1 150 ILE n 
1 151 ASP n 
1 152 ALA n 
1 153 ARG n 
1 154 GLY n 
1 155 GLY n 
1 156 LEU n 
1 157 ASN n 
1 158 ASN n 
1 159 SER n 
1 160 LEU n 
1 161 LYS n 
1 162 GLN n 
1 163 VAL n 
1 164 LEU n 
1 165 GLN n 
1 166 PHE n 
1 167 ILE n 
1 168 ALA n 
# 
_entity_src_gen.entity_id                          1 
_entity_src_gen.pdbx_src_id                        1 
_entity_src_gen.pdbx_alt_source_flag               sample 
_entity_src_gen.pdbx_seq_type                      ? 
_entity_src_gen.pdbx_beg_seq_num                   ? 
_entity_src_gen.pdbx_end_seq_num                   ? 
_entity_src_gen.gene_src_common_name               ? 
_entity_src_gen.gene_src_genus                     Helicobacter 
_entity_src_gen.pdbx_gene_src_gene                 AroK 
_entity_src_gen.gene_src_species                   'Helicobacter pylori' 
_entity_src_gen.gene_src_strain                    26695 
_entity_src_gen.gene_src_tissue                    ? 
_entity_src_gen.gene_src_tissue_fraction           ? 
_entity_src_gen.gene_src_details                   ? 
_entity_src_gen.pdbx_gene_src_fragment             ? 
_entity_src_gen.pdbx_gene_src_scientific_name      'Helicobacter pylori' 
_entity_src_gen.pdbx_gene_src_ncbi_taxonomy_id     85962 
_entity_src_gen.pdbx_gene_src_variant              ? 
_entity_src_gen.pdbx_gene_src_cell_line            ? 
_entity_src_gen.pdbx_gene_src_atcc                 ? 
_entity_src_gen.pdbx_gene_src_organ                ? 
_entity_src_gen.pdbx_gene_src_organelle            ? 
_entity_src_gen.pdbx_gene_src_cell                 ? 
_entity_src_gen.pdbx_gene_src_cellular_location    ? 
_entity_src_gen.host_org_common_name               ? 
_entity_src_gen.pdbx_host_org_scientific_name      'Escherichia coli' 
_entity_src_gen.pdbx_host_org_ncbi_taxonomy_id     562 
_entity_src_gen.host_org_genus                     Escherichia 
_entity_src_gen.pdbx_host_org_gene                 ? 
_entity_src_gen.pdbx_host_org_organ                ? 
_entity_src_gen.host_org_species                   ? 
_entity_src_gen.pdbx_host_org_tissue               ? 
_entity_src_gen.pdbx_host_org_tissue_fraction      ? 
_entity_src_gen.pdbx_host_org_strain               JM109 
_entity_src_gen.pdbx_host_org_variant              ? 
_entity_src_gen.pdbx_host_org_cell_line            ? 
_entity_src_gen.pdbx_host_org_atcc                 ? 
_entity_src_gen.pdbx_host_org_culture_collection   ? 
_entity_src_gen.pdbx_host_org_cell                 ? 
_entity_src_gen.pdbx_host_org_organelle            ? 
_entity_src_gen.pdbx_host_org_cellular_location    ? 
_entity_src_gen.pdbx_host_org_vector_type          PLASMID 
_entity_src_gen.pdbx_host_org_vector               ? 
_entity_src_gen.host_org_details                   ? 
_entity_src_gen.expression_system_id               ? 
_entity_src_gen.plasmid_name                       pQE30 
_entity_src_gen.plasmid_details                    ? 
_entity_src_gen.pdbx_description                   ? 
# 
_struct_ref.id                         1 
_struct_ref.db_name                    UNP 
_struct_ref.db_code                    AROK_HELPY 
_struct_ref.pdbx_db_accession          P56073 
_struct_ref.entity_id                  1 
_struct_ref.pdbx_align_begin           1 
_struct_ref.pdbx_db_isoform            ? 
_struct_ref.pdbx_seq_one_letter_code   ? 
# 
_struct_ref_seq.align_id                      1 
_struct_ref_seq.ref_id                        1 
_struct_ref_seq.pdbx_PDB_id_code              1ZUH 
_struct_ref_seq.pdbx_strand_id                A 
_struct_ref_seq.seq_align_beg                 7 
_struct_ref_seq.pdbx_seq_align_beg_ins_code   ? 
_struct_ref_seq.seq_align_end                 168 
_struct_ref_seq.pdbx_seq_align_end_ins_code   ? 
_struct_ref_seq.pdbx_db_accession             P56073 
_struct_ref_seq.db_align_beg                  1 
_struct_ref_seq.pdbx_db_align_beg_ins_code    ? 
_struct_ref_seq.db_align_end                  162 
_struct_ref_seq.pdbx_db_align_end_ins_code    ? 
_struct_ref_seq.pdbx_auth_seq_align_beg       1 
_struct_ref_seq.pdbx_auth_seq_align_end       162 
# 
loop_
_struct_ref_seq_dif.align_id 
_struct_ref_seq_dif.pdbx_pdb_id_code 
_struct_ref_seq_dif.mon_id 
_struct_ref_seq_dif.pdbx_pdb_strand_id 
_struct_ref_seq_dif.seq_num 
_struct_ref_seq_dif.pdbx_pdb_ins_code 
_struct_ref_seq_dif.pdbx_seq_db_name 
_struct_ref_seq_dif.pdbx_seq_db_accession_code 
_struct_ref_seq_dif.db_mon_id 
_struct_ref_seq_dif.pdbx_seq_db_seq_num 
_struct_ref_seq_dif.details 
_struct_ref_seq_dif.pdbx_auth_seq_num 
_struct_ref_seq_dif.pdbx_ordinal 
1 1ZUH HIS A 1 ? UNP P56073 ? ? 'expression tag' -5 1 
1 1ZUH HIS A 2 ? UNP P56073 ? ? 'expression tag' -4 2 
1 1ZUH HIS A 3 ? UNP P56073 ? ? 'expression tag' -3 3 
1 1ZUH HIS A 4 ? UNP P56073 ? ? 'expression tag' -2 4 
1 1ZUH HIS A 5 ? UNP P56073 ? ? 'expression tag' -1 5 
1 1ZUH HIS A 6 ? UNP P56073 ? ? 'expression tag' 0  6 
# 
loop_
_chem_comp.id 
_chem_comp.type 
_chem_comp.mon_nstd_flag 
_chem_comp.name 
_chem_comp.pdbx_synonyms 
_chem_comp.formula 
_chem_comp.formula_weight 
ALA 'L-peptide linking' y ALANINE         ? 'C3 H7 N O2'     89.093  
ARG 'L-peptide linking' y ARGININE        ? 'C6 H15 N4 O2 1' 175.209 
ASN 'L-peptide linking' y ASPARAGINE      ? 'C4 H8 N2 O3'    132.118 
ASP 'L-peptide linking' y 'ASPARTIC ACID' ? 'C4 H7 N O4'     133.103 
GLN 'L-peptide linking' y GLUTAMINE       ? 'C5 H10 N2 O3'   146.144 
GLU 'L-peptide linking' y 'GLUTAMIC ACID' ? 'C5 H9 N O4'     147.129 
GLY 'peptide linking'   y GLYCINE         ? 'C2 H5 N O2'     75.067  
HIS 'L-peptide linking' y HISTIDINE       ? 'C6 H10 N3 O2 1' 156.162 
HOH non-polymer         . WATER           ? 'H2 O'           18.015  
ILE 'L-peptide linking' y ISOLEUCINE      ? 'C6 H13 N O2'    131.173 
LEU 'L-peptide linking' y LEUCINE         ? 'C6 H13 N O2'    131.173 
LYS 'L-peptide linking' y LYSINE          ? 'C6 H15 N2 O2 1' 147.195 
MET 'L-peptide linking' y METHIONINE      ? 'C5 H11 N O2 S'  149.211 
PHE 'L-peptide linking' y PHENYLALANINE   ? 'C9 H11 N O2'    165.189 
PRO 'L-peptide linking' y PROLINE         ? 'C5 H9 N O2'     115.130 
SER 'L-peptide linking' y SERINE          ? 'C3 H7 N O3'     105.093 
THR 'L-peptide linking' y THREONINE       ? 'C4 H9 N O3'     119.119 
TYR 'L-peptide linking' y TYROSINE        ? 'C9 H11 N O3'    181.189 
VAL 'L-peptide linking' y VALINE          ? 'C5 H11 N O2'    117.146 
# 
_exptl.entry_id          1ZUH 
_exptl.crystals_number   2 
_exptl.method            'X-RAY DIFFRACTION' 
# 
_exptl_crystal.id                    1 
_exptl_crystal.density_Matthews      2.4 
_exptl_crystal.density_meas          ? 
_exptl_crystal.density_percent_sol   49.1 
_exptl_crystal.description           ? 
_exptl_crystal.F_000                 ? 
_exptl_crystal.preparation           ? 
# 
_exptl_crystal_grow.crystal_id      1 
_exptl_crystal_grow.method          'VAPOR DIFFUSION, HANGING DROP' 
_exptl_crystal_grow.pH              6.5 
_exptl_crystal_grow.temp            293 
_exptl_crystal_grow.temp_details    ? 
_exptl_crystal_grow.pdbx_details    
'lithium sulfate,PEG 8000, sodium acetate, pH 6.5, VAPOR DIFFUSION, HANGING DROP, temperature 293K' 
_exptl_crystal_grow.pdbx_pH_range   . 
# 
_diffrn.id                     1 
_diffrn.ambient_temp           100 
_diffrn.ambient_temp_details   ? 
_diffrn.crystal_id             1 
# 
_diffrn_detector.diffrn_id              1 
_diffrn_detector.detector               CCD 
_diffrn_detector.type                   'ADSC QUANTUM 4' 
_diffrn_detector.pdbx_collection_date   2004-07-12 
_diffrn_detector.details                ? 
# 
_diffrn_radiation.diffrn_id                        1 
_diffrn_radiation.wavelength_id                    1 
_diffrn_radiation.pdbx_diffrn_protocol             'SINGLE WAVELENGTH' 
_diffrn_radiation.monochromator                    ? 
_diffrn_radiation.pdbx_monochromatic_or_laue_m_l   M 
_diffrn_radiation.pdbx_scattering_type             x-ray 
# 
_diffrn_radiation_wavelength.id           1 
_diffrn_radiation_wavelength.wavelength   1.0 
_diffrn_radiation_wavelength.wt           1.0 
# 
_diffrn_source.diffrn_id                   1 
_diffrn_source.source                      SYNCHROTRON 
_diffrn_source.type                        'SPRING-8 BEAMLINE BL12B2' 
_diffrn_source.pdbx_wavelength             ? 
_diffrn_source.pdbx_wavelength_list        1.0 
_diffrn_source.pdbx_synchrotron_site       SPring-8 
_diffrn_source.pdbx_synchrotron_beamline   BL12B2 
# 
_reflns.entry_id                     1ZUH 
_reflns.d_resolution_low             67.420 
_reflns.d_resolution_high            1.79 
_reflns.number_obs                   17190 
_reflns.percent_possible_obs         98.900 
_reflns.pdbx_Rmerge_I_obs            0.043 
_reflns.pdbx_chi_squared             0.998 
_reflns.pdbx_redundancy              11.600 
_reflns.pdbx_scaling_rejects         ? 
_reflns.pdbx_netI_over_sigmaI        ? 
_reflns.pdbx_Rsym_value              ? 
_reflns.observed_criterion_sigma_F   1.0 
_reflns.observed_criterion_sigma_I   1.0 
_reflns.number_all                   17391 
_reflns.B_iso_Wilson_estimate        ? 
_reflns.R_free_details               ? 
_reflns.limit_h_max                  ? 
_reflns.limit_h_min                  ? 
_reflns.limit_k_max                  ? 
_reflns.limit_k_min                  ? 
_reflns.limit_l_max                  ? 
_reflns.limit_l_min                  ? 
_reflns.observed_criterion_F_max     ? 
_reflns.observed_criterion_F_min     ? 
_reflns.pdbx_ordinal                 1 
_reflns.pdbx_diffrn_id               1 
# 
_reflns_shell.d_res_low              1.85 
_reflns_shell.d_res_high             1.79 
_reflns_shell.number_measured_obs    1519 
_reflns_shell.percent_possible_obs   90.100 
_reflns_shell.Rmerge_I_obs           0.395 
_reflns_shell.pdbx_chi_squared       0.974 
_reflns_shell.pdbx_redundancy        11.000 
_reflns_shell.number_unique_obs      ? 
_reflns_shell.meanI_over_sigI_obs    ? 
_reflns_shell.pdbx_Rsym_value        ? 
_reflns_shell.percent_possible_all   89.9 
_reflns_shell.number_unique_all      ? 
_reflns_shell.number_measured_all    ? 
_reflns_shell.pdbx_ordinal           1 
_reflns_shell.pdbx_diffrn_id         1 
# 
_refine.ls_d_res_high                            1.800 
_refine.ls_d_res_low                             30.00 
_refine.ls_percent_reflns_obs                    99.790 
_refine.ls_number_reflns_obs                     16283 
_refine.pdbx_ls_cross_valid_method               THROUGHOUT 
_refine.pdbx_R_Free_selection_details            RANDOM 
_refine.ls_R_factor_obs                          0.213 
_refine.ls_R_factor_R_work                       0.21 
_refine.ls_R_factor_R_free                       0.266 
_refine.ls_percent_reflns_R_free                 5.100 
_refine.ls_number_reflns_R_free                  867 
_refine.B_iso_mean                               27.549 
_refine.aniso_B[1][1]                            0.070 
_refine.aniso_B[2][2]                            0.070 
_refine.aniso_B[3][3]                            -0.140 
_refine.aniso_B[1][2]                            0.000 
_refine.aniso_B[1][3]                            0.000 
_refine.aniso_B[2][3]                            0.000 
_refine.correlation_coeff_Fo_to_Fc               0.942 
_refine.correlation_coeff_Fo_to_Fc_free          0.921 
_refine.pdbx_overall_ESU_R                       0.136 
_refine.pdbx_overall_ESU_R_Free                  0.140 
_refine.overall_SU_ML                            0.084 
_refine.overall_SU_B                             2.630 
_refine.solvent_model_details                    'BABINET MODEL WITH MASK' 
_refine.pdbx_solvent_vdw_probe_radii             1.400 
_refine.pdbx_solvent_ion_probe_radii             0.800 
_refine.pdbx_solvent_shrinkage_radii             0.800 
_refine.pdbx_stereochemistry_target_values       'MAXIMUM LIKELIHOOD' 
_refine.entry_id                                 1ZUH 
_refine.pdbx_ls_sigma_F                          2.0 
_refine.pdbx_ls_sigma_I                          ? 
_refine.ls_number_reflns_all                     17391 
_refine.ls_R_factor_all                          0.223 
_refine.ls_redundancy_reflns_obs                 ? 
_refine.pdbx_data_cutoff_high_absF               ? 
_refine.pdbx_data_cutoff_low_absF                ? 
_refine.ls_number_parameters                     ? 
_refine.ls_number_restraints                     ? 
_refine.ls_R_factor_R_free_error                 ? 
_refine.ls_R_factor_R_free_error_details         ? 
_refine.pdbx_method_to_determine_struct          'MOLECULAR REPLACEMENT' 
_refine.pdbx_starting_model                      'PDB ENTRY 1VIA' 
_refine.pdbx_stereochem_target_val_spec_case     ? 
_refine.solvent_model_param_bsol                 ? 
_refine.solvent_model_param_ksol                 ? 
_refine.occupancy_max                            ? 
_refine.occupancy_min                            ? 
_refine.pdbx_isotropic_thermal_model             Isotropic 
_refine.details                                  ? 
_refine.B_iso_min                                ? 
_refine.B_iso_max                                ? 
_refine.overall_SU_R_Cruickshank_DPI             ? 
_refine.overall_SU_R_free                        ? 
_refine.pdbx_data_cutoff_high_rms_absF           ? 
_refine.ls_wR_factor_R_free                      ? 
_refine.ls_wR_factor_R_work                      ? 
_refine.overall_FOM_free_R_set                   ? 
_refine.overall_FOM_work_R_set                   ? 
_refine.pdbx_refine_id                           'X-RAY DIFFRACTION' 
_refine.pdbx_diffrn_id                           1 
_refine.pdbx_TLS_residual_ADP_flag               ? 
_refine.pdbx_overall_phase_error                 ? 
_refine.pdbx_overall_SU_R_free_Cruickshank_DPI   ? 
_refine.pdbx_overall_SU_R_Blow_DPI               ? 
_refine.pdbx_overall_SU_R_free_Blow_DPI          ? 
# 
_refine_hist.pdbx_refine_id                   'X-RAY DIFFRACTION' 
_refine_hist.cycle_id                         LAST 
_refine_hist.pdbx_number_atoms_protein        1198 
_refine_hist.pdbx_number_atoms_nucleic_acid   0 
_refine_hist.pdbx_number_atoms_ligand         0 
_refine_hist.number_atoms_solvent             165 
_refine_hist.number_atoms_total               1363 
_refine_hist.d_res_high                       1.800 
_refine_hist.d_res_low                        30.00 
# 
loop_
_refine_ls_restr.type 
_refine_ls_restr.number 
_refine_ls_restr.dev_ideal 
_refine_ls_restr.dev_ideal_target 
_refine_ls_restr.weight 
_refine_ls_restr.pdbx_refine_id 
_refine_ls_restr.pdbx_restraint_function 
r_bond_refined_d         1211 0.021 0.022 ? 'X-RAY DIFFRACTION' ? 
r_angle_refined_deg      1620 1.992 1.984 ? 'X-RAY DIFFRACTION' ? 
r_dihedral_angle_1_deg   149  6.494 5.000 ? 'X-RAY DIFFRACTION' ? 
r_chiral_restr           188  0.322 0.200 ? 'X-RAY DIFFRACTION' ? 
r_gen_planes_refined     871  0.008 0.020 ? 'X-RAY DIFFRACTION' ? 
r_nbd_refined            588  0.240 0.200 ? 'X-RAY DIFFRACTION' ? 
r_xyhbond_nbd_refined    103  0.202 0.200 ? 'X-RAY DIFFRACTION' ? 
r_symmetry_vdw_refined   37   0.409 0.200 ? 'X-RAY DIFFRACTION' ? 
r_symmetry_hbond_refined 15   0.140 0.200 ? 'X-RAY DIFFRACTION' ? 
r_mcbond_it              741  1.233 1.500 ? 'X-RAY DIFFRACTION' ? 
r_mcangle_it             1185 2.353 2.000 ? 'X-RAY DIFFRACTION' ? 
r_scbond_it              470  3.638 3.000 ? 'X-RAY DIFFRACTION' ? 
r_scangle_it             435  5.914 4.500 ? 'X-RAY DIFFRACTION' ? 
# 
_refine_ls_shell.d_res_high                       1.795 
_refine_ls_shell.d_res_low                        1.842 
_refine_ls_shell.pdbx_total_number_of_bins_used   20 
_refine_ls_shell.percent_reflns_obs               ? 
_refine_ls_shell.number_reflns_R_work             1167 
_refine_ls_shell.R_factor_R_work                  0.224 
_refine_ls_shell.R_factor_R_free                  0.254 
_refine_ls_shell.percent_reflns_R_free            ? 
_refine_ls_shell.number_reflns_R_free             61 
_refine_ls_shell.R_factor_R_free_error            ? 
_refine_ls_shell.number_reflns_obs                ? 
_refine_ls_shell.redundancy_reflns_obs            ? 
_refine_ls_shell.number_reflns_all                ? 
_refine_ls_shell.R_factor_all                     ? 
_refine_ls_shell.pdbx_refine_id                   'X-RAY DIFFRACTION' 
# 
_struct.entry_id                  1ZUH 
_struct.title                     'Structural Basis for Shikimate-binding Specificity of Helicobacter pylori Shikimate Kinase' 
_struct.pdbx_model_details        ? 
_struct.pdbx_CASP_flag            ? 
_struct.pdbx_model_type_details   ? 
# 
_struct_keywords.entry_id        1ZUH 
_struct_keywords.pdbx_keywords   TRANSFERASE 
_struct_keywords.text            'alpha-beta protein, Transferase' 
# 
loop_
_struct_asym.id 
_struct_asym.pdbx_blank_PDB_chainid_flag 
_struct_asym.pdbx_modified 
_struct_asym.entity_id 
_struct_asym.details 
A N N 1 ? 
B N N 2 ? 
# 
_struct_biol.id   1 
# 
loop_
_struct_conf.conf_type_id 
_struct_conf.id 
_struct_conf.pdbx_PDB_helix_id 
_struct_conf.beg_label_comp_id 
_struct_conf.beg_label_asym_id 
_struct_conf.beg_label_seq_id 
_struct_conf.pdbx_beg_PDB_ins_code 
_struct_conf.end_label_comp_id 
_struct_conf.end_label_asym_id 
_struct_conf.end_label_seq_id 
_struct_conf.pdbx_end_PDB_ins_code 
_struct_conf.beg_auth_comp_id 
_struct_conf.beg_auth_asym_id 
_struct_conf.beg_auth_seq_id 
_struct_conf.end_auth_comp_id 
_struct_conf.end_auth_asym_id 
_struct_conf.end_auth_seq_id 
_struct_conf.pdbx_PDB_helix_class 
_struct_conf.details 
_struct_conf.pdbx_PDB_helix_length 
HELX_P HELX_P1 1 GLY A 19  ? LYS A 32  ? GLY A 13  LYS A 26  1 ? 14 
HELX_P HELX_P2 2 THR A 38  ? GLY A 47  ? THR A 32  GLY A 41  1 ? 10 
HELX_P HELX_P3 3 SER A 49  ? LEU A 57  ? SER A 43  LEU A 51  1 ? 9  
HELX_P HELX_P4 4 GLY A 58  ? THR A 75  ? GLY A 52  THR A 69  1 ? 18 
HELX_P HELX_P5 5 GLY A 85  ? LYS A 95  ? GLY A 79  LYS A 89  5 ? 11 
HELX_P HELX_P6 6 ASP A 106 ? ASN A 115 ? ASP A 100 ASN A 109 1 ? 10 
HELX_P HELX_P7 7 LEU A 128 ? ASN A 145 ? LEU A 122 ASN A 139 1 ? 18 
HELX_P HELX_P8 8 GLY A 155 ? PHE A 166 ? GLY A 149 PHE A 160 1 ? 12 
# 
_struct_conf_type.id          HELX_P 
_struct_conf_type.criteria    ? 
_struct_conf_type.reference   ? 
# 
_struct_sheet.id               A 
_struct_sheet.type             ? 
_struct_sheet.number_strands   5 
_struct_sheet.details          ? 
# 
loop_
_struct_sheet_order.sheet_id 
_struct_sheet_order.range_id_1 
_struct_sheet_order.range_id_2 
_struct_sheet_order.offset 
_struct_sheet_order.sense 
A 1 2 ? parallel 
A 2 3 ? parallel 
A 3 4 ? parallel 
A 4 5 ? parallel 
# 
loop_
_struct_sheet_range.sheet_id 
_struct_sheet_range.id 
_struct_sheet_range.beg_label_comp_id 
_struct_sheet_range.beg_label_asym_id 
_struct_sheet_range.beg_label_seq_id 
_struct_sheet_range.pdbx_beg_PDB_ins_code 
_struct_sheet_range.end_label_comp_id 
_struct_sheet_range.end_label_asym_id 
_struct_sheet_range.end_label_seq_id 
_struct_sheet_range.pdbx_end_PDB_ins_code 
_struct_sheet_range.beg_auth_comp_id 
_struct_sheet_range.beg_auth_asym_id 
_struct_sheet_range.beg_auth_seq_id 
_struct_sheet_range.end_auth_comp_id 
_struct_sheet_range.end_auth_asym_id 
_struct_sheet_range.end_auth_seq_id 
A 1 VAL A 35  ? ASP A 37  ? VAL A 29  ASP A 31  
A 2 VAL A 81  ? SER A 83  ? VAL A 75  SER A 77  
A 3 HIS A 9   ? ILE A 13  ? HIS A 3   ILE A 7   
A 4 GLY A 98  ? LYS A 104 ? GLY A 92  LYS A 98  
A 5 PHE A 148 ? ASP A 151 ? PHE A 142 ASP A 145 
# 
loop_
_pdbx_struct_sheet_hbond.sheet_id 
_pdbx_struct_sheet_hbond.range_id_1 
_pdbx_struct_sheet_hbond.range_id_2 
_pdbx_struct_sheet_hbond.range_1_label_atom_id 
_pdbx_struct_sheet_hbond.range_1_label_comp_id 
_pdbx_struct_sheet_hbond.range_1_label_asym_id 
_pdbx_struct_sheet_hbond.range_1_label_seq_id 
_pdbx_struct_sheet_hbond.range_1_PDB_ins_code 
_pdbx_struct_sheet_hbond.range_1_auth_atom_id 
_pdbx_struct_sheet_hbond.range_1_auth_comp_id 
_pdbx_struct_sheet_hbond.range_1_auth_asym_id 
_pdbx_struct_sheet_hbond.range_1_auth_seq_id 
_pdbx_struct_sheet_hbond.range_2_label_atom_id 
_pdbx_struct_sheet_hbond.range_2_label_comp_id 
_pdbx_struct_sheet_hbond.range_2_label_asym_id 
_pdbx_struct_sheet_hbond.range_2_label_seq_id 
_pdbx_struct_sheet_hbond.range_2_PDB_ins_code 
_pdbx_struct_sheet_hbond.range_2_auth_atom_id 
_pdbx_struct_sheet_hbond.range_2_auth_comp_id 
_pdbx_struct_sheet_hbond.range_2_auth_asym_id 
_pdbx_struct_sheet_hbond.range_2_auth_seq_id 
A 1 2 N LEU A 36  ? N LEU A 30 O VAL A 81  ? O VAL A 75  
A 2 3 O ILE A 82  ? O ILE A 76 N LEU A 10  ? N LEU A 4   
A 3 4 N VAL A 11  ? N VAL A 5  O PHE A 101 ? O PHE A 95  
A 4 5 N TYR A 102 ? N TYR A 96 O ILE A 150 ? O ILE A 144 
# 
_atom_sites.entry_id                    1ZUH 
_atom_sites.fract_transf_matrix[1][1]   -0.01006630 
_atom_sites.fract_transf_matrix[1][2]   -0.00307636 
_atom_sites.fract_transf_matrix[1][3]   -0.00109793 
_atom_sites.fract_transf_matrix[2][1]   -0.00301783 
_atom_sites.fract_transf_matrix[2][2]   0.01012025 
_atom_sites.fract_transf_matrix[2][3]   -0.00068777 
_atom_sites.fract_transf_matrix[3][1]   0.00300516 
_atom_sites.fract_transf_matrix[3][2]   -0.00082016 
_atom_sites.fract_transf_matrix[3][3]   -0.02525461 
_atom_sites.fract_transf_vector[1]      0.373840 
_atom_sites.fract_transf_vector[2]      0.181297 
_atom_sites.fract_transf_vector[3]      0.424947 
# 
loop_
_atom_type.symbol 
C 
N 
O 
S 
# 
loop_
_atom_site.group_PDB 
_atom_site.id 
_atom_site.type_symbol 
_atom_site.label_atom_id 
_atom_site.label_alt_id 
_atom_site.label_comp_id 
_atom_site.label_asym_id 
_atom_site.label_entity_id 
_atom_site.label_seq_id 
_atom_site.pdbx_PDB_ins_code 
_atom_site.Cartn_x 
_atom_site.Cartn_y 
_atom_site.Cartn_z 
_atom_site.occupancy 
_atom_site.B_iso_or_equiv 
_atom_site.pdbx_formal_charge 
_atom_site.auth_seq_id 
_atom_site.auth_comp_id 
_atom_site.auth_asym_id 
_atom_site.auth_atom_id 
_atom_site.pdbx_PDB_model_num 
ATOM   1    N N   . GLN A 1 8   ? -14.879 -1.248  6.135   1.00 32.18 ? 2   GLN A N   1 
ATOM   2    C CA  . GLN A 1 8   ? -15.013 0.132   6.648   1.00 31.18 ? 2   GLN A CA  1 
ATOM   3    C C   . GLN A 1 8   ? -13.704 0.939   6.880   1.00 28.11 ? 2   GLN A C   1 
ATOM   4    O O   . GLN A 1 8   ? -13.716 2.108   6.535   1.00 26.42 ? 2   GLN A O   1 
ATOM   5    C CB  . GLN A 1 8   ? -16.153 0.298   7.666   1.00 33.09 ? 2   GLN A CB  1 
ATOM   6    C CG  . GLN A 1 8   ? -16.415 1.711   8.211   1.00 38.49 ? 2   GLN A CG  1 
ATOM   7    C CD  . GLN A 1 8   ? -17.646 2.440   7.612   1.00 44.81 ? 2   GLN A CD  1 
ATOM   8    O OE1 . GLN A 1 8   ? -18.574 1.811   7.097   1.00 47.07 ? 2   GLN A OE1 1 
ATOM   9    N NE2 . GLN A 1 8   ? -17.627 3.774   7.675   1.00 44.09 ? 2   GLN A NE2 1 
ATOM   10   N N   . HIS A 1 9   ? -12.576 0.342   7.340   1.00 24.84 ? 3   HIS A N   1 
ATOM   11   C CA  . HIS A 1 9   ? -11.267 0.986   7.036   1.00 20.69 ? 3   HIS A CA  1 
ATOM   12   C C   . HIS A 1 9   ? -11.156 1.178   5.525   1.00 19.90 ? 3   HIS A C   1 
ATOM   13   O O   . HIS A 1 9   ? -11.716 0.396   4.773   1.00 19.75 ? 3   HIS A O   1 
ATOM   14   C CB  . HIS A 1 9   ? -10.082 0.084   7.428   1.00 19.47 ? 3   HIS A CB  1 
ATOM   15   C CG  . HIS A 1 9   ? -9.945  -0.131  8.906   1.00 19.63 ? 3   HIS A CG  1 
ATOM   16   N ND1 . HIS A 1 9   ? -10.013 0.910   9.814   1.00 24.18 ? 3   HIS A ND1 1 
ATOM   17   C CD2 . HIS A 1 9   ? -9.662  -1.244  9.621   1.00 21.77 ? 3   HIS A CD2 1 
ATOM   18   C CE1 . HIS A 1 9   ? -9.808  0.437   11.036  1.00 27.27 ? 3   HIS A CE1 1 
ATOM   19   N NE2 . HIS A 1 9   ? -9.592  -0.866  10.948  1.00 25.20 ? 3   HIS A NE2 1 
ATOM   20   N N   . LEU A 1 10  ? -10.405 2.196   5.100   1.00 18.67 ? 4   LEU A N   1 
ATOM   21   C CA  . LEU A 1 10  ? -10.141 2.463   3.690   1.00 17.98 ? 4   LEU A CA  1 
ATOM   22   C C   . LEU A 1 10  ? -8.646  2.137   3.539   1.00 18.39 ? 4   LEU A C   1 
ATOM   23   O O   . LEU A 1 10  ? -7.794  2.845   4.056   1.00 18.90 ? 4   LEU A O   1 
ATOM   24   C CB  . LEU A 1 10  ? -10.448 3.919   3.302   1.00 17.66 ? 4   LEU A CB  1 
ATOM   25   C CG  . LEU A 1 10  ? -11.860 4.435   3.580   1.00 19.52 ? 4   LEU A CG  1 
ATOM   26   C CD1 . LEU A 1 10  ? -12.011 5.868   2.956   1.00 21.17 ? 4   LEU A CD1 1 
ATOM   27   C CD2 . LEU A 1 10  ? -12.863 3.504   2.907   1.00 23.29 ? 4   LEU A CD2 1 
ATOM   28   N N   . VAL A 1 11  ? -8.351  1.060   2.826   1.00 17.75 ? 5   VAL A N   1 
ATOM   29   C CA  . VAL A 1 11  ? -6.981  0.541   2.742   1.00 15.97 ? 5   VAL A CA  1 
ATOM   30   C C   . VAL A 1 11  ? -6.417  0.806   1.360   1.00 15.01 ? 5   VAL A C   1 
ATOM   31   O O   . VAL A 1 11  ? -7.033  0.374   0.374   1.00 15.70 ? 5   VAL A O   1 
ATOM   32   C CB  . VAL A 1 11  ? -7.023  -0.986  2.974   1.00 14.56 ? 5   VAL A CB  1 
ATOM   33   C CG1 . VAL A 1 11  ? -5.588  -1.602  2.985   1.00 15.92 ? 5   VAL A CG1 1 
ATOM   34   C CG2 . VAL A 1 11  ? -7.692  -1.285  4.282   1.00 16.78 ? 5   VAL A CG2 1 
ATOM   35   N N   . LEU A 1 12  ? -5.255  1.490   1.264   1.00 13.75 ? 6   LEU A N   1 
ATOM   36   C CA  . LEU A 1 12  ? -4.652  1.763   -0.016  1.00 15.03 ? 6   LEU A CA  1 
ATOM   37   C C   . LEU A 1 12  ? -3.535  0.778   -0.289  1.00 14.32 ? 6   LEU A C   1 
ATOM   38   O O   . LEU A 1 12  ? -2.653  0.642   0.537   1.00 16.19 ? 6   LEU A O   1 
ATOM   39   C CB  . LEU A 1 12  ? -4.089  3.208   -0.050  1.00 14.72 ? 6   LEU A CB  1 
ATOM   40   C CG  . LEU A 1 12  ? -5.103  4.298   0.307   1.00 19.88 ? 6   LEU A CG  1 
ATOM   41   C CD1 . LEU A 1 12  ? -4.416  5.625   0.139   1.00 19.50 ? 6   LEU A CD1 1 
ATOM   42   C CD2 . LEU A 1 12  ? -6.399  4.216   -0.518  1.00 19.24 ? 6   LEU A CD2 1 
ATOM   43   N N   . ILE A 1 13  ? -3.603  0.067   -1.424  1.00 14.33 ? 7   ILE A N   1 
ATOM   44   C CA  . ILE A 1 13  ? -2.565  -0.877  -1.806  1.00 14.29 ? 7   ILE A CA  1 
ATOM   45   C C   . ILE A 1 13  ? -1.976  -0.499  -3.165  1.00 14.90 ? 7   ILE A C   1 
ATOM   46   O O   . ILE A 1 13  ? -2.633  0.203   -3.938  1.00 15.53 ? 7   ILE A O   1 
ATOM   47   C CB  . ILE A 1 13  ? -3.098  -2.347  -1.878  1.00 13.70 ? 7   ILE A CB  1 
ATOM   48   C CG1 . ILE A 1 13  ? -4.181  -2.571  -2.964  1.00 15.10 ? 7   ILE A CG1 1 
ATOM   49   C CG2 . ILE A 1 13  ? -3.585  -2.827  -0.417  1.00 16.54 ? 7   ILE A CG2 1 
ATOM   50   C CD1 . ILE A 1 13  ? -4.595  -4.027  -3.024  1.00 17.49 ? 7   ILE A CD1 1 
ATOM   51   N N   . GLY A 1 14  ? -0.769  -1.002  -3.400  1.00 15.61 ? 8   GLY A N   1 
ATOM   52   C CA  . GLY A 1 14  ? -0.091  -0.796  -4.688  1.00 17.86 ? 8   GLY A CA  1 
ATOM   53   C C   . GLY A 1 14  ? 1.408   -0.667  -4.535  1.00 18.08 ? 8   GLY A C   1 
ATOM   54   O O   . GLY A 1 14  ? 1.955   -0.812  -3.444  1.00 18.60 ? 8   GLY A O   1 
ATOM   55   N N   . PHE A 1 15  ? 2.100   -0.374  -5.638  1.00 17.83 ? 9   PHE A N   1 
ATOM   56   C CA  . PHE A 1 15  ? 3.551   -0.248  -5.599  1.00 19.78 ? 9   PHE A CA  1 
ATOM   57   C C   . PHE A 1 15  ? 4.030   0.961   -4.829  1.00 20.36 ? 9   PHE A C   1 
ATOM   58   O O   . PHE A 1 15  ? 3.369   1.974   -4.815  1.00 19.82 ? 9   PHE A O   1 
ATOM   59   C CB  . PHE A 1 15  ? 4.077   -0.122  -7.040  1.00 19.67 ? 9   PHE A CB  1 
ATOM   60   C CG  . PHE A 1 15  ? 3.832   -1.338  -7.848  1.00 19.99 ? 9   PHE A CG  1 
ATOM   61   C CD1 . PHE A 1 15  ? 2.734   -1.400  -8.729  1.00 19.93 ? 9   PHE A CD1 1 
ATOM   62   C CD2 . PHE A 1 15  ? 4.686   -2.441  -7.733  1.00 20.70 ? 9   PHE A CD2 1 
ATOM   63   C CE1 . PHE A 1 15  ? 2.532   -2.530  -9.509  1.00 16.96 ? 9   PHE A CE1 1 
ATOM   64   C CE2 . PHE A 1 15  ? 4.459   -3.588  -8.489  1.00 21.12 ? 9   PHE A CE2 1 
ATOM   65   C CZ  . PHE A 1 15  ? 3.397   -3.641  -9.366  1.00 22.12 ? 9   PHE A CZ  1 
ATOM   66   N N   . MET A 1 16  ? 5.197   0.823   -4.215  1.00 22.38 ? 10  MET A N   1 
ATOM   67   C CA  . MET A 1 16  ? 5.896   1.964   -3.645  1.00 25.93 ? 10  MET A CA  1 
ATOM   68   C C   . MET A 1 16  ? 6.098   2.955   -4.795  1.00 25.97 ? 10  MET A C   1 
ATOM   69   O O   . MET A 1 16  ? 6.397   2.539   -5.921  1.00 26.24 ? 10  MET A O   1 
ATOM   70   C CB  . MET A 1 16  ? 7.236   1.522   -3.035  1.00 26.75 ? 10  MET A CB  1 
ATOM   71   C CG  . MET A 1 16  ? 7.845   2.563   -2.112  1.00 32.83 ? 10  MET A CG  1 
ATOM   72   S SD  . MET A 1 16  ? 9.675   2.414   -2.145  1.00 45.21 ? 10  MET A SD  1 
ATOM   73   C CE  . MET A 1 16  ? 10.020  3.731   -3.291  1.00 41.77 ? 10  MET A CE  1 
ATOM   74   N N   . GLY A 1 17  ? 5.854   4.239   -4.504  1.00 26.60 ? 11  GLY A N   1 
ATOM   75   C CA  . GLY A 1 17  ? 5.963   5.323   -5.464  1.00 27.40 ? 11  GLY A CA  1 
ATOM   76   C C   . GLY A 1 17  ? 4.708   5.609   -6.247  1.00 26.38 ? 11  GLY A C   1 
ATOM   77   O O   . GLY A 1 17  ? 4.725   6.487   -7.119  1.00 28.23 ? 11  GLY A O   1 
ATOM   78   N N   . SER A 1 18  ? 3.602   4.890   -5.982  1.00 25.07 ? 12  SER A N   1 
ATOM   79   C CA  . SER A 1 18  ? 2.375   5.134   -6.720  1.00 24.23 ? 12  SER A CA  1 
ATOM   80   C C   . SER A 1 18  ? 1.624   6.356   -6.200  1.00 24.51 ? 12  SER A C   1 
ATOM   81   O O   . SER A 1 18  ? 0.751   6.851   -6.877  1.00 27.60 ? 12  SER A O   1 
ATOM   82   C CB  . SER A 1 18  ? 1.441   3.905   -6.746  1.00 23.23 ? 12  SER A CB  1 
ATOM   83   O OG  . SER A 1 18  ? 1.094   3.462   -5.434  1.00 25.75 ? 12  SER A OG  1 
ATOM   84   N N   . GLY A 1 19  ? 1.931   6.829   -4.984  1.00 22.81 ? 13  GLY A N   1 
ATOM   85   C CA  . GLY A 1 19  ? 1.192   7.935   -4.405  1.00 21.44 ? 13  GLY A CA  1 
ATOM   86   C C   . GLY A 1 19  ? 0.327   7.618   -3.196  1.00 21.04 ? 13  GLY A C   1 
ATOM   87   O O   . GLY A 1 19  ? -0.558  8.410   -2.818  1.00 19.83 ? 13  GLY A O   1 
ATOM   88   N N   . LYS A 1 20  ? 0.567   6.442   -2.602  1.00 21.28 ? 14  LYS A N   1 
ATOM   89   C CA  . LYS A 1 20  ? -0.307  5.980   -1.533  1.00 20.39 ? 14  LYS A CA  1 
ATOM   90   C C   . LYS A 1 20  ? -0.298  6.911   -0.330  1.00 20.39 ? 14  LYS A C   1 
ATOM   91   O O   . LYS A 1 20  ? -1.360  7.277   0.170   1.00 19.32 ? 14  LYS A O   1 
ATOM   92   C CB  . LYS A 1 20  ? 0.065   4.571   -1.073  1.00 21.03 ? 14  LYS A CB  1 
ATOM   93   C CG  . LYS A 1 20  ? -0.191  3.466   -2.181  1.00 21.38 ? 14  LYS A CG  1 
ATOM   94   C CD  . LYS A 1 20  ? 0.328   2.083   -1.755  1.00 19.30 ? 14  LYS A CD  1 
ATOM   95   C CE  . LYS A 1 20  ? 1.840   2.078   -1.529  1.00 16.55 ? 14  LYS A CE  1 
ATOM   96   N NZ  . LYS A 1 20  ? 2.423   0.711   -1.361  1.00 18.89 ? 14  LYS A NZ  1 
ATOM   97   N N   . SER A 1 21  ? 0.895   7.268   0.154   1.00 21.31 ? 15  SER A N   1 
ATOM   98   C CA  . SER A 1 21  ? 0.962   8.080   1.366   1.00 22.52 ? 15  SER A CA  1 
ATOM   99   C C   . SER A 1 21  ? 0.258   9.421   1.228   1.00 22.25 ? 15  SER A C   1 
ATOM   100  O O   . SER A 1 21  ? -0.479  9.851   2.124   1.00 22.53 ? 15  SER A O   1 
ATOM   101  C CB  . SER A 1 21  ? 2.419   8.374   1.741   1.00 24.40 ? 15  SER A CB  1 
ATOM   102  O OG  . SER A 1 21  ? 3.140   7.213   1.806   1.00 30.61 ? 15  SER A OG  1 
ATOM   103  N N   . SER A 1 22  ? 0.499   10.089  0.114   1.00 21.83 ? 16  SER A N   1 
ATOM   104  C CA  . SER A 1 22  ? -0.076  11.387  -0.140  1.00 23.18 ? 16  SER A CA  1 
ATOM   105  C C   . SER A 1 22  ? -1.598  11.257  -0.257  1.00 21.79 ? 16  SER A C   1 
ATOM   106  O O   . SER A 1 22  ? -2.348  12.062  0.288   1.00 21.86 ? 16  SER A O   1 
ATOM   107  C CB  . SER A 1 22  ? 0.513   11.979  -1.412  1.00 23.92 ? 16  SER A CB  1 
ATOM   108  O OG  . SER A 1 22  ? 1.783   12.515  -1.041  1.00 30.76 ? 16  SER A OG  1 
ATOM   109  N N   . LEU A 1 23  ? -2.055  10.201  -0.934  1.00 19.87 ? 17  LEU A N   1 
ATOM   110  C CA  . LEU A 1 23  ? -3.488  10.031  -1.094  1.00 19.00 ? 17  LEU A CA  1 
ATOM   111  C C   . LEU A 1 23  ? -4.138  9.725   0.248   1.00 19.63 ? 17  LEU A C   1 
ATOM   112  O O   . LEU A 1 23  ? -5.213  10.246  0.597   1.00 18.82 ? 17  LEU A O   1 
ATOM   113  C CB  . LEU A 1 23  ? -3.803  8.945   -2.175  1.00 17.23 ? 17  LEU A CB  1 
ATOM   114  C CG  . LEU A 1 23  ? -5.290  8.636   -2.375  1.00 19.70 ? 17  LEU A CG  1 
ATOM   115  C CD1 . LEU A 1 23  ? -6.062  9.875   -2.865  1.00 19.52 ? 17  LEU A CD1 1 
ATOM   116  C CD2 . LEU A 1 23  ? -5.482  7.451   -3.358  1.00 17.14 ? 17  LEU A CD2 1 
ATOM   117  N N   . ALA A 1 24  ? -3.449  8.928   1.049   1.00 19.13 ? 18  ALA A N   1 
ATOM   118  C CA  . ALA A 1 24  ? -3.992  8.602   2.378   1.00 19.57 ? 18  ALA A CA  1 
ATOM   119  C C   . ALA A 1 24  ? -4.206  9.868   3.238   1.00 20.36 ? 18  ALA A C   1 
ATOM   120  O O   . ALA A 1 24  ? -5.260  10.024  3.856   1.00 20.11 ? 18  ALA A O   1 
ATOM   121  C CB  . ALA A 1 24  ? -3.111  7.567   3.111   1.00 19.28 ? 18  ALA A CB  1 
ATOM   122  N N   . GLN A 1 25  ? -3.198  10.735  3.247   1.00 20.27 ? 19  GLN A N   1 
ATOM   123  C CA  . GLN A 1 25  ? -3.278  12.006  3.987   1.00 21.67 ? 19  GLN A CA  1 
ATOM   124  C C   . GLN A 1 25  ? -4.477  12.825  3.533   1.00 21.30 ? 19  GLN A C   1 
ATOM   125  O O   . GLN A 1 25  ? -5.257  13.294  4.381   1.00 22.43 ? 19  GLN A O   1 
ATOM   126  C CB  . GLN A 1 25  ? -1.978  12.824  3.863   1.00 21.44 ? 19  GLN A CB  1 
ATOM   127  C CG  . GLN A 1 25  ? -2.137  14.256  4.428   1.00 27.43 ? 19  GLN A CG  1 
ATOM   128  C CD  . GLN A 1 25  ? -0.847  15.112  4.424   1.00 32.53 ? 19  GLN A CD  1 
ATOM   129  O OE1 . GLN A 1 25  ? -0.597  15.850  5.384   1.00 36.81 ? 19  GLN A OE1 1 
ATOM   130  N NE2 . GLN A 1 25  ? -0.056  15.032  3.349   1.00 34.79 ? 19  GLN A NE2 1 
ATOM   131  N N   . GLU A 1 26  ? -4.644  12.986  2.217   1.00 20.42 ? 20  GLU A N   1 
ATOM   132  C CA  . GLU A 1 26  ? -5.790  13.719  1.670   1.00 21.23 ? 20  GLU A CA  1 
ATOM   133  C C   . GLU A 1 26  ? -7.144  13.120  1.966   1.00 20.91 ? 20  GLU A C   1 
ATOM   134  O O   . GLU A 1 26  ? -8.135  13.826  2.214   1.00 20.15 ? 20  GLU A O   1 
ATOM   135  C CB  . GLU A 1 26  ? -5.641  13.922  0.167   1.00 21.72 ? 20  GLU A CB  1 
ATOM   136  C CG  . GLU A 1 26  ? -4.499  14.856  -0.169  1.00 23.07 ? 20  GLU A CG  1 
ATOM   137  C CD  . GLU A 1 26  ? -4.741  16.299  0.277   1.00 27.16 ? 20  GLU A CD  1 
ATOM   138  O OE1 . GLU A 1 26  ? -5.899  16.773  0.361   1.00 27.82 ? 20  GLU A OE1 1 
ATOM   139  O OE2 . GLU A 1 26  ? -3.747  16.959  0.563   1.00 30.34 ? 20  GLU A OE2 1 
ATOM   140  N N   . LEU A 1 27  ? -7.205  11.793  1.865   1.00 20.69 ? 21  LEU A N   1 
ATOM   141  C CA  . LEU A 1 27  ? -8.396  11.066  2.197   1.00 21.59 ? 21  LEU A CA  1 
ATOM   142  C C   . LEU A 1 27  ? -8.806  11.263  3.630   1.00 21.40 ? 21  LEU A C   1 
ATOM   143  O O   . LEU A 1 27  ? -9.989  11.466  3.898   1.00 22.83 ? 21  LEU A O   1 
ATOM   144  C CB  . LEU A 1 27  ? -8.223  9.548   1.943   1.00 21.23 ? 21  LEU A CB  1 
ATOM   145  C CG  . LEU A 1 27  ? -8.846  9.009   0.662   1.00 25.49 ? 21  LEU A CG  1 
ATOM   146  C CD1 . LEU A 1 27  ? -8.633  7.455   0.700   1.00 25.73 ? 21  LEU A CD1 1 
ATOM   147  C CD2 . LEU A 1 27  ? -10.349 9.360   0.488   1.00 24.81 ? 21  LEU A CD2 1 
ATOM   148  N N   . GLY A 1 28  ? -7.840  11.187  4.529   1.00 21.46 ? 22  GLY A N   1 
ATOM   149  C CA  . GLY A 1 28  ? -8.060  11.416  5.947   1.00 21.64 ? 22  GLY A CA  1 
ATOM   150  C C   . GLY A 1 28  ? -8.650  12.798  6.234   1.00 23.35 ? 22  GLY A C   1 
ATOM   151  O O   . GLY A 1 28  ? -9.561  12.961  7.038   1.00 23.89 ? 22  GLY A O   1 
ATOM   152  N N   . LEU A 1 29  ? -8.149  13.792  5.521   1.00 23.42 ? 23  LEU A N   1 
ATOM   153  C CA  . LEU A 1 29  ? -8.630  15.147  5.680   1.00 24.74 ? 23  LEU A CA  1 
ATOM   154  C C   . LEU A 1 29  ? -10.053 15.282  5.139   1.00 24.97 ? 23  LEU A C   1 
ATOM   155  O O   . LEU A 1 29  ? -10.913 15.921  5.751   1.00 25.20 ? 23  LEU A O   1 
ATOM   156  C CB  . LEU A 1 29  ? -7.660  16.088  4.941   1.00 25.00 ? 23  LEU A CB  1 
ATOM   157  C CG  . LEU A 1 29  ? -6.327  16.354  5.612   1.00 25.65 ? 23  LEU A CG  1 
ATOM   158  C CD1 . LEU A 1 29  ? -5.469  17.247  4.666   1.00 27.86 ? 23  LEU A CD1 1 
ATOM   159  C CD2 . LEU A 1 29  ? -6.509  17.039  6.994   1.00 29.47 ? 23  LEU A CD2 1 
ATOM   160  N N   . ALA A 1 30  ? -10.327 14.636  4.009   1.00 25.44 ? 24  ALA A N   1 
ATOM   161  C CA  . ALA A 1 30  ? -11.595 14.790  3.334   1.00 25.79 ? 24  ALA A CA  1 
ATOM   162  C C   . ALA A 1 30  ? -12.713 14.132  4.107   1.00 26.55 ? 24  ALA A C   1 
ATOM   163  O O   . ALA A 1 30  ? -13.849 14.606  4.059   1.00 27.33 ? 24  ALA A O   1 
ATOM   164  C CB  . ALA A 1 30  ? -11.532 14.273  1.911   1.00 25.74 ? 24  ALA A CB  1 
ATOM   165  N N   . LEU A 1 31  ? -12.382 13.064  4.833   1.00 25.01 ? 25  LEU A N   1 
ATOM   166  C CA  . LEU A 1 31  ? -13.346 12.236  5.530   1.00 25.29 ? 25  LEU A CA  1 
ATOM   167  C C   . LEU A 1 31  ? -13.306 12.391  7.055   1.00 26.42 ? 25  LEU A C   1 
ATOM   168  O O   . LEU A 1 31  ? -14.115 11.809  7.761   1.00 26.29 ? 25  LEU A O   1 
ATOM   169  C CB  . LEU A 1 31  ? -13.150 10.766  5.122   1.00 25.21 ? 25  LEU A CB  1 
ATOM   170  C CG  . LEU A 1 31  ? -13.446 10.464  3.656   1.00 24.03 ? 25  LEU A CG  1 
ATOM   171  C CD1 . LEU A 1 31  ? -12.954 9.054   3.315   1.00 28.98 ? 25  LEU A CD1 1 
ATOM   172  C CD2 . LEU A 1 31  ? -14.952 10.659  3.223   1.00 26.17 ? 25  LEU A CD2 1 
ATOM   173  N N   . LYS A 1 32  ? -12.390 13.213  7.552   1.00 27.21 ? 26  LYS A N   1 
ATOM   174  C CA  . LYS A 1 32  ? -12.160 13.360  8.991   1.00 28.81 ? 26  LYS A CA  1 
ATOM   175  C C   . LYS A 1 32  ? -11.799 12.029  9.645   1.00 28.61 ? 26  LYS A C   1 
ATOM   176  O O   . LYS A 1 32  ? -12.341 11.677  10.712  1.00 29.34 ? 26  LYS A O   1 
ATOM   177  C CB  . LYS A 1 32  ? -13.373 14.062  9.658   1.00 30.81 ? 26  LYS A CB  1 
ATOM   178  C CG  . LYS A 1 32  ? -13.494 15.521  9.186   1.00 35.29 ? 26  LYS A CG  1 
ATOM   179  C CD  . LYS A 1 32  ? -14.857 16.169  9.471   1.00 42.86 ? 26  LYS A CD  1 
ATOM   180  C CE  . LYS A 1 32  ? -15.062 17.410  8.589   1.00 46.25 ? 26  LYS A CE  1 
ATOM   181  N NZ  . LYS A 1 32  ? -15.183 18.660  9.416   1.00 49.83 ? 26  LYS A NZ  1 
ATOM   182  N N   . LEU A 1 33  ? -10.888 11.294  8.990   1.00 26.26 ? 27  LEU A N   1 
ATOM   183  C CA  . LEU A 1 33  ? -10.404 10.005  9.480   1.00 25.85 ? 27  LEU A CA  1 
ATOM   184  C C   . LEU A 1 33  ? -8.929  10.065  9.823   1.00 25.52 ? 27  LEU A C   1 
ATOM   185  O O   . LEU A 1 33  ? -8.156  10.773  9.158   1.00 26.74 ? 27  LEU A O   1 
ATOM   186  C CB  . LEU A 1 33  ? -10.687 8.887   8.445   1.00 24.90 ? 27  LEU A CB  1 
ATOM   187  C CG  . LEU A 1 33  ? -12.159 8.500   8.189   1.00 27.57 ? 27  LEU A CG  1 
ATOM   188  C CD1 . LEU A 1 33  ? -12.241 7.395   7.128   1.00 26.88 ? 27  LEU A CD1 1 
ATOM   189  C CD2 . LEU A 1 33  ? -13.026 8.135   9.447   1.00 27.98 ? 27  LEU A CD2 1 
ATOM   190  N N   . GLU A 1 34  ? -8.556  9.380   10.899  1.00 24.82 ? 28  GLU A N   1 
ATOM   191  C CA  . GLU A 1 34  ? -7.169  9.171   11.250  1.00 25.80 ? 28  GLU A CA  1 
ATOM   192  C C   . GLU A 1 34  ? -6.482  8.275   10.205  1.00 23.83 ? 28  GLU A C   1 
ATOM   193  O O   . GLU A 1 34  ? -7.138  7.427   9.598   1.00 23.30 ? 28  GLU A O   1 
ATOM   194  C CB  . GLU A 1 34  ? -7.045  8.446   12.567  1.00 26.51 ? 28  GLU A CB  1 
ATOM   195  C CG  . GLU A 1 34  ? -5.759  8.769   13.290  1.00 35.90 ? 28  GLU A CG  1 
ATOM   196  C CD  . GLU A 1 34  ? -6.006  9.904   14.276  1.00 44.83 ? 28  GLU A CD  1 
ATOM   197  O OE1 . GLU A 1 34  ? -6.541  9.617   15.385  1.00 48.48 ? 28  GLU A OE1 1 
ATOM   198  O OE2 . GLU A 1 34  ? -5.717  11.075  13.911  1.00 46.50 ? 28  GLU A OE2 1 
ATOM   199  N N   . VAL A 1 35  ? -5.188  8.501   10.025  1.00 22.67 ? 29  VAL A N   1 
ATOM   200  C CA  . VAL A 1 35  ? -4.427  7.835   8.969   1.00 22.72 ? 29  VAL A CA  1 
ATOM   201  C C   . VAL A 1 35  ? -3.337  7.009   9.622   1.00 22.93 ? 29  VAL A C   1 
ATOM   202  O O   . VAL A 1 35  ? -2.683  7.464   10.591  1.00 23.90 ? 29  VAL A O   1 
ATOM   203  C CB  . VAL A 1 35  ? -3.807  8.856   7.956   1.00 22.50 ? 29  VAL A CB  1 
ATOM   204  C CG1 . VAL A 1 35  ? -2.998  8.140   6.863   1.00 25.85 ? 29  VAL A CG1 1 
ATOM   205  C CG2 . VAL A 1 35  ? -4.887  9.813   7.337   1.00 23.22 ? 29  VAL A CG2 1 
ATOM   206  N N   . LEU A 1 36  ? -3.174  5.775   9.146   1.00 20.17 ? 30  LEU A N   1 
ATOM   207  C CA  . LEU A 1 36  ? -2.140  4.866   9.594   1.00 21.47 ? 30  LEU A CA  1 
ATOM   208  C C   . LEU A 1 36  ? -1.333  4.435   8.378   1.00 20.98 ? 30  LEU A C   1 
ATOM   209  O O   . LEU A 1 36  ? -1.859  4.438   7.231   1.00 22.04 ? 30  LEU A O   1 
ATOM   210  C CB  . LEU A 1 36  ? -2.743  3.615   10.273  1.00 20.64 ? 30  LEU A CB  1 
ATOM   211  C CG  . LEU A 1 36  ? -3.755  3.787   11.416  1.00 23.68 ? 30  LEU A CG  1 
ATOM   212  C CD1 . LEU A 1 36  ? -4.333  2.439   11.750  1.00 25.13 ? 30  LEU A CD1 1 
ATOM   213  C CD2 . LEU A 1 36  ? -3.040  4.321   12.628  1.00 29.04 ? 30  LEU A CD2 1 
ATOM   214  N N   . ASP A 1 37  ? -0.071  4.136   8.645   1.00 20.29 ? 31  ASP A N   1 
ATOM   215  C CA  . ASP A 1 37  ? 0.818   3.581   7.678   1.00 20.00 ? 31  ASP A CA  1 
ATOM   216  C C   . ASP A 1 37  ? 1.489   2.319   8.297   1.00 19.70 ? 31  ASP A C   1 
ATOM   217  O O   . ASP A 1 37  ? 2.249   2.425   9.268   1.00 19.21 ? 31  ASP A O   1 
ATOM   218  C CB  . ASP A 1 37  ? 1.847   4.677   7.305   1.00 21.02 ? 31  ASP A CB  1 
ATOM   219  C CG  . ASP A 1 37  ? 2.851   4.234   6.273   1.00 26.30 ? 31  ASP A CG  1 
ATOM   220  O OD1 . ASP A 1 37  ? 3.023   4.995   5.286   1.00 33.34 ? 31  ASP A OD1 1 
ATOM   221  O OD2 . ASP A 1 37  ? 3.550   3.210   6.347   1.00 24.76 ? 31  ASP A OD2 1 
ATOM   222  N N   . THR A 1 38  ? 1.258   1.160   7.675   1.00 18.24 ? 32  THR A N   1 
ATOM   223  C CA  . THR A 1 38  ? 1.729   -0.130  8.217   1.00 17.11 ? 32  THR A CA  1 
ATOM   224  C C   . THR A 1 38  ? 3.242   -0.221  8.272   1.00 17.09 ? 32  THR A C   1 
ATOM   225  O O   . THR A 1 38  ? 3.812   -0.639  9.316   1.00 15.95 ? 32  THR A O   1 
ATOM   226  C CB  . THR A 1 38  ? 1.128   -1.375  7.504   1.00 17.08 ? 32  THR A CB  1 
ATOM   227  O OG1 . THR A 1 38  ? 1.371   -1.312  6.075   1.00 15.81 ? 32  THR A OG1 1 
ATOM   228  C CG2 . THR A 1 38  ? -0.410  -1.467  7.701   1.00 17.99 ? 32  THR A CG2 1 
ATOM   229  N N   . ASP A 1 39  ? 3.947   0.212   7.224   1.00 16.36 ? 33  ASP A N   1 
ATOM   230  C CA  . ASP A 1 39  ? 5.411   0.190   7.335   1.00 18.56 ? 33  ASP A CA  1 
ATOM   231  C C   . ASP A 1 39  ? 5.906   1.071   8.488   1.00 18.93 ? 33  ASP A C   1 
ATOM   232  O O   . ASP A 1 39  ? 6.859   0.681   9.207   1.00 19.35 ? 33  ASP A O   1 
ATOM   233  C CB  . ASP A 1 39  ? 6.077   0.725   6.065   1.00 19.03 ? 33  ASP A CB  1 
ATOM   234  C CG  . ASP A 1 39  ? 6.128   -0.276  4.938   1.00 20.69 ? 33  ASP A CG  1 
ATOM   235  O OD1 . ASP A 1 39  ? 5.811   -1.474  5.031   1.00 19.13 ? 33  ASP A OD1 1 
ATOM   236  O OD2 . ASP A 1 39  ? 6.507   0.122   3.828   1.00 25.23 ? 33  ASP A OD2 1 
ATOM   237  N N   . MET A 1 40  ? 5.334   2.261   8.634   1.00 19.51 ? 34  MET A N   1 
ATOM   238  C CA  . MET A 1 40  ? 5.811   3.138   9.730   1.00 21.67 ? 34  MET A CA  1 
ATOM   239  C C   . MET A 1 40  ? 5.478   2.603   11.108  1.00 21.35 ? 34  MET A C   1 
ATOM   240  O O   . MET A 1 40  ? 6.264   2.804   12.062  1.00 20.52 ? 34  MET A O   1 
ATOM   241  C CB  . MET A 1 40  ? 5.247   4.557   9.644   1.00 24.44 ? 34  MET A CB  1 
ATOM   242  C CG  . MET A 1 40  ? 6.144   5.653   10.372  1.00 33.49 ? 34  MET A CG  1 
ATOM   243  S SD  . MET A 1 40  ? 7.268   5.258   11.883  1.00 49.32 ? 34  MET A SD  1 
ATOM   244  C CE  . MET A 1 40  ? 7.472   6.988   12.599  1.00 48.38 ? 34  MET A CE  1 
ATOM   245  N N   . ILE A 1 41  ? 4.320   1.967   11.234  1.00 19.53 ? 35  ILE A N   1 
ATOM   246  C CA  . ILE A 1 41  ? 3.924   1.371   12.553  1.00 20.02 ? 35  ILE A CA  1 
ATOM   247  C C   . ILE A 1 41  ? 4.942   0.276   12.941  1.00 19.94 ? 35  ILE A C   1 
ATOM   248  O O   . ILE A 1 41  ? 5.473   0.278   14.089  1.00 20.87 ? 35  ILE A O   1 
ATOM   249  C CB  . ILE A 1 41  ? 2.488   0.772   12.463  1.00 19.37 ? 35  ILE A CB  1 
ATOM   250  C CG1 . ILE A 1 41  ? 1.474   1.924   12.379  1.00 21.28 ? 35  ILE A CG1 1 
ATOM   251  C CG2 . ILE A 1 41  ? 2.192   -0.136  13.717  1.00 21.08 ? 35  ILE A CG2 1 
ATOM   252  C CD1 . ILE A 1 41  ? 0.131   1.487   11.868  1.00 23.31 ? 35  ILE A CD1 1 
ATOM   253  N N   . ILE A 1 42  ? 5.259   -0.607  11.980  1.00 19.50 ? 36  ILE A N   1 
ATOM   254  C CA  . ILE A 1 42  ? 6.240   -1.670  12.216  1.00 20.00 ? 36  ILE A CA  1 
ATOM   255  C C   . ILE A 1 42  ? 7.609   -1.070  12.561  1.00 21.81 ? 36  ILE A C   1 
ATOM   256  O O   . ILE A 1 42  ? 8.237   -1.458  13.552  1.00 21.13 ? 36  ILE A O   1 
ATOM   257  C CB  . ILE A 1 42  ? 6.341   -2.641  11.006  1.00 20.74 ? 36  ILE A CB  1 
ATOM   258  C CG1 . ILE A 1 42  ? 4.964   -3.322  10.708  1.00 19.73 ? 36  ILE A CG1 1 
ATOM   259  C CG2 . ILE A 1 42  ? 7.531   -3.634  11.254  1.00 20.81 ? 36  ILE A CG2 1 
ATOM   260  C CD1 . ILE A 1 42  ? 4.879   -4.014  9.281   1.00 21.72 ? 36  ILE A CD1 1 
ATOM   261  N N   . SER A 1 43  ? 8.047   -0.108  11.753  1.00 21.38 ? 37  SER A N   1 
ATOM   262  C CA  . SER A 1 43  ? 9.299   0.574   11.999  1.00 25.31 ? 37  SER A CA  1 
ATOM   263  C C   . SER A 1 43  ? 9.335   1.153   13.430  1.00 25.90 ? 37  SER A C   1 
ATOM   264  O O   . SER A 1 43  ? 10.364  1.066   14.125  1.00 26.50 ? 37  SER A O   1 
ATOM   265  C CB  . SER A 1 43  ? 9.438   1.722   10.994  1.00 24.78 ? 37  SER A CB  1 
ATOM   266  O OG  . SER A 1 43  ? 10.687  2.375   11.175  1.00 31.45 ? 37  SER A OG  1 
ATOM   267  N N   . GLU A 1 44  ? 8.242   1.783   13.843  1.00 27.53 ? 38  GLU A N   1 
ATOM   268  C CA  . GLU A 1 44  ? 8.203   2.403   15.170  1.00 31.64 ? 38  GLU A CA  1 
ATOM   269  C C   . GLU A 1 44  ? 8.202   1.391   16.310  1.00 32.20 ? 38  GLU A C   1 
ATOM   270  O O   . GLU A 1 44  ? 8.720   1.691   17.395  1.00 33.86 ? 38  GLU A O   1 
ATOM   271  C CB  . GLU A 1 44  ? 6.985   3.278   15.337  1.00 32.59 ? 38  GLU A CB  1 
ATOM   272  C CG  . GLU A 1 44  ? 7.305   4.742   15.194  1.00 39.36 ? 38  GLU A CG  1 
ATOM   273  C CD  . GLU A 1 44  ? 6.325   5.615   15.937  1.00 46.62 ? 38  GLU A CD  1 
ATOM   274  O OE1 . GLU A 1 44  ? 6.291   5.540   17.192  1.00 49.60 ? 38  GLU A OE1 1 
ATOM   275  O OE2 . GLU A 1 44  ? 5.580   6.369   15.267  1.00 49.49 ? 38  GLU A OE2 1 
ATOM   276  N N   . ARG A 1 45  ? 7.592   0.229   16.085  1.00 31.19 ? 39  ARG A N   1 
ATOM   277  C CA  . ARG A 1 45  ? 7.546   -0.815  17.101  1.00 31.40 ? 39  ARG A CA  1 
ATOM   278  C C   . ARG A 1 45  ? 8.954   -1.420  17.314  1.00 31.58 ? 39  ARG A C   1 
ATOM   279  O O   . ARG A 1 45  ? 9.348   -1.718  18.442  1.00 30.71 ? 39  ARG A O   1 
ATOM   280  C CB  . ARG A 1 45  ? 6.578   -1.923  16.704  1.00 31.74 ? 39  ARG A CB  1 
ATOM   281  C CG  . ARG A 1 45  ? 5.133   -1.495  16.611  1.00 34.89 ? 39  ARG A CG  1 
ATOM   282  C CD  . ARG A 1 45  ? 4.308   -1.782  17.862  1.00 37.55 ? 39  ARG A CD  1 
ATOM   283  N NE  . ARG A 1 45  ? 3.009   -1.110  17.828  1.00 40.17 ? 39  ARG A NE  1 
ATOM   284  C CZ  . ARG A 1 45  ? 1.884   -1.649  17.328  1.00 42.53 ? 39  ARG A CZ  1 
ATOM   285  N NH1 . ARG A 1 45  ? 1.904   -2.860  16.781  1.00 39.12 ? 39  ARG A NH1 1 
ATOM   286  N NH2 . ARG A 1 45  ? 0.732   -0.969  17.371  1.00 42.62 ? 39  ARG A NH2 1 
ATOM   287  N N   . VAL A 1 46  ? 9.693   -1.597  16.226  1.00 30.76 ? 40  VAL A N   1 
ATOM   288  C CA  . VAL A 1 46  ? 10.988  -2.271  16.259  1.00 30.62 ? 40  VAL A CA  1 
ATOM   289  C C   . VAL A 1 46  ? 12.147  -1.303  16.506  1.00 31.50 ? 40  VAL A C   1 
ATOM   290  O O   . VAL A 1 46  ? 13.225  -1.731  16.929  1.00 30.50 ? 40  VAL A O   1 
ATOM   291  C CB  . VAL A 1 46  ? 11.260  -3.018  14.920  1.00 32.40 ? 40  VAL A CB  1 
ATOM   292  C CG1 . VAL A 1 46  ? 12.676  -3.638  14.908  1.00 33.44 ? 40  VAL A CG1 1 
ATOM   293  C CG2 . VAL A 1 46  ? 10.218  -4.114  14.681  1.00 30.76 ? 40  VAL A CG2 1 
ATOM   294  N N   . GLY A 1 47  ? 11.940  -0.027  16.184  1.00 30.81 ? 41  GLY A N   1 
ATOM   295  C CA  . GLY A 1 47  ? 12.952  1.015   16.346  1.00 32.30 ? 41  GLY A CA  1 
ATOM   296  C C   . GLY A 1 47  ? 14.024  1.009   15.276  1.00 32.85 ? 41  GLY A C   1 
ATOM   297  O O   . GLY A 1 47  ? 15.148  1.493   15.496  1.00 33.87 ? 41  GLY A O   1 
ATOM   298  N N   . LEU A 1 48  ? 13.693  0.468   14.109  1.00 31.70 ? 42  LEU A N   1 
ATOM   299  C CA  . LEU A 1 48  ? 14.632  0.380   13.005  1.00 30.92 ? 42  LEU A CA  1 
ATOM   300  C C   . LEU A 1 48  ? 13.855  0.733   11.782  1.00 30.74 ? 42  LEU A C   1 
ATOM   301  O O   . LEU A 1 48  ? 12.651  0.484   11.730  1.00 28.08 ? 42  LEU A O   1 
ATOM   302  C CB  . LEU A 1 48  ? 15.142  -1.044  12.827  1.00 31.79 ? 42  LEU A CB  1 
ATOM   303  C CG  . LEU A 1 48  ? 15.991  -1.703  13.917  1.00 32.02 ? 42  LEU A CG  1 
ATOM   304  C CD1 . LEU A 1 48  ? 16.321  -3.128  13.482  1.00 30.16 ? 42  LEU A CD1 1 
ATOM   305  C CD2 . LEU A 1 48  ? 17.264  -0.906  14.088  1.00 35.52 ? 42  LEU A CD2 1 
ATOM   306  N N   . SER A 1 49  ? 14.534  1.267   10.773  1.00 29.99 ? 43  SER A N   1 
ATOM   307  C CA  . SER A 1 49  ? 13.843  1.560   9.524   1.00 29.92 ? 43  SER A CA  1 
ATOM   308  C C   . SER A 1 49  ? 13.515  0.254   8.783   1.00 29.33 ? 43  SER A C   1 
ATOM   309  O O   . SER A 1 49  ? 14.126  -0.782  9.010   1.00 29.75 ? 43  SER A O   1 
ATOM   310  C CB  . SER A 1 49  ? 14.707  2.469   8.652   1.00 29.85 ? 43  SER A CB  1 
ATOM   311  O OG  . SER A 1 49  ? 15.682  1.705   7.956   1.00 31.72 ? 43  SER A OG  1 
ATOM   312  N N   . VAL A 1 50  ? 12.541  0.308   7.878   1.00 28.87 ? 44  VAL A N   1 
ATOM   313  C CA  . VAL A 1 50  ? 12.209  -0.860  7.104   1.00 28.99 ? 44  VAL A CA  1 
ATOM   314  C C   . VAL A 1 50  ? 13.454  -1.504  6.498   1.00 29.55 ? 44  VAL A C   1 
ATOM   315  O O   . VAL A 1 50  ? 13.618  -2.709  6.569   1.00 27.63 ? 44  VAL A O   1 
ATOM   316  C CB  . VAL A 1 50  ? 11.106  -0.567  6.043   1.00 29.24 ? 44  VAL A CB  1 
ATOM   317  C CG1 . VAL A 1 50  ? 10.893  -1.776  5.153   1.00 29.00 ? 44  VAL A CG1 1 
ATOM   318  C CG2 . VAL A 1 50  ? 9.790   -0.169  6.743   1.00 30.49 ? 44  VAL A CG2 1 
ATOM   319  N N   . ARG A 1 51  ? 14.360  -0.704  5.918   1.00 30.30 ? 45  ARG A N   1 
ATOM   320  C CA  . ARG A 1 51  ? 15.551  -1.300  5.315   1.00 32.05 ? 45  ARG A CA  1 
ATOM   321  C C   . ARG A 1 51  ? 16.452  -1.910  6.398   1.00 31.39 ? 45  ARG A C   1 
ATOM   322  O O   . ARG A 1 51  ? 17.039  -2.961  6.200   1.00 31.89 ? 45  ARG A O   1 
ATOM   323  C CB  . ARG A 1 51  ? 16.313  -0.288  4.450   1.00 32.87 ? 45  ARG A CB  1 
ATOM   324  C CG  . ARG A 1 51  ? 17.322  -0.935  3.481   1.00 38.49 ? 45  ARG A CG  1 
ATOM   325  C CD  . ARG A 1 51  ? 18.652  -0.223  3.405   1.00 46.94 ? 45  ARG A CD  1 
ATOM   326  N NE  . ARG A 1 51  ? 19.201  -0.023  4.749   1.00 53.17 ? 45  ARG A NE  1 
ATOM   327  C CZ  . ARG A 1 51  ? 20.409  0.472   5.028   1.00 56.65 ? 45  ARG A CZ  1 
ATOM   328  N NH1 . ARG A 1 51  ? 20.785  0.601   6.307   1.00 56.75 ? 45  ARG A NH1 1 
ATOM   329  N NH2 . ARG A 1 51  ? 21.243  0.835   4.045   1.00 57.34 ? 45  ARG A NH2 1 
ATOM   330  N N   . GLU A 1 52  ? 16.551  -1.266  7.547   1.00 31.83 ? 46  GLU A N   1 
ATOM   331  C CA  . GLU A 1 52  ? 17.359  -1.856  8.633   1.00 32.34 ? 46  GLU A CA  1 
ATOM   332  C C   . GLU A 1 52  ? 16.719  -3.153  9.122   1.00 31.23 ? 46  GLU A C   1 
ATOM   333  O O   . GLU A 1 52  ? 17.419  -4.129  9.472   1.00 30.68 ? 46  GLU A O   1 
ATOM   334  C CB  . GLU A 1 52  ? 17.491  -0.912  9.801   1.00 32.58 ? 46  GLU A CB  1 
ATOM   335  C CG  . GLU A 1 52  ? 18.234  0.381   9.533   1.00 36.80 ? 46  GLU A CG  1 
ATOM   336  C CD  . GLU A 1 52  ? 18.259  1.271   10.771  1.00 40.93 ? 46  GLU A CD  1 
ATOM   337  O OE1 . GLU A 1 52  ? 19.339  1.338   11.383  1.00 46.88 ? 46  GLU A OE1 1 
ATOM   338  O OE2 . GLU A 1 52  ? 17.234  1.900   11.141  1.00 38.11 ? 46  GLU A OE2 1 
ATOM   339  N N   . ILE A 1 53  ? 15.394  -3.171  9.165   1.00 29.68 ? 47  ILE A N   1 
ATOM   340  C CA  . ILE A 1 53  ? 14.720  -4.403  9.554   1.00 27.47 ? 47  ILE A CA  1 
ATOM   341  C C   . ILE A 1 53  ? 15.100  -5.525  8.594   1.00 28.50 ? 47  ILE A C   1 
ATOM   342  O O   . ILE A 1 53  ? 15.448  -6.627  9.036   1.00 28.99 ? 47  ILE A O   1 
ATOM   343  C CB  . ILE A 1 53  ? 13.154  -4.260  9.679   1.00 27.31 ? 47  ILE A CB  1 
ATOM   344  C CG1 . ILE A 1 53  ? 12.795  -3.262  10.785  1.00 25.24 ? 47  ILE A CG1 1 
ATOM   345  C CG2 . ILE A 1 53  ? 12.564  -5.645  9.929   1.00 26.35 ? 47  ILE A CG2 1 
ATOM   346  C CD1 . ILE A 1 53  ? 11.304  -2.759  10.837  1.00 25.01 ? 47  ILE A CD1 1 
ATOM   347  N N   . PHE A 1 54  ? 15.029  -5.270  7.291   1.00 27.90 ? 48  PHE A N   1 
ATOM   348  C CA  . PHE A 1 54  ? 15.326  -6.322  6.318   1.00 30.13 ? 48  PHE A CA  1 
ATOM   349  C C   . PHE A 1 54  ? 16.807  -6.760  6.435   1.00 30.50 ? 48  PHE A C   1 
ATOM   350  O O   . PHE A 1 54  ? 17.131  -7.948  6.306   1.00 31.60 ? 48  PHE A O   1 
ATOM   351  C CB  . PHE A 1 54  ? 15.055  -5.837  4.902   1.00 29.58 ? 48  PHE A CB  1 
ATOM   352  C CG  . PHE A 1 54  ? 13.630  -6.057  4.436   1.00 31.58 ? 48  PHE A CG  1 
ATOM   353  C CD1 . PHE A 1 54  ? 12.589  -5.289  4.960   1.00 30.03 ? 48  PHE A CD1 1 
ATOM   354  C CD2 . PHE A 1 54  ? 13.342  -7.013  3.460   1.00 32.39 ? 48  PHE A CD2 1 
ATOM   355  C CE1 . PHE A 1 54  ? 11.301  -5.451  4.524   1.00 30.09 ? 48  PHE A CE1 1 
ATOM   356  C CE2 . PHE A 1 54  ? 12.023  -7.193  3.001   1.00 30.30 ? 48  PHE A CE2 1 
ATOM   357  C CZ  . PHE A 1 54  ? 11.004  -6.424  3.543   1.00 30.09 ? 48  PHE A CZ  1 
ATOM   358  N N   . GLU A 1 55  ? 17.673  -5.795  6.729   1.00 32.24 ? 49  GLU A N   1 
ATOM   359  C CA  . GLU A 1 55  ? 19.113  -6.059  6.810   1.00 34.21 ? 49  GLU A CA  1 
ATOM   360  C C   . GLU A 1 55  ? 19.502  -6.783  8.100   1.00 33.96 ? 49  GLU A C   1 
ATOM   361  O O   . GLU A 1 55  ? 20.277  -7.748  8.070   1.00 34.92 ? 49  GLU A O   1 
ATOM   362  C CB  . GLU A 1 55  ? 19.889  -4.752  6.701   1.00 34.66 ? 49  GLU A CB  1 
ATOM   363  C CG  . GLU A 1 55  ? 19.963  -4.232  5.276   1.00 39.91 ? 49  GLU A CG  1 
ATOM   364  C CD  . GLU A 1 55  ? 20.760  -2.951  5.190   1.00 46.17 ? 49  GLU A CD  1 
ATOM   365  O OE1 . GLU A 1 55  ? 21.029  -2.338  6.264   1.00 48.03 ? 49  GLU A OE1 1 
ATOM   366  O OE2 . GLU A 1 55  ? 21.073  -2.545  4.049   1.00 48.16 ? 49  GLU A OE2 1 
ATOM   367  N N   . GLU A 1 56  ? 18.961  -6.297  9.209   1.00 33.43 ? 50  GLU A N   1 
ATOM   368  C CA  . GLU A 1 56  ? 19.323  -6.740  10.537  1.00 33.41 ? 50  GLU A CA  1 
ATOM   369  C C   . GLU A 1 56  ? 18.510  -7.976  10.945  1.00 33.01 ? 50  GLU A C   1 
ATOM   370  O O   . GLU A 1 56  ? 19.057  -8.933  11.507  1.00 31.42 ? 50  GLU A O   1 
ATOM   371  C CB  . GLU A 1 56  ? 19.021  -5.618  11.514  1.00 33.91 ? 50  GLU A CB  1 
ATOM   372  C CG  . GLU A 1 56  ? 20.147  -5.005  12.338  1.00 40.27 ? 50  GLU A CG  1 
ATOM   373  C CD  . GLU A 1 56  ? 21.502  -4.932  11.660  1.00 46.63 ? 50  GLU A CD  1 
ATOM   374  O OE1 . GLU A 1 56  ? 21.847  -3.824  11.196  1.00 50.71 ? 50  GLU A OE1 1 
ATOM   375  O OE2 . GLU A 1 56  ? 22.238  -5.963  11.638  1.00 46.18 ? 50  GLU A OE2 1 
ATOM   376  N N   . LEU A 1 57  ? 17.199  -7.955  10.677  1.00 31.07 ? 51  LEU A N   1 
ATOM   377  C CA  . LEU A 1 57  ? 16.287  -8.983  11.232  1.00 30.15 ? 51  LEU A CA  1 
ATOM   378  C C   . LEU A 1 57  ? 15.766  -9.958  10.205  1.00 29.16 ? 51  LEU A C   1 
ATOM   379  O O   . LEU A 1 57  ? 15.293  -11.016 10.580  1.00 29.93 ? 51  LEU A O   1 
ATOM   380  C CB  . LEU A 1 57  ? 15.081  -8.348  11.953  1.00 29.86 ? 51  LEU A CB  1 
ATOM   381  C CG  . LEU A 1 57  ? 15.202  -7.252  13.006  1.00 32.72 ? 51  LEU A CG  1 
ATOM   382  C CD1 . LEU A 1 57  ? 13.912  -7.161  13.851  1.00 36.57 ? 51  LEU A CD1 1 
ATOM   383  C CD2 . LEU A 1 57  ? 16.418  -7.406  13.905  1.00 34.09 ? 51  LEU A CD2 1 
ATOM   384  N N   . GLY A 1 58  ? 15.828  -9.587  8.921   1.00 27.35 ? 52  GLY A N   1 
ATOM   385  C CA  . GLY A 1 58  ? 15.466  -10.452 7.805   1.00 26.88 ? 52  GLY A CA  1 
ATOM   386  C C   . GLY A 1 58  ? 14.022  -10.254 7.375   1.00 26.35 ? 52  GLY A C   1 
ATOM   387  O O   . GLY A 1 58  ? 13.182  -9.858  8.189   1.00 26.19 ? 52  GLY A O   1 
ATOM   388  N N   . GLU A 1 59  ? 13.737  -10.531 6.105   1.00 26.59 ? 53  GLU A N   1 
ATOM   389  C CA  . GLU A 1 59  ? 12.378  -10.411 5.605   1.00 25.73 ? 53  GLU A CA  1 
ATOM   390  C C   . GLU A 1 59  ? 11.340  -11.293 6.329   1.00 25.87 ? 53  GLU A C   1 
ATOM   391  O O   . GLU A 1 59  ? 10.194  -10.902 6.505   1.00 23.07 ? 53  GLU A O   1 
ATOM   392  C CB  . GLU A 1 59  ? 12.342  -10.710 4.118   1.00 26.00 ? 53  GLU A CB  1 
ATOM   393  C CG  . GLU A 1 59  ? 10.959  -10.486 3.534   1.00 26.56 ? 53  GLU A CG  1 
ATOM   394  C CD  . GLU A 1 59  ? 10.969  -10.427 2.018   1.00 31.39 ? 53  GLU A CD  1 
ATOM   395  O OE1 . GLU A 1 59  ? 9.894   -10.218 1.434   1.00 33.22 ? 53  GLU A OE1 1 
ATOM   396  O OE2 . GLU A 1 59  ? 12.043  -10.611 1.431   1.00 31.61 ? 53  GLU A OE2 1 
ATOM   397  N N   . ASP A 1 60  ? 11.744  -12.493 6.745   1.00 25.85 ? 54  ASP A N   1 
ATOM   398  C CA  . ASP A 1 60  ? 10.824  -13.381 7.473   1.00 25.24 ? 54  ASP A CA  1 
ATOM   399  C C   . ASP A 1 60  ? 10.207  -12.669 8.674   1.00 23.14 ? 54  ASP A C   1 
ATOM   400  O O   . ASP A 1 60  ? 8.983   -12.795 8.948   1.00 21.44 ? 54  ASP A O   1 
ATOM   401  C CB  . ASP A 1 60  ? 11.605  -14.586 8.036   1.00 26.30 ? 54  ASP A CB  1 
ATOM   402  C CG  . ASP A 1 60  ? 11.607  -15.764 7.128   1.00 31.55 ? 54  ASP A CG  1 
ATOM   403  O OD1 . ASP A 1 60  ? 11.116  -15.666 5.996   1.00 35.06 ? 54  ASP A OD1 1 
ATOM   404  O OD2 . ASP A 1 60  ? 12.131  -16.861 7.476   1.00 34.92 ? 54  ASP A OD2 1 
ATOM   405  N N   . ASN A 1 61  ? 11.050  -11.993 9.439   1.00 21.00 ? 55  ASN A N   1 
ATOM   406  C CA  . ASN A 1 61  ? 10.553  -11.230 10.570  1.00 20.36 ? 55  ASN A CA  1 
ATOM   407  C C   . ASN A 1 61  ? 9.662   -10.082 10.123  1.00 21.26 ? 55  ASN A C   1 
ATOM   408  O O   . ASN A 1 61  ? 8.603   -9.862  10.679  1.00 19.94 ? 55  ASN A O   1 
ATOM   409  C CB  . ASN A 1 61  ? 11.662  -10.708 11.436  1.00 21.09 ? 55  ASN A CB  1 
ATOM   410  C CG  . ASN A 1 61  ? 12.133  -11.767 12.433  1.00 21.15 ? 55  ASN A CG  1 
ATOM   411  O OD1 . ASN A 1 61  ? 11.326  -12.274 13.230  1.00 19.70 ? 55  ASN A OD1 1 
ATOM   412  N ND2 . ASN A 1 61  ? 13.434  -12.077 12.409  1.00 22.19 ? 55  ASN A ND2 1 
ATOM   413  N N   . PHE A 1 62  ? 10.141  -9.324  9.145   1.00 19.50 ? 56  PHE A N   1 
ATOM   414  C CA  . PHE A 1 62  ? 9.303   -8.221  8.631   1.00 18.95 ? 56  PHE A CA  1 
ATOM   415  C C   . PHE A 1 62  ? 7.904   -8.706  8.221   1.00 18.66 ? 56  PHE A C   1 
ATOM   416  O O   . PHE A 1 62  ? 6.893   -8.097  8.655   1.00 18.66 ? 56  PHE A O   1 
ATOM   417  C CB  . PHE A 1 62  ? 9.992   -7.440  7.479   1.00 19.04 ? 56  PHE A CB  1 
ATOM   418  C CG  . PHE A 1 62  ? 9.168   -6.257  7.054   1.00 19.67 ? 56  PHE A CG  1 
ATOM   419  C CD1 . PHE A 1 62  ? 8.282   -6.367  6.005   1.00 20.11 ? 56  PHE A CD1 1 
ATOM   420  C CD2 . PHE A 1 62  ? 9.188   -5.085  7.806   1.00 19.25 ? 56  PHE A CD2 1 
ATOM   421  C CE1 . PHE A 1 62  ? 7.433   -5.267  5.651   1.00 23.44 ? 56  PHE A CE1 1 
ATOM   422  C CE2 . PHE A 1 62  ? 8.361   -3.991  7.464   1.00 22.05 ? 56  PHE A CE2 1 
ATOM   423  C CZ  . PHE A 1 62  ? 7.484   -4.103  6.379   1.00 23.05 ? 56  PHE A CZ  1 
ATOM   424  N N   . ARG A 1 63  ? 7.834   -9.810  7.458   1.00 17.96 ? 57  ARG A N   1 
ATOM   425  C CA  . ARG A 1 63  ? 6.552   -10.313 6.964   1.00 19.41 ? 57  ARG A CA  1 
ATOM   426  C C   . ARG A 1 63  ? 5.680   -10.802 8.124   1.00 19.63 ? 57  ARG A C   1 
ATOM   427  O O   . ARG A 1 63  ? 4.452   -10.653 8.125   1.00 17.76 ? 57  ARG A O   1 
ATOM   428  C CB  . ARG A 1 63  ? 6.760   -11.488 6.029   1.00 20.66 ? 57  ARG A CB  1 
ATOM   429  C CG  . ARG A 1 63  ? 7.183   -11.268 4.572   1.00 26.27 ? 57  ARG A CG  1 
ATOM   430  C CD  . ARG A 1 63  ? 7.919   -10.039 4.136   1.00 35.12 ? 57  ARG A CD  1 
ATOM   431  N NE  . ARG A 1 63  ? 7.028   -8.959  3.772   1.00 35.58 ? 57  ARG A NE  1 
ATOM   432  C CZ  . ARG A 1 63  ? 7.088   -8.081  2.723   1.00 31.53 ? 57  ARG A CZ  1 
ATOM   433  N NH1 . ARG A 1 63  ? 7.940   -8.104  1.704   1.00 34.91 ? 57  ARG A NH1 1 
ATOM   434  N NH2 . ARG A 1 63  ? 6.179   -7.132  2.723   1.00 22.65 ? 57  ARG A NH2 1 
ATOM   435  N N   . MET A 1 64  ? 6.328   -11.414 9.106   1.00 19.66 ? 58  MET A N   1 
ATOM   436  C CA  . MET A 1 64  ? 5.558   -11.872 10.266  1.00 18.75 ? 58  MET A CA  1 
ATOM   437  C C   . MET A 1 64  ? 4.992   -10.675 11.042  1.00 18.77 ? 58  MET A C   1 
ATOM   438  O O   . MET A 1 64  ? 3.843   -10.735 11.496  1.00 19.11 ? 58  MET A O   1 
ATOM   439  C CB  . MET A 1 64  ? 6.406   -12.788 11.170  1.00 19.80 ? 58  MET A CB  1 
ATOM   440  C CG  . MET A 1 64  ? 5.638   -13.252 12.358  1.00 18.22 ? 58  MET A CG  1 
ATOM   441  S SD  . MET A 1 64  ? 6.682   -14.326 13.441  1.00 23.21 ? 58  MET A SD  1 
ATOM   442  C CE  . MET A 1 64  ? 7.809   -13.012 14.146  1.00 18.43 ? 58  MET A CE  1 
ATOM   443  N N   . PHE A 1 65  ? 5.798   -9.622  11.250  1.00 18.75 ? 59  PHE A N   1 
ATOM   444  C CA  . PHE A 1 65  ? 5.296   -8.402  11.865  1.00 18.56 ? 59  PHE A CA  1 
ATOM   445  C C   . PHE A 1 65  ? 4.122   -7.811  11.086  1.00 18.38 ? 59  PHE A C   1 
ATOM   446  O O   . PHE A 1 65  ? 3.124   -7.370  11.677  1.00 17.46 ? 59  PHE A O   1 
ATOM   447  C CB  . PHE A 1 65  ? 6.373   -7.343  11.973  1.00 18.17 ? 59  PHE A CB  1 
ATOM   448  C CG  . PHE A 1 65  ? 7.606   -7.792  12.767  1.00 19.64 ? 59  PHE A CG  1 
ATOM   449  C CD1 . PHE A 1 65  ? 8.839   -7.181  12.524  1.00 22.63 ? 59  PHE A CD1 1 
ATOM   450  C CD2 . PHE A 1 65  ? 7.524   -8.827  13.731  1.00 19.74 ? 59  PHE A CD2 1 
ATOM   451  C CE1 . PHE A 1 65  ? 9.986   -7.601  13.233  1.00 23.43 ? 59  PHE A CE1 1 
ATOM   452  C CE2 . PHE A 1 65  ? 8.663   -9.273  14.428  1.00 22.48 ? 59  PHE A CE2 1 
ATOM   453  C CZ  . PHE A 1 65  ? 9.912   -8.657  14.170  1.00 25.08 ? 59  PHE A CZ  1 
ATOM   454  N N   . GLU A 1 66  ? 4.258   -7.814  9.760   1.00 18.51 ? 60  GLU A N   1 
ATOM   455  C CA  . GLU A 1 66  ? 3.186   -7.267  8.874   1.00 17.76 ? 60  GLU A CA  1 
ATOM   456  C C   . GLU A 1 66  ? 1.891   -8.048  9.012   1.00 18.25 ? 60  GLU A C   1 
ATOM   457  O O   . GLU A 1 66  ? 0.785   -7.482  9.138   1.00 16.90 ? 60  GLU A O   1 
ATOM   458  C CB  . GLU A 1 66  ? 3.652   -7.378  7.421   1.00 18.61 ? 60  GLU A CB  1 
ATOM   459  C CG  . GLU A 1 66  ? 3.042   -6.368  6.504   1.00 19.49 ? 60  GLU A CG  1 
ATOM   460  C CD  . GLU A 1 66  ? 3.716   -6.378  5.115   1.00 19.91 ? 60  GLU A CD  1 
ATOM   461  O OE1 . GLU A 1 66  ? 4.211   -7.437  4.663   1.00 20.85 ? 60  GLU A OE1 1 
ATOM   462  O OE2 . GLU A 1 66  ? 3.787   -5.306  4.503   1.00 22.52 ? 60  GLU A OE2 1 
ATOM   463  N N   . LYS A 1 67  ? 2.008   -9.378  8.960   1.00 19.12 ? 61  LYS A N   1 
ATOM   464  C CA  . LYS A 1 67  ? 0.825   -10.260 9.078   1.00 19.94 ? 61  LYS A CA  1 
ATOM   465  C C   . LYS A 1 67  ? 0.122   -10.023 10.380  1.00 18.61 ? 61  LYS A C   1 
ATOM   466  O O   . LYS A 1 67  ? -1.107  -9.924  10.447  1.00 18.42 ? 61  LYS A O   1 
ATOM   467  C CB  . LYS A 1 67  ? 1.245   -11.744 9.072   1.00 22.21 ? 61  LYS A CB  1 
ATOM   468  C CG  . LYS A 1 67  ? 1.681   -12.260 7.720   1.00 29.19 ? 61  LYS A CG  1 
ATOM   469  C CD  . LYS A 1 67  ? 1.748   -13.803 7.612   1.00 35.87 ? 61  LYS A CD  1 
ATOM   470  C CE  . LYS A 1 67  ? 0.879   -14.279 6.428   1.00 39.27 ? 61  LYS A CE  1 
ATOM   471  N NZ  . LYS A 1 67  ? 1.649   -14.483 5.186   1.00 35.41 ? 61  LYS A NZ  1 
ATOM   472  N N   . ASN A 1 68  ? 0.894   -9.978  11.460  1.00 18.01 ? 62  ASN A N   1 
ATOM   473  C CA  . ASN A 1 68  ? 0.278   -9.784  12.760  1.00 18.43 ? 62  ASN A CA  1 
ATOM   474  C C   . ASN A 1 68  ? -0.355  -8.398  12.915  1.00 18.53 ? 62  ASN A C   1 
ATOM   475  O O   . ASN A 1 68  ? -1.391  -8.228  13.585  1.00 17.12 ? 62  ASN A O   1 
ATOM   476  C CB  . ASN A 1 68  ? 1.325   -10.004 13.853  1.00 18.35 ? 62  ASN A CB  1 
ATOM   477  C CG  . ASN A 1 68  ? 1.752   -11.472 13.974  1.00 19.99 ? 62  ASN A CG  1 
ATOM   478  O OD1 . ASN A 1 68  ? 1.018   -12.379 13.551  1.00 19.98 ? 62  ASN A OD1 1 
ATOM   479  N ND2 . ASN A 1 68  ? 2.935   -11.718 14.620  1.00 20.15 ? 62  ASN A ND2 1 
ATOM   480  N N   . LEU A 1 69  ? 0.282   -7.395  12.302  1.00 16.65 ? 63  LEU A N   1 
ATOM   481  C CA  . LEU A 1 69  ? -0.245  -6.021  12.369  1.00 16.59 ? 63  LEU A CA  1 
ATOM   482  C C   . LEU A 1 69  ? -1.585  -5.955  11.627  1.00 16.62 ? 63  LEU A C   1 
ATOM   483  O O   . LEU A 1 69  ? -2.537  -5.292  12.100  1.00 16.57 ? 63  LEU A O   1 
ATOM   484  C CB  . LEU A 1 69  ? 0.719   -5.004  11.733  1.00 16.28 ? 63  LEU A CB  1 
ATOM   485  C CG  . LEU A 1 69  ? 0.176   -3.542  11.716  1.00 17.80 ? 63  LEU A CG  1 
ATOM   486  C CD1 . LEU A 1 69  ? -0.155  -3.025  13.158  1.00 15.42 ? 63  LEU A CD1 1 
ATOM   487  C CD2 . LEU A 1 69  ? 1.251   -2.645  11.041  1.00 15.22 ? 63  LEU A CD2 1 
ATOM   488  N N   . ILE A 1 70  ? -1.668  -6.632  10.483  1.00 16.03 ? 64  ILE A N   1 
ATOM   489  C CA  . ILE A 1 70  ? -2.996  -6.751  9.818   1.00 17.20 ? 64  ILE A CA  1 
ATOM   490  C C   . ILE A 1 70  ? -4.082  -7.252  10.786  1.00 17.67 ? 64  ILE A C   1 
ATOM   491  O O   . ILE A 1 70  ? -5.163  -6.638  10.884  1.00 17.77 ? 64  ILE A O   1 
ATOM   492  C CB  . ILE A 1 70  ? -2.934  -7.655  8.617   1.00 17.53 ? 64  ILE A CB  1 
ATOM   493  C CG1 . ILE A 1 70  ? -2.104  -6.947  7.500   1.00 16.31 ? 64  ILE A CG1 1 
ATOM   494  C CG2 . ILE A 1 70  ? -4.344  -7.941  8.038   1.00 19.27 ? 64  ILE A CG2 1 
ATOM   495  C CD1 . ILE A 1 70  ? -1.734  -7.875  6.401   1.00 20.16 ? 64  ILE A CD1 1 
ATOM   496  N N   . ASP A 1 71  ? -3.789  -8.334  11.496  1.00 18.76 ? 65  ASP A N   1 
ATOM   497  C CA  . ASP A 1 71  ? -4.741  -8.830  12.511  1.00 20.91 ? 65  ASP A CA  1 
ATOM   498  C C   . ASP A 1 71  ? -5.085  -7.806  13.584  1.00 21.05 ? 65  ASP A C   1 
ATOM   499  O O   . ASP A 1 71  ? -6.257  -7.636  13.955  1.00 21.02 ? 65  ASP A O   1 
ATOM   500  C CB  . ASP A 1 71  ? -4.226  -10.128 13.137  1.00 21.07 ? 65  ASP A CB  1 
ATOM   501  C CG  . ASP A 1 71  ? -4.289  -11.266 12.177  1.00 23.94 ? 65  ASP A CG  1 
ATOM   502  O OD1 . ASP A 1 71  ? -5.056  -11.163 11.194  1.00 26.98 ? 65  ASP A OD1 1 
ATOM   503  O OD2 . ASP A 1 71  ? -3.633  -12.312 12.285  1.00 25.07 ? 65  ASP A OD2 1 
ATOM   504  N N   . GLU A 1 72  ? -4.062  -7.141  14.083  1.00 22.04 ? 66  GLU A N   1 
ATOM   505  C CA  . GLU A 1 72  ? -4.229  -6.109  15.073  1.00 22.46 ? 66  GLU A CA  1 
ATOM   506  C C   . GLU A 1 72  ? -5.141  -4.979  14.567  1.00 22.32 ? 66  GLU A C   1 
ATOM   507  O O   . GLU A 1 72  ? -6.008  -4.523  15.279  1.00 22.98 ? 66  GLU A O   1 
ATOM   508  C CB  . GLU A 1 72  ? -2.879  -5.548  15.460  1.00 23.10 ? 66  GLU A CB  1 
ATOM   509  C CG  . GLU A 1 72  ? -2.963  -4.563  16.622  1.00 26.34 ? 66  GLU A CG  1 
ATOM   510  C CD  . GLU A 1 72  ? -1.659  -3.830  16.905  1.00 31.15 ? 66  GLU A CD  1 
ATOM   511  O OE1 . GLU A 1 72  ? -1.723  -2.699  17.431  1.00 32.91 ? 66  GLU A OE1 1 
ATOM   512  O OE2 . GLU A 1 72  ? -0.578  -4.379  16.656  1.00 28.45 ? 66  GLU A OE2 1 
ATOM   513  N N   . LEU A 1 73  ? -4.967  -4.536  13.316  1.00 21.87 ? 67  LEU A N   1 
ATOM   514  C CA  . LEU A 1 73  ? -5.792  -3.425  12.861  1.00 21.61 ? 67  LEU A CA  1 
ATOM   515  C C   . LEU A 1 73  ? -7.263  -3.825  12.651  1.00 21.31 ? 67  LEU A C   1 
ATOM   516  O O   . LEU A 1 73  ? -8.154  -2.969  12.709  1.00 22.71 ? 67  LEU A O   1 
ATOM   517  C CB  . LEU A 1 73  ? -5.157  -2.763  11.620  1.00 20.64 ? 67  LEU A CB  1 
ATOM   518  C CG  . LEU A 1 73  ? -3.755  -2.200  11.876  1.00 21.07 ? 67  LEU A CG  1 
ATOM   519  C CD1 . LEU A 1 73  ? -3.165  -1.629  10.587  1.00 22.23 ? 67  LEU A CD1 1 
ATOM   520  C CD2 . LEU A 1 73  ? -3.680  -1.124  12.965  1.00 22.16 ? 67  LEU A CD2 1 
ATOM   521  N N   . LYS A 1 74  ? -7.509  -5.102  12.389  1.00 21.84 ? 68  LYS A N   1 
ATOM   522  C CA  . LYS A 1 74  ? -8.897  -5.624  12.259  1.00 23.82 ? 68  LYS A CA  1 
ATOM   523  C C   . LYS A 1 74  ? -9.681  -5.444  13.546  1.00 26.45 ? 68  LYS A C   1 
ATOM   524  O O   . LYS A 1 74  ? -10.934 -5.328  13.505  1.00 27.60 ? 68  LYS A O   1 
ATOM   525  C CB  . LYS A 1 74  ? -8.876  -7.083  11.856  1.00 23.20 ? 68  LYS A CB  1 
ATOM   526  C CG  . LYS A 1 74  ? -8.550  -7.308  10.384  1.00 23.14 ? 68  LYS A CG  1 
ATOM   527  C CD  . LYS A 1 74  ? -8.516  -8.761  10.036  1.00 24.24 ? 68  LYS A CD  1 
ATOM   528  C CE  . LYS A 1 74  ? -8.326  -8.948  8.514   1.00 24.06 ? 68  LYS A CE  1 
ATOM   529  N NZ  . LYS A 1 74  ? -8.537  -10.317 7.999   1.00 29.08 ? 68  LYS A NZ  1 
ATOM   530  N N   . THR A 1 75  ? -8.961  -5.270  14.649  1.00 27.93 ? 69  THR A N   1 
ATOM   531  C CA  . THR A 1 75  ? -9.592  -5.021  15.984  1.00 29.78 ? 69  THR A CA  1 
ATOM   532  C C   . THR A 1 75  ? -9.972  -3.572  16.246  1.00 31.23 ? 69  THR A C   1 
ATOM   533  O O   . THR A 1 75  ? -10.724 -3.315  17.200  1.00 32.23 ? 69  THR A O   1 
ATOM   534  C CB  . THR A 1 75  ? -8.770  -5.587  17.229  1.00 28.40 ? 69  THR A CB  1 
ATOM   535  O OG1 . THR A 1 75  ? -7.556  -4.849  17.412  1.00 30.51 ? 69  THR A OG1 1 
ATOM   536  C CG2 . THR A 1 75  ? -8.311  -7.002  17.004  1.00 29.82 ? 69  THR A CG2 1 
ATOM   537  N N   . LEU A 1 76  ? -9.480  -2.622  15.440  1.00 31.01 ? 70  LEU A N   1 
ATOM   538  C CA  . LEU A 1 76  ? -9.854  -1.210  15.626  1.00 33.04 ? 70  LEU A CA  1 
ATOM   539  C C   . LEU A 1 76  ? -11.323 -1.055  15.243  1.00 33.84 ? 70  LEU A C   1 
ATOM   540  O O   . LEU A 1 76  ? -11.772 -1.561  14.224  1.00 35.93 ? 70  LEU A O   1 
ATOM   541  C CB  . LEU A 1 76  ? -8.972  -0.211  14.827  1.00 32.03 ? 70  LEU A CB  1 
ATOM   542  C CG  . LEU A 1 76  ? -7.491  0.059   15.114  1.00 33.18 ? 70  LEU A CG  1 
ATOM   543  C CD1 . LEU A 1 76  ? -6.871  0.952   14.034  1.00 31.20 ? 70  LEU A CD1 1 
ATOM   544  C CD2 . LEU A 1 76  ? -7.216  0.664   16.520  1.00 34.00 ? 70  LEU A CD2 1 
ATOM   545  N N   . LYS A 1 77  ? -12.043 -0.350  16.091  1.00 34.66 ? 71  LYS A N   1 
ATOM   546  C CA  . LYS A 1 77  ? -13.483 -0.133  15.996  1.00 36.00 ? 71  LYS A CA  1 
ATOM   547  C C   . LYS A 1 77  ? -13.793 1.049   15.058  1.00 34.71 ? 71  LYS A C   1 
ATOM   548  O O   . LYS A 1 77  ? -14.776 1.039   14.328  1.00 35.84 ? 71  LYS A O   1 
ATOM   549  C CB  . LYS A 1 77  ? -14.006 0.169   17.422  1.00 37.04 ? 71  LYS A CB  1 
ATOM   550  C CG  . LYS A 1 77  ? -13.163 1.257   18.252  1.00 39.43 ? 71  LYS A CG  1 
ATOM   551  C CD  . LYS A 1 77  ? -11.605 0.998   18.230  1.00 41.53 ? 71  LYS A CD  1 
ATOM   552  C CE  . LYS A 1 77  ? -10.756 2.118   18.827  1.00 41.61 ? 71  LYS A CE  1 
ATOM   553  N NZ  . LYS A 1 77  ? -10.188 3.075   17.851  1.00 40.78 ? 71  LYS A NZ  1 
ATOM   554  N N   . THR A 1 78  ? -12.956 2.077   15.128  1.00 32.64 ? 72  THR A N   1 
ATOM   555  C CA  . THR A 1 78  ? -13.149 3.309   14.362  1.00 31.08 ? 72  THR A CA  1 
ATOM   556  C C   . THR A 1 78  ? -12.474 3.113   12.984  1.00 28.21 ? 72  THR A C   1 
ATOM   557  O O   . THR A 1 78  ? -11.378 2.609   12.933  1.00 27.11 ? 72  THR A O   1 
ATOM   558  C CB  . THR A 1 78  ? -12.545 4.479   15.169  1.00 31.45 ? 72  THR A CB  1 
ATOM   559  O OG1 . THR A 1 78  ? -13.160 4.479   16.475  1.00 34.44 ? 72  THR A OG1 1 
ATOM   560  C CG2 . THR A 1 78  ? -12.977 5.817   14.638  1.00 33.21 ? 72  THR A CG2 1 
ATOM   561  N N   . PRO A 1 79  ? -13.153 3.481   11.898  1.00 27.66 ? 73  PRO A N   1 
ATOM   562  C CA  . PRO A 1 79  ? -12.547 3.441   10.559  1.00 25.90 ? 73  PRO A CA  1 
ATOM   563  C C   . PRO A 1 79  ? -11.314 4.342   10.452  1.00 24.12 ? 73  PRO A C   1 
ATOM   564  O O   . PRO A 1 79  ? -11.342 5.467   10.902  1.00 23.89 ? 73  PRO A O   1 
ATOM   565  C CB  . PRO A 1 79  ? -13.678 3.950   9.640   1.00 26.56 ? 73  PRO A CB  1 
ATOM   566  C CG  . PRO A 1 79  ? -14.971 3.712   10.453  1.00 30.01 ? 73  PRO A CG  1 
ATOM   567  C CD  . PRO A 1 79  ? -14.560 3.954   11.868  1.00 27.65 ? 73  PRO A CD  1 
ATOM   568  N N   . HIS A 1 80  ? -10.237 3.838   9.844   1.00 21.73 ? 74  HIS A N   1 
ATOM   569  C CA  . HIS A 1 80  ? -9.046  4.610   9.638   1.00 20.78 ? 74  HIS A CA  1 
ATOM   570  C C   . HIS A 1 80  ? -8.768  4.530   8.111   1.00 18.44 ? 74  HIS A C   1 
ATOM   571  O O   . HIS A 1 80  ? -9.257  3.632   7.445   1.00 19.43 ? 74  HIS A O   1 
ATOM   572  C CB  . HIS A 1 80  ? -7.862  4.012   10.418  1.00 20.27 ? 74  HIS A CB  1 
ATOM   573  C CG  . HIS A 1 80  ? -7.942  4.224   11.910  1.00 23.41 ? 74  HIS A CG  1 
ATOM   574  N ND1 . HIS A 1 80  ? -7.017  4.965   12.611  1.00 30.46 ? 74  HIS A ND1 1 
ATOM   575  C CD2 . HIS A 1 80  ? -8.807  3.746   12.825  1.00 22.99 ? 74  HIS A CD2 1 
ATOM   576  C CE1 . HIS A 1 80  ? -7.338  4.975   13.898  1.00 25.40 ? 74  HIS A CE1 1 
ATOM   577  N NE2 . HIS A 1 80  ? -8.409  4.224   14.054  1.00 28.76 ? 74  HIS A NE2 1 
ATOM   578  N N   . VAL A 1 81  ? -8.084  5.535   7.589   1.00 19.58 ? 75  VAL A N   1 
ATOM   579  C CA  . VAL A 1 81  ? -7.364  5.378   6.307   1.00 19.04 ? 75  VAL A CA  1 
ATOM   580  C C   . VAL A 1 81  ? -6.013  4.707   6.564   1.00 18.70 ? 75  VAL A C   1 
ATOM   581  O O   . VAL A 1 81  ? -5.212  5.180   7.411   1.00 20.12 ? 75  VAL A O   1 
ATOM   582  C CB  . VAL A 1 81  ? -7.156  6.727   5.605   1.00 19.80 ? 75  VAL A CB  1 
ATOM   583  C CG1 . VAL A 1 81  ? -6.479  6.519   4.239   1.00 22.05 ? 75  VAL A CG1 1 
ATOM   584  C CG2 . VAL A 1 81  ? -8.477  7.467   5.466   1.00 19.70 ? 75  VAL A CG2 1 
ATOM   585  N N   . ILE A 1 82  ? -5.755  3.605   5.854   1.00 17.62 ? 76  ILE A N   1 
ATOM   586  C CA  . ILE A 1 82  ? -4.544  2.813   6.083   1.00 18.15 ? 76  ILE A CA  1 
ATOM   587  C C   . ILE A 1 82  ? -3.721  2.747   4.801   1.00 17.50 ? 76  ILE A C   1 
ATOM   588  O O   . ILE A 1 82  ? -4.206  2.123   3.866   1.00 18.64 ? 76  ILE A O   1 
ATOM   589  C CB  . ILE A 1 82  ? -4.901  1.369   6.584   1.00 17.98 ? 76  ILE A CB  1 
ATOM   590  C CG1 . ILE A 1 82  ? -5.798  1.468   7.828   1.00 19.18 ? 76  ILE A CG1 1 
ATOM   591  C CG2 . ILE A 1 82  ? -3.605  0.602   6.874   1.00 18.49 ? 76  ILE A CG2 1 
ATOM   592  C CD1 . ILE A 1 82  ? -6.293  0.072   8.439   1.00 20.00 ? 76  ILE A CD1 1 
ATOM   593  N N   . SER A 1 83  ? -2.495  3.312   4.737   1.00 18.14 ? 77  SER A N   1 
ATOM   594  C CA  . SER A 1 83  ? -1.607  2.995   3.589   1.00 19.38 ? 77  SER A CA  1 
ATOM   595  C C   . SER A 1 83  ? -0.668  1.872   3.971   1.00 18.64 ? 77  SER A C   1 
ATOM   596  O O   . SER A 1 83  ? -0.350  1.682   5.137   1.00 18.96 ? 77  SER A O   1 
ATOM   597  C CB  . SER A 1 83  ? -0.759  4.180   3.004   1.00 21.80 ? 77  SER A CB  1 
ATOM   598  O OG  . SER A 1 83  ? -0.183  4.881   4.079   1.00 28.35 ? 77  SER A OG  1 
ATOM   599  N N   . THR A 1 84  ? -0.220  1.118   2.968   1.00 17.95 ? 78  THR A N   1 
ATOM   600  C CA  . THR A 1 84  ? 0.352   -0.179  3.203   1.00 18.15 ? 78  THR A CA  1 
ATOM   601  C C   . THR A 1 84  ? 1.606   -0.297  2.351   1.00 18.70 ? 78  THR A C   1 
ATOM   602  O O   . THR A 1 84  ? 1.787   0.468   1.417   1.00 20.16 ? 78  THR A O   1 
ATOM   603  C CB  . THR A 1 84  ? -0.694  -1.124  2.779   1.00 19.39 ? 78  THR A CB  1 
ATOM   604  O OG1 . THR A 1 84  ? -0.919  -1.298  1.412   1.00 10.43 ? 78  THR A OG1 1 
ATOM   605  C CG2 . THR A 1 84  ? -1.751  -1.441  3.714   1.00 23.90 ? 78  THR A CG2 1 
ATOM   606  N N   . GLY A 1 85  ? 2.500   -1.211  2.744   1.00 18.94 ? 79  GLY A N   1 
ATOM   607  C CA  . GLY A 1 85  ? 3.733   -1.471  2.013   1.00 18.07 ? 79  GLY A CA  1 
ATOM   608  C C   . GLY A 1 85  ? 3.431   -2.297  0.765   1.00 17.37 ? 79  GLY A C   1 
ATOM   609  O O   . GLY A 1 85  ? 2.418   -2.978  0.683   1.00 17.10 ? 79  GLY A O   1 
ATOM   610  N N   . GLY A 1 86  ? 4.319   -2.211  -0.223  1.00 17.73 ? 80  GLY A N   1 
ATOM   611  C CA  . GLY A 1 86  ? 4.122   -2.906  -1.503  1.00 18.00 ? 80  GLY A CA  1 
ATOM   612  C C   . GLY A 1 86  ? 3.922   -4.409  -1.418  1.00 19.59 ? 80  GLY A C   1 
ATOM   613  O O   . GLY A 1 86  ? 3.158   -4.998  -2.199  1.00 20.10 ? 80  GLY A O   1 
ATOM   614  N N   . GLY A 1 87  ? 4.582   -5.053  -0.456  1.00 18.65 ? 81  GLY A N   1 
ATOM   615  C CA  . GLY A 1 87  ? 4.432   -6.490  -0.304  1.00 19.97 ? 81  GLY A CA  1 
ATOM   616  C C   . GLY A 1 87  ? 3.269   -7.004  0.540   1.00 20.74 ? 81  GLY A C   1 
ATOM   617  O O   . GLY A 1 87  ? 3.120   -8.240  0.724   1.00 21.51 ? 81  GLY A O   1 
ATOM   618  N N   . ILE A 1 88  ? 2.433   -6.108  1.050   1.00 18.82 ? 82  ILE A N   1 
ATOM   619  C CA  . ILE A 1 88  ? 1.399   -6.510  1.981   1.00 19.47 ? 82  ILE A CA  1 
ATOM   620  C C   . ILE A 1 88  ? 0.379   -7.524  1.395   1.00 19.54 ? 82  ILE A C   1 
ATOM   621  O O   . ILE A 1 88  ? -0.256  -8.300  2.135   1.00 19.01 ? 82  ILE A O   1 
ATOM   622  C CB  . ILE A 1 88  ? 0.706   -5.296  2.577   1.00 19.95 ? 82  ILE A CB  1 
ATOM   623  C CG1 . ILE A 1 88  ? 0.080   -5.693  3.960   1.00 21.02 ? 82  ILE A CG1 1 
ATOM   624  C CG2 . ILE A 1 88  ? -0.370  -4.748  1.587   1.00 21.17 ? 82  ILE A CG2 1 
ATOM   625  C CD1 . ILE A 1 88  ? -0.269  -4.538  4.828   1.00 22.10 ? 82  ILE A CD1 1 
ATOM   626  N N   . VAL A 1 89  ? 0.251   -7.523  0.076   1.00 18.97 ? 83  VAL A N   1 
ATOM   627  C CA  . VAL A 1 89  ? -0.721  -8.393  -0.574  1.00 21.35 ? 83  VAL A CA  1 
ATOM   628  C C   . VAL A 1 89  ? -0.270  -9.854  -0.558  1.00 21.98 ? 83  VAL A C   1 
ATOM   629  O O   . VAL A 1 89  ? -1.061  -10.697 -0.941  1.00 22.71 ? 83  VAL A O   1 
ATOM   630  C CB  . VAL A 1 89  ? -1.063  -7.949  -2.036  1.00 21.52 ? 83  VAL A CB  1 
ATOM   631  C CG1 . VAL A 1 89  ? -2.007  -6.751  -2.009  1.00 22.67 ? 83  VAL A CG1 1 
ATOM   632  C CG2 . VAL A 1 89  ? 0.205   -7.669  -2.806  1.00 20.66 ? 83  VAL A CG2 1 
ATOM   633  N N   . MET A 1 90  ? 0.965   -10.152 -0.136  1.00 22.92 ? 84  MET A N   1 
ATOM   634  C CA  . MET A 1 90  ? 1.364   -11.541 0.076   1.00 25.16 ? 84  MET A CA  1 
ATOM   635  C C   . MET A 1 90  ? 0.562   -12.243 1.207   1.00 25.06 ? 84  MET A C   1 
ATOM   636  O O   . MET A 1 90  ? 0.504   -13.488 1.264   1.00 26.37 ? 84  MET A O   1 
ATOM   637  C CB  . MET A 1 90  ? 2.874   -11.650 0.307   1.00 26.85 ? 84  MET A CB  1 
ATOM   638  C CG  . MET A 1 90  ? 3.299   -11.441 1.727   1.00 30.39 ? 84  MET A CG  1 
ATOM   639  S SD  . MET A 1 90  ? 5.000   -11.963 2.002   1.00 43.18 ? 84  MET A SD  1 
ATOM   640  C CE  . MET A 1 90  ? 4.832   -13.489 2.861   1.00 39.81 ? 84  MET A CE  1 
ATOM   641  N N   . HIS A 1 91  ? -0.084  -11.469 2.070   1.00 23.20 ? 85  HIS A N   1 
ATOM   642  C CA  . HIS A 1 91  ? -0.778  -12.044 3.210   1.00 23.10 ? 85  HIS A CA  1 
ATOM   643  C C   . HIS A 1 91  ? -2.237  -12.390 2.949   1.00 24.26 ? 85  HIS A C   1 
ATOM   644  O O   . HIS A 1 91  ? -3.040  -11.524 2.530   1.00 22.53 ? 85  HIS A O   1 
ATOM   645  C CB  . HIS A 1 91  ? -0.662  -11.135 4.447   1.00 22.37 ? 85  HIS A CB  1 
ATOM   646  C CG  . HIS A 1 91  ? 0.740   -10.709 4.719   1.00 22.80 ? 85  HIS A CG  1 
ATOM   647  N ND1 . HIS A 1 91  ? 1.735   -11.618 5.007   1.00 24.26 ? 85  HIS A ND1 1 
ATOM   648  C CD2 . HIS A 1 91  ? 1.348   -9.495  4.628   1.00 18.94 ? 85  HIS A CD2 1 
ATOM   649  C CE1 . HIS A 1 91  ? 2.885   -10.979 5.132   1.00 25.29 ? 85  HIS A CE1 1 
ATOM   650  N NE2 . HIS A 1 91  ? 2.681   -9.693  4.897   1.00 20.63 ? 85  HIS A NE2 1 
ATOM   651  N N   . GLU A 1 92  ? -2.576  -13.658 3.223   1.00 24.22 ? 86  GLU A N   1 
ATOM   652  C CA  . GLU A 1 92  ? -3.953  -14.110 3.002   1.00 27.18 ? 86  GLU A CA  1 
ATOM   653  C C   . GLU A 1 92  ? -4.979  -13.369 3.895   1.00 26.15 ? 86  GLU A C   1 
ATOM   654  O O   . GLU A 1 92  ? -6.154  -13.195 3.519   1.00 26.04 ? 86  GLU A O   1 
ATOM   655  C CB  . GLU A 1 92  ? -4.034  -15.656 3.062   1.00 28.61 ? 86  GLU A CB  1 
ATOM   656  C CG  . GLU A 1 92  ? -5.052  -16.255 4.011   1.00 36.84 ? 86  GLU A CG  1 
ATOM   657  C CD  . GLU A 1 92  ? -4.712  -17.705 4.333   1.00 45.93 ? 86  GLU A CD  1 
ATOM   658  O OE1 . GLU A 1 92  ? -4.030  -17.928 5.366   1.00 49.71 ? 86  GLU A OE1 1 
ATOM   659  O OE2 . GLU A 1 92  ? -5.109  -18.615 3.546   1.00 47.76 ? 86  GLU A OE2 1 
ATOM   660  N N   . ASN A 1 93  ? -4.508  -12.854 5.026   1.00 24.19 ? 87  ASN A N   1 
ATOM   661  C CA  . ASN A 1 93  ? -5.363  -12.159 5.971   1.00 24.62 ? 87  ASN A CA  1 
ATOM   662  C C   . ASN A 1 93  ? -5.632  -10.700 5.644   1.00 23.42 ? 87  ASN A C   1 
ATOM   663  O O   . ASN A 1 93  ? -6.391  -10.067 6.340   1.00 23.22 ? 87  ASN A O   1 
ATOM   664  C CB  . ASN A 1 93  ? -4.890  -12.362 7.442   1.00 25.34 ? 87  ASN A CB  1 
ATOM   665  C CG  . ASN A 1 93  ? -3.551  -11.665 7.762   1.00 26.64 ? 87  ASN A CG  1 
ATOM   666  O OD1 . ASN A 1 93  ? -3.319  -11.166 8.880   1.00 28.21 ? 87  ASN A OD1 1 
ATOM   667  N ND2 . ASN A 1 93  ? -2.679  -11.640 6.792   1.00 27.18 ? 87  ASN A ND2 1 
ATOM   668  N N   . LEU A 1 94  ? -4.988  -10.157 4.601   1.00 22.74 ? 88  LEU A N   1 
ATOM   669  C CA  . LEU A 1 94  ? -5.221  -8.763  4.198   1.00 24.45 ? 88  LEU A CA  1 
ATOM   670  C C   . LEU A 1 94  ? -6.686  -8.591  3.769   1.00 25.53 ? 88  LEU A C   1 
ATOM   671  O O   . LEU A 1 94  ? -7.326  -7.567  4.047   1.00 24.61 ? 88  LEU A O   1 
ATOM   672  C CB  . LEU A 1 94  ? -4.268  -8.378  3.053   1.00 23.51 ? 88  LEU A CB  1 
ATOM   673  C CG  . LEU A 1 94  ? -3.902  -6.889  2.715   1.00 28.73 ? 88  LEU A CG  1 
ATOM   674  C CD1 . LEU A 1 94  ? -3.988  -6.591  1.236   1.00 27.16 ? 88  LEU A CD1 1 
ATOM   675  C CD2 . LEU A 1 94  ? -4.495  -5.783  3.546   1.00 27.41 ? 88  LEU A CD2 1 
ATOM   676  N N   . LYS A 1 95  ? -7.211  -9.629  3.111   1.00 27.50 ? 89  LYS A N   1 
ATOM   677  C CA  . LYS A 1 95  ? -8.650  -9.721  2.801   1.00 29.09 ? 89  LYS A CA  1 
ATOM   678  C C   . LYS A 1 95  ? -9.495  -9.580  4.062   1.00 27.50 ? 89  LYS A C   1 
ATOM   679  O O   . LYS A 1 95  ? -9.378  -10.351 5.059   1.00 28.08 ? 89  LYS A O   1 
ATOM   680  C CB  . LYS A 1 95  ? -8.968  -11.034 2.054   1.00 29.53 ? 89  LYS A CB  1 
ATOM   681  C CG  . LYS A 1 95  ? -10.409 -11.126 1.504   1.00 35.70 ? 89  LYS A CG  1 
ATOM   682  C CD  . LYS A 1 95  ? -10.856 -12.602 1.317   1.00 37.05 ? 89  LYS A CD  1 
ATOM   683  C CE  . LYS A 1 95  ? -12.275 -12.691 0.715   1.00 42.45 ? 89  LYS A CE  1 
ATOM   684  N NZ  . LYS A 1 95  ? -12.393 -12.149 -0.717  1.00 43.74 ? 89  LYS A NZ  1 
ATOM   685  N N   . GLY A 1 96  ? -10.399 -8.620  4.008   1.00 27.41 ? 90  GLY A N   1 
ATOM   686  C CA  . GLY A 1 96  ? -11.255 -8.313  5.136   1.00 24.45 ? 90  GLY A CA  1 
ATOM   687  C C   . GLY A 1 96  ? -10.752 -7.212  6.053   1.00 22.06 ? 90  GLY A C   1 
ATOM   688  O O   . GLY A 1 96  ? -11.486 -6.790  6.939   1.00 22.85 ? 90  GLY A O   1 
ATOM   689  N N   . LEU A 1 97  ? -9.549  -6.701  5.843   1.00 20.55 ? 91  LEU A N   1 
ATOM   690  C CA  . LEU A 1 97  ? -9.091  -5.598  6.668   1.00 19.09 ? 91  LEU A CA  1 
ATOM   691  C C   . LEU A 1 97  ? -10.015 -4.374  6.483   1.00 18.84 ? 91  LEU A C   1 
ATOM   692  O O   . LEU A 1 97  ? -10.434 -3.722  7.462   1.00 20.30 ? 91  LEU A O   1 
ATOM   693  C CB  . LEU A 1 97  ? -7.627  -5.226  6.342   1.00 18.31 ? 91  LEU A CB  1 
ATOM   694  C CG  . LEU A 1 97  ? -7.054  -4.010  7.079   1.00 19.65 ? 91  LEU A CG  1 
ATOM   695  C CD1 . LEU A 1 97  ? -7.207  -4.171  8.658   1.00 19.80 ? 91  LEU A CD1 1 
ATOM   696  C CD2 . LEU A 1 97  ? -5.572  -3.756  6.722   1.00 19.75 ? 91  LEU A CD2 1 
ATOM   697  N N   . GLY A 1 98  ? -10.354 -4.105  5.225   1.00 18.28 ? 92  GLY A N   1 
ATOM   698  C CA  . GLY A 1 98  ? -11.266 -3.024  4.907   1.00 17.14 ? 92  GLY A CA  1 
ATOM   699  C C   . GLY A 1 98  ? -11.558 -2.990  3.420   1.00 18.59 ? 92  GLY A C   1 
ATOM   700  O O   . GLY A 1 98  ? -11.299 -3.948  2.667   1.00 18.27 ? 92  GLY A O   1 
ATOM   701  N N   . THR A 1 99  ? -12.106 -1.850  2.996   1.00 18.66 ? 93  THR A N   1 
ATOM   702  C CA  . THR A 1 99  ? -12.376 -1.651  1.584   1.00 19.35 ? 93  THR A CA  1 
ATOM   703  C C   . THR A 1 99  ? -11.040 -1.338  0.927   1.00 18.71 ? 93  THR A C   1 
ATOM   704  O O   . THR A 1 99  ? -10.360 -0.403  1.363   1.00 20.40 ? 93  THR A O   1 
ATOM   705  C CB  . THR A 1 99  ? -13.287 -0.462  1.413   1.00 19.32 ? 93  THR A CB  1 
ATOM   706  O OG1 . THR A 1 99  ? -14.495 -0.674  2.159   1.00 22.24 ? 93  THR A OG1 1 
ATOM   707  C CG2 . THR A 1 99  ? -13.708 -0.340  -0.113  1.00 19.04 ? 93  THR A CG2 1 
ATOM   708  N N   . THR A 1 100 ? -10.639 -2.086  -0.080  1.00 18.28 ? 94  THR A N   1 
ATOM   709  C CA  . THR A 1 100 ? -9.247  -1.944  -0.516  1.00 20.27 ? 94  THR A CA  1 
ATOM   710  C C   . THR A 1 100 ? -9.175  -1.285  -1.906  1.00 18.91 ? 94  THR A C   1 
ATOM   711  O O   . THR A 1 100 ? -9.861  -1.720  -2.785  1.00 18.70 ? 94  THR A O   1 
ATOM   712  C CB  . THR A 1 100 ? -8.630  -3.333  -0.520  1.00 22.11 ? 94  THR A CB  1 
ATOM   713  O OG1 . THR A 1 100 ? -8.618  -3.826  0.839   1.00 27.09 ? 94  THR A OG1 1 
ATOM   714  C CG2 . THR A 1 100 ? -7.198  -3.271  -0.846  1.00 24.37 ? 94  THR A CG2 1 
ATOM   715  N N   . PHE A 1 101 ? -8.296  -0.283  -2.076  1.00 18.63 ? 95  PHE A N   1 
ATOM   716  C CA  . PHE A 1 101 ? -8.224  0.524   -3.284  1.00 18.14 ? 95  PHE A CA  1 
ATOM   717  C C   . PHE A 1 101 ? -6.838  0.271   -3.836  1.00 18.18 ? 95  PHE A C   1 
ATOM   718  O O   . PHE A 1 101 ? -5.836  0.568   -3.157  1.00 17.39 ? 95  PHE A O   1 
ATOM   719  C CB  . PHE A 1 101 ? -8.378  1.984   -2.874  1.00 17.82 ? 95  PHE A CB  1 
ATOM   720  C CG  . PHE A 1 101 ? -9.736  2.298   -2.361  1.00 18.39 ? 95  PHE A CG  1 
ATOM   721  C CD1 . PHE A 1 101 ? -10.039 2.187   -0.977  1.00 19.69 ? 95  PHE A CD1 1 
ATOM   722  C CD2 . PHE A 1 101 ? -10.707 2.716   -3.240  1.00 15.97 ? 95  PHE A CD2 1 
ATOM   723  C CE1 . PHE A 1 101 ? -11.307 2.493   -0.526  1.00 18.58 ? 95  PHE A CE1 1 
ATOM   724  C CE2 . PHE A 1 101 ? -11.980 3.026   -2.783  1.00 18.64 ? 95  PHE A CE2 1 
ATOM   725  C CZ  . PHE A 1 101 ? -12.277 2.905   -1.438  1.00 17.38 ? 95  PHE A CZ  1 
ATOM   726  N N   . TYR A 1 102 ? -6.765  -0.325  -5.037  1.00 16.77 ? 96  TYR A N   1 
ATOM   727  C CA  . TYR A 1 102 ? -5.486  -0.444  -5.734  1.00 16.40 ? 96  TYR A CA  1 
ATOM   728  C C   . TYR A 1 102 ? -5.200  0.841   -6.515  1.00 15.67 ? 96  TYR A C   1 
ATOM   729  O O   . TYR A 1 102 ? -5.969  1.227   -7.388  1.00 15.55 ? 96  TYR A O   1 
ATOM   730  C CB  . TYR A 1 102 ? -5.511  -1.667  -6.688  1.00 16.72 ? 96  TYR A CB  1 
ATOM   731  C CG  . TYR A 1 102 ? -4.344  -1.788  -7.645  1.00 16.68 ? 96  TYR A CG  1 
ATOM   732  C CD1 . TYR A 1 102 ? -4.527  -2.305  -8.917  1.00 19.77 ? 96  TYR A CD1 1 
ATOM   733  C CD2 . TYR A 1 102 ? -3.032  -1.385  -7.284  1.00 18.13 ? 96  TYR A CD2 1 
ATOM   734  C CE1 . TYR A 1 102 ? -3.469  -2.460  -9.800  1.00 22.41 ? 96  TYR A CE1 1 
ATOM   735  C CE2 . TYR A 1 102 ? -1.971  -1.509  -8.170  1.00 19.31 ? 96  TYR A CE2 1 
ATOM   736  C CZ  . TYR A 1 102 ? -2.202  -2.066  -9.454  1.00 22.02 ? 96  TYR A CZ  1 
ATOM   737  O OH  . TYR A 1 102 ? -1.138  -2.205  -10.357 1.00 21.98 ? 96  TYR A OH  1 
ATOM   738  N N   . LEU A 1 103 ? -4.165  1.572   -6.107  1.00 14.47 ? 97  LEU A N   1 
ATOM   739  C CA  . LEU A 1 103 ? -3.794  2.809   -6.806  1.00 16.96 ? 97  LEU A CA  1 
ATOM   740  C C   . LEU A 1 103 ? -2.987  2.421   -8.045  1.00 17.20 ? 97  LEU A C   1 
ATOM   741  O O   . LEU A 1 103 ? -1.774  2.241   -7.988  1.00 17.61 ? 97  LEU A O   1 
ATOM   742  C CB  . LEU A 1 103 ? -2.942  3.686   -5.843  1.00 17.68 ? 97  LEU A CB  1 
ATOM   743  C CG  . LEU A 1 103 ? -2.627  5.110   -6.298  1.00 20.64 ? 97  LEU A CG  1 
ATOM   744  C CD1 . LEU A 1 103 ? -3.955  5.921   -6.671  1.00 22.93 ? 97  LEU A CD1 1 
ATOM   745  C CD2 . LEU A 1 103 ? -1.826  5.788   -5.148  1.00 21.43 ? 97  LEU A CD2 1 
ATOM   746  N N   . LYS A 1 104 ? -3.672  2.266   -9.181  1.00 17.71 ? 98  LYS A N   1 
ATOM   747  C CA  . LYS A 1 104 ? -3.093  1.616   -10.371 1.00 17.17 ? 98  LYS A CA  1 
ATOM   748  C C   . LYS A 1 104 ? -2.410  2.635   -11.277 1.00 19.37 ? 98  LYS A C   1 
ATOM   749  O O   . LYS A 1 104 ? -3.050  3.560   -11.785 1.00 19.52 ? 98  LYS A O   1 
ATOM   750  C CB  . LYS A 1 104 ? -4.193  0.869   -11.153 1.00 17.40 ? 98  LYS A CB  1 
ATOM   751  C CG  . LYS A 1 104 ? -3.667  0.094   -12.411 1.00 16.56 ? 98  LYS A CG  1 
ATOM   752  C CD  . LYS A 1 104 ? -4.709  -0.804  -13.001 1.00 19.22 ? 98  LYS A CD  1 
ATOM   753  C CE  . LYS A 1 104 ? -4.191  -1.432  -14.333 1.00 22.51 ? 98  LYS A CE  1 
ATOM   754  N NZ  . LYS A 1 104 ? -5.175  -2.529  -14.689 1.00 23.64 ? 98  LYS A NZ  1 
ATOM   755  N N   . MET A 1 105 ? -1.092  2.469   -11.422 1.00 21.78 ? 99  MET A N   1 
ATOM   756  C CA  . MET A 1 105 ? -0.283  3.230   -12.400 1.00 24.53 ? 99  MET A CA  1 
ATOM   757  C C   . MET A 1 105 ? 0.245   2.244   -13.401 1.00 25.68 ? 99  MET A C   1 
ATOM   758  O O   . MET A 1 105 ? 0.639   1.134   -13.028 1.00 24.62 ? 99  MET A O   1 
ATOM   759  C CB  . MET A 1 105 ? 0.994   3.776   -11.792 1.00 25.75 ? 99  MET A CB  1 
ATOM   760  C CG  . MET A 1 105 ? 0.972   4.443   -10.534 1.00 30.06 ? 99  MET A CG  1 
ATOM   761  S SD  . MET A 1 105 ? 2.442   5.493   -10.676 1.00 38.27 ? 99  MET A SD  1 
ATOM   762  C CE  . MET A 1 105 ? 1.457   7.097   -10.173 1.00 31.48 ? 99  MET A CE  1 
ATOM   763  N N   . ASP A 1 106 ? 0.308   2.666   -14.667 1.00 24.63 ? 100 ASP A N   1 
ATOM   764  C CA  . ASP A 1 106 ? 1.027   1.905   -15.667 1.00 25.88 ? 100 ASP A CA  1 
ATOM   765  C C   . ASP A 1 106 ? 2.538   1.853   -15.304 1.00 23.62 ? 100 ASP A C   1 
ATOM   766  O O   . ASP A 1 106 ? 3.081   2.726   -14.602 1.00 23.69 ? 100 ASP A O   1 
ATOM   767  C CB  . ASP A 1 106 ? 0.840   2.584   -17.037 1.00 27.12 ? 100 ASP A CB  1 
ATOM   768  C CG  . ASP A 1 106 ? 1.309   4.016   -17.027 1.00 32.65 ? 100 ASP A CG  1 
ATOM   769  O OD1 . ASP A 1 106 ? 2.413   4.308   -17.533 1.00 37.39 ? 100 ASP A OD1 1 
ATOM   770  O OD2 . ASP A 1 106 ? 0.678   4.950   -16.488 1.00 41.51 ? 100 ASP A OD2 1 
ATOM   771  N N   . PHE A 1 107 ? 3.192   0.825   -15.806 1.00 22.98 ? 101 PHE A N   1 
ATOM   772  C CA  . PHE A 1 107 ? 4.611   0.578   -15.600 1.00 23.44 ? 101 PHE A CA  1 
ATOM   773  C C   . PHE A 1 107 ? 5.483   1.769   -15.963 1.00 24.18 ? 101 PHE A C   1 
ATOM   774  O O   . PHE A 1 107 ? 6.333   2.139   -15.190 1.00 23.38 ? 101 PHE A O   1 
ATOM   775  C CB  . PHE A 1 107 ? 5.025   -0.656  -16.408 1.00 22.56 ? 101 PHE A CB  1 
ATOM   776  C CG  . PHE A 1 107 ? 6.442   -1.081  -16.193 1.00 23.25 ? 101 PHE A CG  1 
ATOM   777  C CD1 . PHE A 1 107 ? 7.382   -0.949  -17.227 1.00 24.65 ? 101 PHE A CD1 1 
ATOM   778  C CD2 . PHE A 1 107 ? 6.849   -1.659  -14.987 1.00 22.33 ? 101 PHE A CD2 1 
ATOM   779  C CE1 . PHE A 1 107 ? 8.714   -1.351  -17.014 1.00 24.06 ? 101 PHE A CE1 1 
ATOM   780  C CE2 . PHE A 1 107 ? 8.128   -2.084  -14.808 1.00 21.35 ? 101 PHE A CE2 1 
ATOM   781  C CZ  . PHE A 1 107 ? 9.079   -1.915  -15.834 1.00 25.33 ? 101 PHE A CZ  1 
ATOM   782  N N   . GLU A 1 108 ? 5.257   2.373   -17.126 1.00 24.37 ? 102 GLU A N   1 
ATOM   783  C CA  . GLU A 1 108 ? 6.186   3.425   -17.555 1.00 27.76 ? 102 GLU A CA  1 
ATOM   784  C C   . GLU A 1 108 ? 6.124   4.665   -16.644 1.00 26.64 ? 102 GLU A C   1 
ATOM   785  O O   . GLU A 1 108 ? 7.153   5.226   -16.317 1.00 27.49 ? 102 GLU A O   1 
ATOM   786  C CB  . GLU A 1 108 ? 5.953   3.802   -19.016 1.00 29.33 ? 102 GLU A CB  1 
ATOM   787  C CG  . GLU A 1 108 ? 6.248   2.630   -19.956 1.00 34.38 ? 102 GLU A CG  1 
ATOM   788  C CD  . GLU A 1 108 ? 5.177   1.512   -19.998 1.00 41.60 ? 102 GLU A CD  1 
ATOM   789  O OE1 . GLU A 1 108 ? 5.443   0.503   -20.701 1.00 45.64 ? 102 GLU A OE1 1 
ATOM   790  O OE2 . GLU A 1 108 ? 4.072   1.602   -19.369 1.00 41.98 ? 102 GLU A OE2 1 
ATOM   791  N N   . THR A 1 109 ? 4.920   5.028   -16.221 1.00 27.15 ? 103 THR A N   1 
ATOM   792  C CA  . THR A 1 109 ? 4.732   6.122   -15.255 1.00 27.78 ? 103 THR A CA  1 
ATOM   793  C C   . THR A 1 109 ? 5.395   5.842   -13.924 1.00 25.98 ? 103 THR A C   1 
ATOM   794  O O   . THR A 1 109 ? 6.008   6.739   -13.302 1.00 25.69 ? 103 THR A O   1 
ATOM   795  C CB  . THR A 1 109 ? 3.241   6.401   -15.067 1.00 28.74 ? 103 THR A CB  1 
ATOM   796  O OG1 . THR A 1 109 ? 2.690   6.686   -16.357 1.00 35.54 ? 103 THR A OG1 1 
ATOM   797  C CG2 . THR A 1 109 ? 3.006   7.709   -14.308 1.00 29.65 ? 103 THR A CG2 1 
ATOM   798  N N   . LEU A 1 110 ? 5.214   4.610   -13.461 1.00 24.15 ? 104 LEU A N   1 
ATOM   799  C CA  . LEU A 1 110 ? 5.735   4.197   -12.175 1.00 23.29 ? 104 LEU A CA  1 
ATOM   800  C C   . LEU A 1 110 ? 7.230   4.221   -12.188 1.00 21.93 ? 104 LEU A C   1 
ATOM   801  O O   . LEU A 1 110 ? 7.844   4.648   -11.226 1.00 24.05 ? 104 LEU A O   1 
ATOM   802  C CB  . LEU A 1 110 ? 5.243   2.764   -11.872 1.00 22.60 ? 104 LEU A CB  1 
ATOM   803  C CG  . LEU A 1 110 ? 5.134   2.180   -10.459 1.00 28.17 ? 104 LEU A CG  1 
ATOM   804  C CD1 . LEU A 1 110 ? 5.822   0.799   -10.270 1.00 26.74 ? 104 LEU A CD1 1 
ATOM   805  C CD2 . LEU A 1 110 ? 5.224   3.193   -9.242  1.00 25.85 ? 104 LEU A CD2 1 
ATOM   806  N N   . ILE A 1 111 ? 7.851   3.759   -13.277 1.00 23.66 ? 105 ILE A N   1 
ATOM   807  C CA  . ILE A 1 111 ? 9.308   3.779   -13.361 1.00 24.19 ? 105 ILE A CA  1 
ATOM   808  C C   . ILE A 1 111 ? 9.807   5.228   -13.364 1.00 24.31 ? 105 ILE A C   1 
ATOM   809  O O   . ILE A 1 111 ? 10.779  5.547   -12.698 1.00 23.92 ? 105 ILE A O   1 
ATOM   810  C CB  . ILE A 1 111 ? 9.816   2.985   -14.605 1.00 23.73 ? 105 ILE A CB  1 
ATOM   811  C CG1 . ILE A 1 111 ? 9.648   1.477   -14.355 1.00 25.90 ? 105 ILE A CG1 1 
ATOM   812  C CG2 . ILE A 1 111 ? 11.245  3.372   -14.930 1.00 26.27 ? 105 ILE A CG2 1 
ATOM   813  C CD1 . ILE A 1 111 ? 10.599  0.856   -13.365 1.00 28.17 ? 105 ILE A CD1 1 
ATOM   814  N N   . LYS A 1 112 ? 9.103   6.090   -14.072 1.00 27.14 ? 106 LYS A N   1 
ATOM   815  C CA  . LYS A 1 112 ? 9.424   7.505   -14.072 1.00 29.54 ? 106 LYS A CA  1 
ATOM   816  C C   . LYS A 1 112 ? 9.373   8.054   -12.640 1.00 30.16 ? 106 LYS A C   1 
ATOM   817  O O   . LYS A 1 112 ? 10.326  8.668   -12.160 1.00 30.01 ? 106 LYS A O   1 
ATOM   818  C CB  . LYS A 1 112 ? 8.464   8.239   -15.017 1.00 29.93 ? 106 LYS A CB  1 
ATOM   819  C CG  . LYS A 1 112 ? 9.200   9.167   -16.017 1.00 36.98 ? 106 LYS A CG  1 
ATOM   820  C CD  . LYS A 1 112 ? 8.228   9.995   -16.900 1.00 38.39 ? 106 LYS A CD  1 
ATOM   821  C CE  . LYS A 1 112 ? 8.023   11.431  -16.314 1.00 44.28 ? 106 LYS A CE  1 
ATOM   822  N NZ  . LYS A 1 112 ? 7.762   12.430  -17.414 1.00 41.79 ? 106 LYS A NZ  1 
ATOM   823  N N   . ARG A 1 113 ? 8.271   7.792   -11.948 1.00 30.36 ? 107 ARG A N   1 
ATOM   824  C CA  . ARG A 1 113 ? 8.107   8.273   -10.575 1.00 30.37 ? 107 ARG A CA  1 
ATOM   825  C C   . ARG A 1 113 ? 9.207   7.732   -9.663  1.00 30.58 ? 107 ARG A C   1 
ATOM   826  O O   . ARG A 1 113 ? 9.780   8.496   -8.880  1.00 31.29 ? 107 ARG A O   1 
ATOM   827  C CB  . ARG A 1 113 ? 6.726   7.904   -10.030 1.00 29.58 ? 107 ARG A CB  1 
ATOM   828  C CG  . ARG A 1 113 ? 5.562   8.798   -10.402 1.00 33.40 ? 107 ARG A CG  1 
ATOM   829  C CD  . ARG A 1 113 ? 4.332   8.505   -9.501  1.00 37.04 ? 107 ARG A CD  1 
ATOM   830  N NE  . ARG A 1 113 ? 3.745   9.645   -8.758  1.00 43.03 ? 107 ARG A NE  1 
ATOM   831  C CZ  . ARG A 1 113 ? 3.791   9.797   -7.427  1.00 45.19 ? 107 ARG A CZ  1 
ATOM   832  N NH1 . ARG A 1 113 ? 4.461   8.938   -6.657  1.00 46.58 ? 107 ARG A NH1 1 
ATOM   833  N NH2 . ARG A 1 113 ? 3.210   10.854  -6.852  1.00 50.98 ? 107 ARG A NH2 1 
ATOM   834  N N   . LEU A 1 114 ? 9.521   6.432   -9.754  1.00 30.87 ? 108 LEU A N   1 
ATOM   835  C CA  . LEU A 1 114 ? 10.596  5.845   -8.936  1.00 32.16 ? 108 LEU A CA  1 
ATOM   836  C C   . LEU A 1 114 ? 11.984  6.417   -9.227  1.00 34.13 ? 108 LEU A C   1 
ATOM   837  O O   . LEU A 1 114 ? 12.778  6.643   -8.301  1.00 34.23 ? 108 LEU A O   1 
ATOM   838  C CB  . LEU A 1 114 ? 10.648  4.318   -9.092  1.00 32.02 ? 108 LEU A CB  1 
ATOM   839  C CG  . LEU A 1 114 ? 9.456   3.544   -8.501  1.00 32.24 ? 108 LEU A CG  1 
ATOM   840  C CD1 . LEU A 1 114 ? 9.539   2.081   -8.935  1.00 32.09 ? 108 LEU A CD1 1 
ATOM   841  C CD2 . LEU A 1 114 ? 9.405   3.652   -6.999  1.00 31.75 ? 108 LEU A CD2 1 
ATOM   842  N N   . ASN A 1 115 ? 12.301  6.567   -10.513 1.00 36.54 ? 109 ASN A N   1 
ATOM   843  C CA  . ASN A 1 115 ? 13.422  7.391   -10.944 1.00 39.09 ? 109 ASN A CA  1 
ATOM   844  C C   . ASN A 1 115 ? 12.919  8.778   -10.576 1.00 40.97 ? 109 ASN A C   1 
ATOM   845  O O   . ASN A 1 115 ? 12.086  9.335   -11.290 1.00 42.82 ? 109 ASN A O   1 
ATOM   846  C CB  . ASN A 1 115 ? 13.596  7.312   -12.462 1.00 38.26 ? 109 ASN A CB  1 
ATOM   847  C CG  . ASN A 1 115 ? 14.072  5.935   -12.948 1.00 39.20 ? 109 ASN A CG  1 
ATOM   848  O OD1 . ASN A 1 115 ? 14.640  5.138   -12.207 1.00 41.93 ? 109 ASN A OD1 1 
ATOM   849  N ND2 . ASN A 1 115 ? 13.834  5.667   -14.211 1.00 40.56 ? 109 ASN A ND2 1 
ATOM   850  N N   . GLN A 1 116 ? 13.343  9.343   -9.465  1.00 42.61 ? 110 GLN A N   1 
ATOM   851  C CA  . GLN A 1 116 ? 12.479  10.406  -8.901  1.00 43.06 ? 110 GLN A CA  1 
ATOM   852  C C   . GLN A 1 116 ? 12.228  11.567  -9.863  1.00 43.68 ? 110 GLN A C   1 
ATOM   853  O O   . GLN A 1 116 ? 11.078  11.923  -10.156 1.00 43.48 ? 110 GLN A O   1 
ATOM   854  C CB  . GLN A 1 116 ? 12.966  10.869  -7.538  1.00 43.27 ? 110 GLN A CB  1 
ATOM   855  C CG  . GLN A 1 116 ? 12.323  10.039  -6.387  1.00 43.15 ? 110 GLN A CG  1 
ATOM   856  C CD  . GLN A 1 116 ? 13.322  9.175   -5.616  1.00 42.00 ? 110 GLN A CD  1 
ATOM   857  O OE1 . GLN A 1 116 ? 13.865  8.196   -6.148  1.00 38.07 ? 110 GLN A OE1 1 
ATOM   858  N NE2 . GLN A 1 116 ? 13.560  9.529   -4.357  1.00 41.27 ? 110 GLN A NE2 1 
ATOM   859  N N   . LEU A 1 125 ? 20.582  -3.185  -21.715 1.00 55.29 ? 119 LEU A N   1 
ATOM   860  C CA  . LEU A 1 125 ? 21.469  -4.263  -21.278 1.00 55.37 ? 119 LEU A CA  1 
ATOM   861  C C   . LEU A 1 125 ? 20.612  -5.328  -20.602 1.00 54.68 ? 119 LEU A C   1 
ATOM   862  O O   . LEU A 1 125 ? 21.036  -5.933  -19.614 1.00 54.76 ? 119 LEU A O   1 
ATOM   863  C CB  . LEU A 1 125 ? 22.549  -3.738  -20.305 1.00 55.81 ? 119 LEU A CB  1 
ATOM   864  C CG  . LEU A 1 125 ? 22.549  -2.321  -19.690 1.00 56.73 ? 119 LEU A CG  1 
ATOM   865  C CD1 . LEU A 1 125 ? 21.469  -2.103  -18.596 1.00 55.89 ? 119 LEU A CD1 1 
ATOM   866  C CD2 . LEU A 1 125 ? 23.950  -1.972  -19.158 1.00 57.70 ? 119 LEU A CD2 1 
ATOM   867  N N   . ASN A 1 126 ? 19.422  -5.540  -21.188 1.00 53.20 ? 120 ASN A N   1 
ATOM   868  C CA  . ASN A 1 126 ? 18.200  -6.140  -20.585 1.00 50.89 ? 120 ASN A CA  1 
ATOM   869  C C   . ASN A 1 126 ? 17.378  -5.269  -19.583 1.00 48.25 ? 120 ASN A C   1 
ATOM   870  O O   . ASN A 1 126 ? 16.180  -5.513  -19.411 1.00 47.04 ? 120 ASN A O   1 
ATOM   871  C CB  . ASN A 1 126 ? 18.373  -7.605  -20.159 1.00 52.09 ? 120 ASN A CB  1 
ATOM   872  C CG  . ASN A 1 126 ? 18.710  -7.774  -18.673 1.00 55.03 ? 120 ASN A CG  1 
ATOM   873  O OD1 . ASN A 1 126 ? 19.882  -7.739  -18.294 1.00 56.18 ? 120 ASN A OD1 1 
ATOM   874  N ND2 . ASN A 1 126 ? 17.682  -7.979  -17.831 1.00 58.03 ? 120 ASN A ND2 1 
ATOM   875  N N   . ASN A 1 127 ? 18.028  -4.226  -19.044 1.00 44.91 ? 121 ASN A N   1 
ATOM   876  C CA  . ASN A 1 127 ? 17.505  -3.229  -18.059 1.00 41.77 ? 121 ASN A CA  1 
ATOM   877  C C   . ASN A 1 127 ? 16.127  -3.375  -17.346 1.00 37.94 ? 121 ASN A C   1 
ATOM   878  O O   . ASN A 1 127 ? 16.126  -3.710  -16.172 1.00 38.42 ? 121 ASN A O   1 
ATOM   879  C CB  . ASN A 1 127 ? 18.072  -1.780  -18.281 1.00 42.16 ? 121 ASN A CB  1 
ATOM   880  C CG  . ASN A 1 127 ? 17.123  -0.817  -18.998 1.00 45.09 ? 121 ASN A CG  1 
ATOM   881  O OD1 . ASN A 1 127 ? 16.257  -1.209  -19.787 1.00 49.34 ? 121 ASN A OD1 1 
ATOM   882  N ND2 . ASN A 1 127 ? 17.307  0.468   -18.734 1.00 46.57 ? 121 ASN A ND2 1 
ATOM   883  N N   . LEU A 1 128 ? 14.978  -3.122  -17.987 1.00 32.61 ? 122 LEU A N   1 
ATOM   884  C CA  . LEU A 1 128 ? 13.711  -3.161  -17.233 1.00 29.27 ? 122 LEU A CA  1 
ATOM   885  C C   . LEU A 1 128 ? 12.948  -4.501  -17.299 1.00 26.69 ? 122 LEU A C   1 
ATOM   886  O O   . LEU A 1 128 ? 11.854  -4.602  -16.782 1.00 23.59 ? 122 LEU A O   1 
ATOM   887  C CB  . LEU A 1 128 ? 12.791  -1.982  -17.615 1.00 29.06 ? 122 LEU A CB  1 
ATOM   888  C CG  . LEU A 1 128 ? 13.456  -0.614  -17.397 1.00 30.67 ? 122 LEU A CG  1 
ATOM   889  C CD1 . LEU A 1 128 ? 12.629  0.478   -18.018 1.00 34.18 ? 122 LEU A CD1 1 
ATOM   890  C CD2 . LEU A 1 128 ? 13.639  -0.381  -15.896 1.00 33.03 ? 122 LEU A CD2 1 
ATOM   891  N N   . THR A 1 129 ? 13.538  -5.524  -17.927 1.00 24.53 ? 123 THR A N   1 
ATOM   892  C CA  . THR A 1 129 ? 12.850  -6.785  -18.129 1.00 23.47 ? 123 THR A CA  1 
ATOM   893  C C   . THR A 1 129 ? 12.411  -7.444  -16.837 1.00 23.98 ? 123 THR A C   1 
ATOM   894  O O   . THR A 1 129 ? 11.245  -7.834  -16.712 1.00 25.87 ? 123 THR A O   1 
ATOM   895  C CB  . THR A 1 129 ? 13.765  -7.765  -18.945 1.00 23.97 ? 123 THR A CB  1 
ATOM   896  O OG1 . THR A 1 129 ? 13.865  -7.266  -20.278 1.00 22.50 ? 123 THR A OG1 1 
ATOM   897  C CG2 . THR A 1 129 ? 13.087  -9.167  -19.100 1.00 23.82 ? 123 THR A CG2 1 
ATOM   898  N N   . GLN A 1 130 ? 13.329  -7.542  -15.884 1.00 23.83 ? 124 GLN A N   1 
ATOM   899  C CA  . GLN A 1 130 ? 13.054  -8.163  -14.590 1.00 24.81 ? 124 GLN A CA  1 
ATOM   900  C C   . GLN A 1 130 ? 12.058  -7.302  -13.779 1.00 24.57 ? 124 GLN A C   1 
ATOM   901  O O   . GLN A 1 130 ? 11.113  -7.826  -13.207 1.00 24.66 ? 124 GLN A O   1 
ATOM   902  C CB  . GLN A 1 130 ? 14.341  -8.387  -13.807 1.00 25.91 ? 124 GLN A CB  1 
ATOM   903  C CG  . GLN A 1 130 ? 15.332  -9.400  -14.404 1.00 28.15 ? 124 GLN A CG  1 
ATOM   904  C CD  . GLN A 1 130 ? 16.361  -9.804  -13.349 1.00 31.99 ? 124 GLN A CD  1 
ATOM   905  O OE1 . GLN A 1 130 ? 17.095  -8.968  -12.859 1.00 34.21 ? 124 GLN A OE1 1 
ATOM   906  N NE2 . GLN A 1 130 ? 16.370  -11.066 -12.974 1.00 31.24 ? 124 GLN A NE2 1 
ATOM   907  N N   . ALA A 1 131 ? 12.240  -5.983  -13.813 1.00 24.08 ? 125 ALA A N   1 
ATOM   908  C CA  . ALA A 1 131 ? 11.313  -5.033  -13.155 1.00 23.15 ? 125 ALA A CA  1 
ATOM   909  C C   . ALA A 1 131 ? 9.874   -5.193  -13.664 1.00 22.15 ? 125 ALA A C   1 
ATOM   910  O O   . ALA A 1 131 ? 8.904   -5.167  -12.883 1.00 22.66 ? 125 ALA A O   1 
ATOM   911  C CB  . ALA A 1 131 ? 11.796  -3.575  -13.335 1.00 23.64 ? 125 ALA A CB  1 
ATOM   912  N N   . LYS A 1 132 ? 9.733   -5.394  -14.959 1.00 20.70 ? 126 LYS A N   1 
ATOM   913  C CA  . LYS A 1 132 ? 8.430   -5.570  -15.598 1.00 20.32 ? 126 LYS A CA  1 
ATOM   914  C C   . LYS A 1 132 ? 7.802   -6.925  -15.228 1.00 21.85 ? 126 LYS A C   1 
ATOM   915  O O   . LYS A 1 132 ? 6.580   -7.006  -15.017 1.00 20.87 ? 126 LYS A O   1 
ATOM   916  C CB  . LYS A 1 132 ? 8.576   -5.370  -17.135 1.00 20.76 ? 126 LYS A CB  1 
ATOM   917  C CG  . LYS A 1 132 ? 7.285   -5.469  -17.958 1.00 22.30 ? 126 LYS A CG  1 
ATOM   918  C CD  . LYS A 1 132 ? 6.214   -4.511  -17.396 1.00 24.75 ? 126 LYS A CD  1 
ATOM   919  C CE  . LYS A 1 132 ? 5.275   -4.047  -18.493 1.00 28.62 ? 126 LYS A CE  1 
ATOM   920  N NZ  . LYS A 1 132 ? 4.350   -5.144  -18.857 1.00 31.20 ? 126 LYS A NZ  1 
ATOM   921  N N   . GLU A 1 133 ? 8.615   -7.985  -15.090 1.00 22.60 ? 127 GLU A N   1 
ATOM   922  C CA  . GLU A 1 133 ? 8.066   -9.275  -14.611 1.00 22.42 ? 127 GLU A CA  1 
ATOM   923  C C   . GLU A 1 133 ? 7.533   -9.136  -13.216 1.00 21.71 ? 127 GLU A C   1 
ATOM   924  O O   . GLU A 1 133 ? 6.445   -9.686  -12.885 1.00 22.75 ? 127 GLU A O   1 
ATOM   925  C CB  . GLU A 1 133 ? 9.136   -10.376 -14.533 1.00 22.61 ? 127 GLU A CB  1 
ATOM   926  C CG  . GLU A 1 133 ? 9.825   -10.593 -15.835 1.00 25.02 ? 127 GLU A CG  1 
ATOM   927  C CD  . GLU A 1 133 ? 11.026  -11.515 -15.732 1.00 28.38 ? 127 GLU A CD  1 
ATOM   928  O OE1 . GLU A 1 133 ? 11.684  -11.687 -14.636 1.00 28.44 ? 127 GLU A OE1 1 
ATOM   929  O OE2 . GLU A 1 133 ? 11.322  -12.060 -16.799 1.00 30.36 ? 127 GLU A OE2 1 
ATOM   930  N N   . LEU A 1 134 ? 8.297   -8.446  -12.383 1.00 21.69 ? 128 LEU A N   1 
ATOM   931  C CA  . LEU A 1 134 ? 7.918   -8.259  -10.977 1.00 22.69 ? 128 LEU A CA  1 
ATOM   932  C C   . LEU A 1 134 ? 6.648   -7.393  -10.920 1.00 22.43 ? 128 LEU A C   1 
ATOM   933  O O   . LEU A 1 134 ? 5.698   -7.722  -10.171 1.00 21.71 ? 128 LEU A O   1 
ATOM   934  C CB  . LEU A 1 134 ? 9.071   -7.666  -10.155 1.00 24.38 ? 128 LEU A CB  1 
ATOM   935  C CG  . LEU A 1 134 ? 8.803   -7.241  -8.707  1.00 30.06 ? 128 LEU A CG  1 
ATOM   936  C CD1 . LEU A 1 134 ? 8.372   -8.416  -7.806  1.00 34.84 ? 128 LEU A CD1 1 
ATOM   937  C CD2 . LEU A 1 134 ? 10.060  -6.568  -8.123  1.00 34.55 ? 128 LEU A CD2 1 
ATOM   938  N N   . PHE A 1 135 ? 6.615   -6.360  -11.775 1.00 19.40 ? 129 PHE A N   1 
ATOM   939  C CA  . PHE A 1 135 ? 5.413   -5.532  -11.961 1.00 19.77 ? 129 PHE A CA  1 
ATOM   940  C C   . PHE A 1 135 ? 4.167   -6.372  -12.317 1.00 20.54 ? 129 PHE A C   1 
ATOM   941  O O   . PHE A 1 135 ? 3.101   -6.244  -11.695 1.00 18.87 ? 129 PHE A O   1 
ATOM   942  C CB  . PHE A 1 135 ? 5.662   -4.402  -13.000 1.00 18.78 ? 129 PHE A CB  1 
ATOM   943  C CG  . PHE A 1 135 ? 4.451   -3.518  -13.227 1.00 21.51 ? 129 PHE A CG  1 
ATOM   944  C CD1 . PHE A 1 135 ? 4.297   -2.353  -12.473 1.00 22.49 ? 129 PHE A CD1 1 
ATOM   945  C CD2 . PHE A 1 135 ? 3.488   -3.843  -14.200 1.00 20.93 ? 129 PHE A CD2 1 
ATOM   946  C CE1 . PHE A 1 135 ? 3.181   -1.483  -12.704 1.00 20.27 ? 129 PHE A CE1 1 
ATOM   947  C CE2 . PHE A 1 135 ? 2.342   -3.008  -14.399 1.00 21.25 ? 129 PHE A CE2 1 
ATOM   948  C CZ  . PHE A 1 135 ? 2.215   -1.834  -13.654 1.00 20.80 ? 129 PHE A CZ  1 
ATOM   949  N N   . GLU A 1 136 ? 4.268   -7.235  -13.340 1.00 19.49 ? 130 GLU A N   1 
ATOM   950  C CA  . GLU A 1 136 ? 3.079   -7.942  -13.757 1.00 21.36 ? 130 GLU A CA  1 
ATOM   951  C C   . GLU A 1 136 ? 2.617   -8.894  -12.667 1.00 21.36 ? 130 GLU A C   1 
ATOM   952  O O   . GLU A 1 136 ? 1.402   -9.043  -12.457 1.00 22.56 ? 130 GLU A O   1 
ATOM   953  C CB  . GLU A 1 136 ? 3.292   -8.706  -15.083 1.00 22.74 ? 130 GLU A CB  1 
ATOM   954  C CG  . GLU A 1 136 ? 3.405   -7.824  -16.312 1.00 24.44 ? 130 GLU A CG  1 
ATOM   955  C CD  . GLU A 1 136 ? 2.174   -7.006  -16.587 1.00 27.95 ? 130 GLU A CD  1 
ATOM   956  O OE1 . GLU A 1 136 ? 1.057   -7.533  -16.413 1.00 32.00 ? 130 GLU A OE1 1 
ATOM   957  O OE2 . GLU A 1 136 ? 2.331   -5.841  -16.995 1.00 28.04 ? 130 GLU A OE2 1 
ATOM   958  N N   . LYS A 1 137 ? 3.549   -9.554  -11.988 1.00 22.64 ? 131 LYS A N   1 
ATOM   959  C CA  . LYS A 1 137 ? 3.129   -10.519 -10.952 1.00 23.61 ? 131 LYS A CA  1 
ATOM   960  C C   . LYS A 1 137 ? 2.498   -9.799  -9.735  1.00 22.56 ? 131 LYS A C   1 
ATOM   961  O O   . LYS A 1 137 ? 1.477   -10.225 -9.203  1.00 21.39 ? 131 LYS A O   1 
ATOM   962  C CB  . LYS A 1 137 ? 4.272   -11.490 -10.620 1.00 25.51 ? 131 LYS A CB  1 
ATOM   963  C CG  . LYS A 1 137 ? 5.120   -11.188 -9.431  1.00 31.62 ? 131 LYS A CG  1 
ATOM   964  C CD  . LYS A 1 137 ? 5.941   -12.455 -9.050  1.00 37.33 ? 131 LYS A CD  1 
ATOM   965  C CE  . LYS A 1 137 ? 7.319   -12.427 -9.676  1.00 38.54 ? 131 LYS A CE  1 
ATOM   966  N NZ  . LYS A 1 137 ? 8.095   -13.668 -9.359  1.00 37.84 ? 131 LYS A NZ  1 
ATOM   967  N N   . ARG A 1 138 ? 3.038   -8.653  -9.376  1.00 20.40 ? 132 ARG A N   1 
ATOM   968  C CA  . ARG A 1 138 ? 2.519   -7.959  -8.194  1.00 21.15 ? 132 ARG A CA  1 
ATOM   969  C C   . ARG A 1 138 ? 1.194   -7.294  -8.567  1.00 20.47 ? 132 ARG A C   1 
ATOM   970  O O   . ARG A 1 138 ? 0.285   -7.261  -7.753  1.00 20.24 ? 132 ARG A O   1 
ATOM   971  C CB  . ARG A 1 138 ? 3.531   -6.939  -7.641  1.00 21.22 ? 132 ARG A CB  1 
ATOM   972  C CG  . ARG A 1 138 ? 4.559   -7.517  -6.611  1.00 26.89 ? 132 ARG A CG  1 
ATOM   973  C CD  . ARG A 1 138 ? 4.079   -7.496  -5.098  1.00 31.83 ? 132 ARG A CD  1 
ATOM   974  N NE  . ARG A 1 138 ? 5.057   -8.210  -4.249  1.00 37.49 ? 132 ARG A NE  1 
ATOM   975  C CZ  . ARG A 1 138 ? 6.049   -7.633  -3.575  1.00 39.49 ? 132 ARG A CZ  1 
ATOM   976  N NH1 . ARG A 1 138 ? 6.237   -6.315  -3.623  1.00 38.12 ? 132 ARG A NH1 1 
ATOM   977  N NH2 . ARG A 1 138 ? 6.877   -8.383  -2.844  1.00 41.06 ? 132 ARG A NH2 1 
ATOM   978  N N   . GLN A 1 139 ? 1.061   -6.794  -9.800  1.00 18.74 ? 133 GLN A N   1 
ATOM   979  C CA  . GLN A 1 139 ? -0.204  -6.168  -10.201 1.00 18.92 ? 133 GLN A CA  1 
ATOM   980  C C   . GLN A 1 139 ? -1.344  -7.171  -10.167 1.00 20.00 ? 133 GLN A C   1 
ATOM   981  O O   . GLN A 1 139 ? -2.443  -6.886  -9.695  1.00 19.30 ? 133 GLN A O   1 
ATOM   982  C CB  . GLN A 1 139 ? -0.071  -5.529  -11.597 1.00 19.77 ? 133 GLN A CB  1 
ATOM   983  C CG  . GLN A 1 139 ? -1.451  -5.104  -12.112 1.00 20.39 ? 133 GLN A CG  1 
ATOM   984  C CD  . GLN A 1 139 ? -1.341  -4.065  -13.184 1.00 25.48 ? 133 GLN A CD  1 
ATOM   985  O OE1 . GLN A 1 139 ? -1.369  -4.393  -14.398 1.00 31.73 ? 133 GLN A OE1 1 
ATOM   986  N NE2 . GLN A 1 139 ? -1.186  -2.830  -12.778 1.00 22.89 ? 133 GLN A NE2 1 
ATOM   987  N N   . ALA A 1 140 ? -1.081  -8.396  -10.622 1.00 20.24 ? 134 ALA A N   1 
ATOM   988  C CA  . ALA A 1 140 ? -2.095  -9.429  -10.541 1.00 21.15 ? 134 ALA A CA  1 
ATOM   989  C C   . ALA A 1 140 ? -2.568  -9.654  -9.074  1.00 20.88 ? 134 ALA A C   1 
ATOM   990  O O   . ALA A 1 140 ? -3.775  -9.769  -8.793  1.00 22.30 ? 134 ALA A O   1 
ATOM   991  C CB  . ALA A 1 140 ? -1.543  -10.750 -11.210 1.00 21.44 ? 134 ALA A CB  1 
ATOM   992  N N   . LEU A 1 141 ? -1.637  -9.655  -8.126  1.00 20.37 ? 135 LEU A N   1 
ATOM   993  C CA  . LEU A 1 141 ? -1.997  -9.753  -6.684  1.00 20.35 ? 135 LEU A CA  1 
ATOM   994  C C   . LEU A 1 141 ? -2.740  -8.531  -6.109  1.00 19.59 ? 135 LEU A C   1 
ATOM   995  O O   . LEU A 1 141 ? -3.686  -8.677  -5.290  1.00 20.17 ? 135 LEU A O   1 
ATOM   996  C CB  . LEU A 1 141 ? -0.744  -9.982  -5.839  1.00 20.44 ? 135 LEU A CB  1 
ATOM   997  C CG  . LEU A 1 141 ? -0.068  -11.338 -5.973  1.00 26.18 ? 135 LEU A CG  1 
ATOM   998  C CD1 . LEU A 1 141 ? 1.140   -11.309 -5.081  1.00 28.24 ? 135 LEU A CD1 1 
ATOM   999  C CD2 . LEU A 1 141 ? -1.088  -12.372 -5.487  1.00 29.79 ? 135 LEU A CD2 1 
ATOM   1000 N N   . TYR A 1 142 ? -2.341  -7.312  -6.524  1.00 17.53 ? 136 TYR A N   1 
ATOM   1001 C CA  . TYR A 1 142 ? -3.136  -6.136  -6.150  1.00 18.11 ? 136 TYR A CA  1 
ATOM   1002 C C   . TYR A 1 142 ? -4.567  -6.217  -6.632  1.00 18.31 ? 136 TYR A C   1 
ATOM   1003 O O   . TYR A 1 142 ? -5.479  -5.867  -5.904  1.00 17.08 ? 136 TYR A O   1 
ATOM   1004 C CB  . TYR A 1 142 ? -2.522  -4.834  -6.681  1.00 17.18 ? 136 TYR A CB  1 
ATOM   1005 C CG  . TYR A 1 142 ? -1.129  -4.543  -6.101  1.00 17.65 ? 136 TYR A CG  1 
ATOM   1006 C CD1 . TYR A 1 142 ? -0.063  -4.167  -6.937  1.00 16.78 ? 136 TYR A CD1 1 
ATOM   1007 C CD2 . TYR A 1 142 ? -0.898  -4.620  -4.717  1.00 18.41 ? 136 TYR A CD2 1 
ATOM   1008 C CE1 . TYR A 1 142 ? 1.176   -3.916  -6.451  1.00 19.44 ? 136 TYR A CE1 1 
ATOM   1009 C CE2 . TYR A 1 142 ? 0.372   -4.362  -4.194  1.00 18.36 ? 136 TYR A CE2 1 
ATOM   1010 C CZ  . TYR A 1 142 ? 1.423   -4.037  -5.065  1.00 19.88 ? 136 TYR A CZ  1 
ATOM   1011 O OH  . TYR A 1 142 ? 2.682   -3.786  -4.568  1.00 19.00 ? 136 TYR A OH  1 
ATOM   1012 N N   . GLU A 1 143 ? -4.764  -6.645  -7.888  1.00 17.65 ? 137 GLU A N   1 
ATOM   1013 C CA  . GLU A 1 143 ? -6.104  -6.752  -8.422  1.00 19.93 ? 137 GLU A CA  1 
ATOM   1014 C C   . GLU A 1 143 ? -6.935  -7.870  -7.781  1.00 21.51 ? 137 GLU A C   1 
ATOM   1015 O O   . GLU A 1 143 ? -8.136  -7.695  -7.603  1.00 23.43 ? 137 GLU A O   1 
ATOM   1016 C CB  . GLU A 1 143 ? -6.122  -6.792  -9.970  1.00 19.01 ? 137 GLU A CB  1 
ATOM   1017 C CG  . GLU A 1 143 ? -5.542  -5.458  -10.516 1.00 21.11 ? 137 GLU A CG  1 
ATOM   1018 C CD  . GLU A 1 143 ? -5.515  -5.285  -12.037 1.00 28.38 ? 137 GLU A CD  1 
ATOM   1019 O OE1 . GLU A 1 143 ? -5.978  -6.173  -12.780 1.00 30.01 ? 137 GLU A OE1 1 
ATOM   1020 O OE2 . GLU A 1 143 ? -5.034  -4.231  -12.483 1.00 26.36 ? 137 GLU A OE2 1 
ATOM   1021 N N   . LYS A 1 144 ? -6.298  -8.991  -7.416  1.00 21.01 ? 138 LYS A N   1 
ATOM   1022 C CA  . LYS A 1 144 ? -6.992  -10.041 -6.666  1.00 23.54 ? 138 LYS A CA  1 
ATOM   1023 C C   . LYS A 1 144 ? -7.518  -9.559  -5.324  1.00 23.28 ? 138 LYS A C   1 
ATOM   1024 O O   . LYS A 1 144 ? -8.502  -10.103 -4.772  1.00 25.80 ? 138 LYS A O   1 
ATOM   1025 C CB  . LYS A 1 144 ? -6.009  -11.203 -6.356  1.00 23.08 ? 138 LYS A CB  1 
ATOM   1026 C CG  . LYS A 1 144 ? -6.615  -12.584 -6.438  1.00 31.25 ? 138 LYS A CG  1 
ATOM   1027 C CD  . LYS A 1 144 ? -5.550  -13.640 -6.870  1.00 38.25 ? 138 LYS A CD  1 
ATOM   1028 C CE  . LYS A 1 144 ? -5.832  -14.227 -8.285  1.00 41.78 ? 138 LYS A CE  1 
ATOM   1029 N NZ  . LYS A 1 144 ? -6.180  -15.711 -8.311  1.00 45.86 ? 138 LYS A NZ  1 
ATOM   1030 N N   . ASN A 1 145 ? -6.833  -8.577  -4.763  1.00 21.80 ? 139 ASN A N   1 
ATOM   1031 C CA  . ASN A 1 145 ? -7.095  -8.101  -3.414  1.00 21.56 ? 139 ASN A CA  1 
ATOM   1032 C C   . ASN A 1 145 ? -7.883  -6.801  -3.341  1.00 22.34 ? 139 ASN A C   1 
ATOM   1033 O O   . ASN A 1 145 ? -8.035  -6.247  -2.260  1.00 23.86 ? 139 ASN A O   1 
ATOM   1034 C CB  . ASN A 1 145 ? -5.764  -7.905  -2.694  1.00 22.82 ? 139 ASN A CB  1 
ATOM   1035 C CG  . ASN A 1 145 ? -5.218  -9.222  -2.106  1.00 27.02 ? 139 ASN A CG  1 
ATOM   1036 O OD1 . ASN A 1 145 ? -5.681  -9.667  -1.036  1.00 29.04 ? 139 ASN A OD1 1 
ATOM   1037 N ND2 . ASN A 1 145 ? -4.262  -9.847  -2.796  1.00 23.76 ? 139 ASN A ND2 1 
ATOM   1038 N N   . ALA A 1 146 ? -8.352  -6.281  -4.467  1.00 18.50 ? 140 ALA A N   1 
ATOM   1039 C CA  . ALA A 1 146 ? -8.893  -4.920  -4.478  1.00 18.07 ? 140 ALA A CA  1 
ATOM   1040 C C   . ALA A 1 146 ? -10.424 -4.937  -4.412  1.00 18.49 ? 140 ALA A C   1 
ATOM   1041 O O   . ALA A 1 146 ? -11.048 -5.745  -5.088  1.00 18.66 ? 140 ALA A O   1 
ATOM   1042 C CB  . ALA A 1 146 ? -8.456  -4.230  -5.788  1.00 17.82 ? 140 ALA A CB  1 
ATOM   1043 N N   . SER A 1 147 ? -11.018 -4.029  -3.642  1.00 17.93 ? 141 SER A N   1 
ATOM   1044 C CA  . SER A 1 147 ? -12.432 -3.718  -3.775  1.00 18.63 ? 141 SER A CA  1 
ATOM   1045 C C   . SER A 1 147 ? -12.723 -2.791  -4.987  1.00 19.26 ? 141 SER A C   1 
ATOM   1046 O O   . SER A 1 147 ? -13.791 -2.866  -5.588  1.00 19.77 ? 141 SER A O   1 
ATOM   1047 C CB  . SER A 1 147 ? -12.903 -3.027  -2.499  1.00 18.91 ? 141 SER A CB  1 
ATOM   1048 O OG  . SER A 1 147 ? -12.590 -3.785  -1.316  1.00 18.37 ? 141 SER A OG  1 
ATOM   1049 N N   . PHE A 1 148 ? -11.774 -1.904  -5.280  1.00 18.62 ? 142 PHE A N   1 
ATOM   1050 C CA  . PHE A 1 148 ? -11.866 -0.895  -6.332  1.00 19.39 ? 142 PHE A CA  1 
ATOM   1051 C C   . PHE A 1 148 ? -10.472 -0.657  -6.887  1.00 18.75 ? 142 PHE A C   1 
ATOM   1052 O O   . PHE A 1 148 ? -9.470  -0.742  -6.159  1.00 19.44 ? 142 PHE A O   1 
ATOM   1053 C CB  . PHE A 1 148 ? -12.373 0.407   -5.749  1.00 19.42 ? 142 PHE A CB  1 
ATOM   1054 C CG  . PHE A 1 148 ? -13.824 0.407   -5.359  1.00 23.93 ? 142 PHE A CG  1 
ATOM   1055 C CD1 . PHE A 1 148 ? -14.189 0.419   -4.010  1.00 24.84 ? 142 PHE A CD1 1 
ATOM   1056 C CD2 . PHE A 1 148 ? -14.845 0.456   -6.344  1.00 26.89 ? 142 PHE A CD2 1 
ATOM   1057 C CE1 . PHE A 1 148 ? -15.558 0.461   -3.636  1.00 27.21 ? 142 PHE A CE1 1 
ATOM   1058 C CE2 . PHE A 1 148 ? -16.217 0.443   -5.972  1.00 25.48 ? 142 PHE A CE2 1 
ATOM   1059 C CZ  . PHE A 1 148 ? -16.553 0.468   -4.624  1.00 26.77 ? 142 PHE A CZ  1 
ATOM   1060 N N   . ILE A 1 149 ? -10.393 -0.385  -8.183  1.00 17.71 ? 143 ILE A N   1 
ATOM   1061 C CA  . ILE A 1 149 ? -9.156  -0.009  -8.813  1.00 17.26 ? 143 ILE A CA  1 
ATOM   1062 C C   . ILE A 1 149 ? -9.235  1.492   -9.103  1.00 18.31 ? 143 ILE A C   1 
ATOM   1063 O O   . ILE A 1 149 ? -10.135 1.958   -9.788  1.00 18.81 ? 143 ILE A O   1 
ATOM   1064 C CB  . ILE A 1 149 ? -8.973  -0.769  -10.172 1.00 18.79 ? 143 ILE A CB  1 
ATOM   1065 C CG1 . ILE A 1 149 ? -8.910  -2.270  -9.924  1.00 18.13 ? 143 ILE A CG1 1 
ATOM   1066 C CG2 . ILE A 1 149 ? -7.715  -0.232  -10.911 1.00 16.68 ? 143 ILE A CG2 1 
ATOM   1067 C CD1 . ILE A 1 149 ? -8.792  -3.146  -11.204 1.00 21.07 ? 143 ILE A CD1 1 
ATOM   1068 N N   . ILE A 1 150 ? -8.305  2.248   -8.546  1.00 16.76 ? 144 ILE A N   1 
ATOM   1069 C CA  . ILE A 1 150 ? -8.240  3.666   -8.855  1.00 16.85 ? 144 ILE A CA  1 
ATOM   1070 C C   . ILE A 1 150 ? -7.265  3.854   -10.042 1.00 17.08 ? 144 ILE A C   1 
ATOM   1071 O O   . ILE A 1 150 ? -6.144  3.336   -10.054 1.00 18.04 ? 144 ILE A O   1 
ATOM   1072 C CB  . ILE A 1 150 ? -7.616  4.400   -7.660  1.00 16.97 ? 144 ILE A CB  1 
ATOM   1073 C CG1 . ILE A 1 150 ? -8.433  4.162   -6.393  1.00 16.02 ? 144 ILE A CG1 1 
ATOM   1074 C CG2 . ILE A 1 150 ? -7.501  5.931   -7.968  1.00 18.24 ? 144 ILE A CG2 1 
ATOM   1075 C CD1 . ILE A 1 150 ? -7.595  4.601   -5.164  1.00 20.68 ? 144 ILE A CD1 1 
ATOM   1076 N N   . ASP A 1 151 ? -7.670  4.636   -11.020 1.00 17.99 ? 145 ASP A N   1 
ATOM   1077 C CA  . ASP A 1 151 ? -6.717  5.002   -12.056 1.00 19.83 ? 145 ASP A CA  1 
ATOM   1078 C C   . ASP A 1 151 ? -5.842  6.148   -11.546 1.00 20.37 ? 145 ASP A C   1 
ATOM   1079 O O   . ASP A 1 151 ? -6.301  7.289   -11.440 1.00 20.41 ? 145 ASP A O   1 
ATOM   1080 C CB  . ASP A 1 151 ? -7.478  5.388   -13.311 1.00 21.56 ? 145 ASP A CB  1 
ATOM   1081 C CG  . ASP A 1 151 ? -6.580  5.663   -14.486 1.00 25.48 ? 145 ASP A CG  1 
ATOM   1082 O OD1 . ASP A 1 151 ? -5.367  5.910   -14.331 1.00 23.67 ? 145 ASP A OD1 1 
ATOM   1083 O OD2 . ASP A 1 151 ? -7.041  5.630   -15.650 1.00 32.61 ? 145 ASP A OD2 1 
ATOM   1084 N N   . ALA A 1 152 ? -4.589  5.820   -11.226 1.00 20.68 ? 146 ALA A N   1 
ATOM   1085 C CA  . ALA A 1 152 ? -3.642  6.767   -10.583 1.00 23.51 ? 146 ALA A CA  1 
ATOM   1086 C C   . ALA A 1 152 ? -2.948  7.690   -11.564 1.00 26.13 ? 146 ALA A C   1 
ATOM   1087 O O   . ALA A 1 152 ? -2.151  8.569   -11.157 1.00 28.98 ? 146 ALA A O   1 
ATOM   1088 C CB  . ALA A 1 152 ? -2.638  6.010   -9.769  1.00 22.97 ? 146 ALA A CB  1 
ATOM   1089 N N   . ARG A 1 153 ? -3.244  7.520   -12.848 1.00 27.18 ? 147 ARG A N   1 
ATOM   1090 C CA  . ARG A 1 153 ? -2.492  8.265   -13.894 1.00 30.13 ? 147 ARG A CA  1 
ATOM   1091 C C   . ARG A 1 153 ? -2.777  9.768   -13.975 1.00 30.68 ? 147 ARG A C   1 
ATOM   1092 O O   . ARG A 1 153 ? -1.928  10.515  -14.478 1.00 32.92 ? 147 ARG A O   1 
ATOM   1093 C CB  . ARG A 1 153 ? -2.672  7.610   -15.245 1.00 29.24 ? 147 ARG A CB  1 
ATOM   1094 C CG  . ARG A 1 153 ? -2.068  6.217   -15.219 1.00 29.69 ? 147 ARG A CG  1 
ATOM   1095 C CD  . ARG A 1 153 ? -2.362  5.394   -16.477 1.00 26.04 ? 147 ARG A CD  1 
ATOM   1096 N NE  . ARG A 1 153 ? -3.776  5.142   -16.661 1.00 28.96 ? 147 ARG A NE  1 
ATOM   1097 C CZ  . ARG A 1 153 ? -4.260  4.445   -17.685 1.00 33.91 ? 147 ARG A CZ  1 
ATOM   1098 N NH1 . ARG A 1 153 ? -3.420  3.945   -18.588 1.00 36.42 ? 147 ARG A NH1 1 
ATOM   1099 N NH2 . ARG A 1 153 ? -5.567  4.242   -17.827 1.00 32.19 ? 147 ARG A NH2 1 
ATOM   1100 N N   . GLY A 1 154 ? -3.936  10.200  -13.483 1.00 30.70 ? 148 GLY A N   1 
ATOM   1101 C CA  . GLY A 1 154 ? -4.269  11.618  -13.459 1.00 30.65 ? 148 GLY A CA  1 
ATOM   1102 C C   . GLY A 1 154 ? -3.774  12.438  -12.272 1.00 29.41 ? 148 GLY A C   1 
ATOM   1103 O O   . GLY A 1 154 ? -4.107  13.628  -12.198 1.00 29.27 ? 148 GLY A O   1 
ATOM   1104 N N   . GLY A 1 155 ? -3.024  11.840  -11.345 1.00 27.58 ? 149 GLY A N   1 
ATOM   1105 C CA  . GLY A 1 155 ? -2.515  12.575  -10.196 1.00 26.23 ? 149 GLY A CA  1 
ATOM   1106 C C   . GLY A 1 155 ? -3.410  12.457  -8.982  1.00 24.90 ? 149 GLY A C   1 
ATOM   1107 O O   . GLY A 1 155 ? -4.518  11.939  -9.072  1.00 23.17 ? 149 GLY A O   1 
ATOM   1108 N N   . LEU A 1 156 ? -2.938  13.005  -7.867  1.00 23.55 ? 150 LEU A N   1 
ATOM   1109 C CA  . LEU A 1 156 ? -3.581  12.839  -6.560  1.00 23.06 ? 150 LEU A CA  1 
ATOM   1110 C C   . LEU A 1 156 ? -5.057  13.267  -6.542  1.00 23.25 ? 150 LEU A C   1 
ATOM   1111 O O   . LEU A 1 156 ? -5.954  12.509  -6.097  1.00 19.58 ? 150 LEU A O   1 
ATOM   1112 C CB  . LEU A 1 156 ? -2.761  13.636  -5.520  1.00 24.42 ? 150 LEU A CB  1 
ATOM   1113 C CG  . LEU A 1 156 ? -3.227  13.783  -4.067  1.00 27.29 ? 150 LEU A CG  1 
ATOM   1114 C CD1 . LEU A 1 156 ? -4.393  14.790  -3.894  1.00 29.52 ? 150 LEU A CD1 1 
ATOM   1115 C CD2 . LEU A 1 156 ? -3.600  12.479  -3.484  1.00 31.57 ? 150 LEU A CD2 1 
ATOM   1116 N N   . ASN A 1 157 ? -5.332  14.480  -7.010  1.00 21.72 ? 151 ASN A N   1 
ATOM   1117 C CA  . ASN A 1 157 ? -6.711  14.930  -6.951  1.00 22.30 ? 151 ASN A CA  1 
ATOM   1118 C C   . ASN A 1 157 ? -7.684  14.071  -7.739  1.00 21.65 ? 151 ASN A C   1 
ATOM   1119 O O   . ASN A 1 157 ? -8.799  13.826  -7.271  1.00 21.82 ? 151 ASN A O   1 
ATOM   1120 C CB  . ASN A 1 157 ? -6.836  16.421  -7.307  1.00 22.68 ? 151 ASN A CB  1 
ATOM   1121 C CG  . ASN A 1 157 ? -6.729  17.303  -6.077  1.00 27.84 ? 151 ASN A CG  1 
ATOM   1122 O OD1 . ASN A 1 157 ? -7.457  17.084  -5.086  1.00 31.40 ? 151 ASN A OD1 1 
ATOM   1123 N ND2 . ASN A 1 157 ? -5.822  18.308  -6.117  1.00 24.02 ? 151 ASN A ND2 1 
ATOM   1124 N N   . ASN A 1 158 ? -7.253  13.600  -8.902  1.00 20.00 ? 152 ASN A N   1 
ATOM   1125 C CA  . ASN A 1 158 ? -8.117  12.769  -9.708  1.00 20.88 ? 152 ASN A CA  1 
ATOM   1126 C C   . ASN A 1 158 ? -8.319  11.413  -8.998  1.00 19.62 ? 152 ASN A C   1 
ATOM   1127 O O   . ASN A 1 158 ? -9.413  10.879  -9.006  1.00 20.30 ? 152 ASN A O   1 
ATOM   1128 C CB  . ASN A 1 158 ? -7.530  12.559  -11.077 1.00 20.91 ? 152 ASN A CB  1 
ATOM   1129 C CG  . ASN A 1 158 ? -8.499  11.830  -11.998 1.00 25.80 ? 152 ASN A CG  1 
ATOM   1130 O OD1 . ASN A 1 158 ? -9.604  12.301  -12.244 1.00 34.43 ? 152 ASN A OD1 1 
ATOM   1131 N ND2 . ASN A 1 158 ? -8.093  10.678  -12.478 1.00 31.69 ? 152 ASN A ND2 1 
ATOM   1132 N N   . SER A 1 159 ? -7.264  10.917  -8.336  1.00 19.44 ? 153 SER A N   1 
ATOM   1133 C CA  . SER A 1 159 ? -7.386  9.644   -7.565  1.00 18.95 ? 153 SER A CA  1 
ATOM   1134 C C   . SER A 1 159 ? -8.316  9.826   -6.362  1.00 19.28 ? 153 SER A C   1 
ATOM   1135 O O   . SER A 1 159 ? -9.179  8.996   -6.076  1.00 18.50 ? 153 SER A O   1 
ATOM   1136 C CB  . SER A 1 159 ? -6.011  9.218   -7.057  1.00 19.68 ? 153 SER A CB  1 
ATOM   1137 O OG  . SER A 1 159 ? -5.172  8.883   -8.128  1.00 20.00 ? 153 SER A OG  1 
ATOM   1138 N N   . LEU A 1 160 ? -8.166  10.962  -5.675  1.00 17.96 ? 154 LEU A N   1 
ATOM   1139 C CA  . LEU A 1 160 ? -9.024  11.298  -4.547  1.00 20.35 ? 154 LEU A CA  1 
ATOM   1140 C C   . LEU A 1 160 ? -10.473 11.371  -4.956  1.00 19.73 ? 154 LEU A C   1 
ATOM   1141 O O   . LEU A 1 160 ? -11.349 10.809  -4.292  1.00 20.03 ? 154 LEU A O   1 
ATOM   1142 C CB  . LEU A 1 160 ? -8.608  12.679  -4.000  1.00 21.33 ? 154 LEU A CB  1 
ATOM   1143 C CG  . LEU A 1 160 ? -8.798  13.141  -2.550  1.00 28.28 ? 154 LEU A CG  1 
ATOM   1144 C CD1 . LEU A 1 160 ? -9.188  14.609  -2.398  1.00 29.73 ? 154 LEU A CD1 1 
ATOM   1145 C CD2 . LEU A 1 160 ? -9.498  12.177  -1.606  1.00 25.08 ? 154 LEU A CD2 1 
ATOM   1146 N N   . LYS A 1 161 ? -10.731 12.007  -6.096  1.00 20.71 ? 155 LYS A N   1 
ATOM   1147 C CA  . LYS A 1 161 ? -12.100 12.130  -6.613  1.00 20.43 ? 155 LYS A CA  1 
ATOM   1148 C C   . LYS A 1 161 ? -12.750 10.758  -6.859  1.00 20.66 ? 155 LYS A C   1 
ATOM   1149 O O   . LYS A 1 161 ? -13.927 10.516  -6.504  1.00 19.14 ? 155 LYS A O   1 
ATOM   1150 C CB  . LYS A 1 161 ? -12.034 12.952  -7.902  1.00 20.75 ? 155 LYS A CB  1 
ATOM   1151 C CG  . LYS A 1 161 ? -13.371 13.273  -8.623  1.00 27.17 ? 155 LYS A CG  1 
ATOM   1152 C CD  . LYS A 1 161 ? -13.034 14.006  -9.961  1.00 33.76 ? 155 LYS A CD  1 
ATOM   1153 C CE  . LYS A 1 161 ? -13.607 13.302  -11.187 1.00 40.34 ? 155 LYS A CE  1 
ATOM   1154 N NZ  . LYS A 1 161 ? -12.882 13.682  -12.472 1.00 43.18 ? 155 LYS A NZ  1 
ATOM   1155 N N   . GLN A 1 162 ? -11.961 9.849   -7.439  1.00 20.43 ? 156 GLN A N   1 
ATOM   1156 C CA  . GLN A 1 162 ? -12.438 8.483   -7.668  1.00 19.91 ? 156 GLN A CA  1 
ATOM   1157 C C   . GLN A 1 162 ? -12.813 7.776   -6.354  1.00 20.34 ? 156 GLN A C   1 
ATOM   1158 O O   . GLN A 1 162 ? -13.891 7.152   -6.236  1.00 20.71 ? 156 GLN A O   1 
ATOM   1159 C CB  . GLN A 1 162 ? -11.383 7.709   -8.444  1.00 19.95 ? 156 GLN A CB  1 
ATOM   1160 C CG  . GLN A 1 162 ? -11.202 8.133   -9.887  1.00 21.04 ? 156 GLN A CG  1 
ATOM   1161 C CD  . GLN A 1 162 ? -9.980  7.443   -10.509 1.00 22.52 ? 156 GLN A CD  1 
ATOM   1162 O OE1 . GLN A 1 162 ? -10.006 6.216   -10.776 1.00 20.28 ? 156 GLN A OE1 1 
ATOM   1163 N NE2 . GLN A 1 162 ? -8.883  8.212   -10.693 1.00 20.93 ? 156 GLN A NE2 1 
ATOM   1164 N N   . VAL A 1 163 ? -11.945 7.884   -5.351  1.00 20.23 ? 157 VAL A N   1 
ATOM   1165 C CA  . VAL A 1 163 ? -12.207 7.172   -4.118  1.00 20.17 ? 157 VAL A CA  1 
ATOM   1166 C C   . VAL A 1 163 ? -13.535 7.677   -3.513  1.00 22.06 ? 157 VAL A C   1 
ATOM   1167 O O   . VAL A 1 163 ? -14.415 6.877   -3.108  1.00 20.82 ? 157 VAL A O   1 
ATOM   1168 C CB  . VAL A 1 163 ? -11.042 7.330   -3.131  1.00 19.64 ? 157 VAL A CB  1 
ATOM   1169 C CG1 . VAL A 1 163 ? -11.420 6.809   -1.775  1.00 19.60 ? 157 VAL A CG1 1 
ATOM   1170 C CG2 . VAL A 1 163 ? -9.774  6.608   -3.679  1.00 18.62 ? 157 VAL A CG2 1 
ATOM   1171 N N   . LEU A 1 164 ? -13.679 9.003   -3.477  1.00 22.30 ? 158 LEU A N   1 
ATOM   1172 C CA  . LEU A 1 164 ? -14.867 9.598   -2.825  1.00 25.16 ? 158 LEU A CA  1 
ATOM   1173 C C   . LEU A 1 164 ? -16.173 9.261   -3.548  1.00 26.15 ? 158 LEU A C   1 
ATOM   1174 O O   . LEU A 1 164 ? -17.184 9.010   -2.899  1.00 26.94 ? 158 LEU A O   1 
ATOM   1175 C CB  . LEU A 1 164 ? -14.715 11.108  -2.641  1.00 23.66 ? 158 LEU A CB  1 
ATOM   1176 C CG  . LEU A 1 164 ? -13.575 11.586  -1.737  1.00 24.06 ? 158 LEU A CG  1 
ATOM   1177 C CD1 . LEU A 1 164 ? -13.467 13.104  -1.672  1.00 24.38 ? 158 LEU A CD1 1 
ATOM   1178 C CD2 . LEU A 1 164 ? -13.604 10.980  -0.286  1.00 26.24 ? 158 LEU A CD2 1 
ATOM   1179 N N   . GLN A 1 165 ? -16.122 9.247   -4.881  1.00 28.18 ? 159 GLN A N   1 
ATOM   1180 C CA  . GLN A 1 165 ? -17.259 8.879   -5.729  1.00 30.31 ? 159 GLN A CA  1 
ATOM   1181 C C   . GLN A 1 165 ? -17.596 7.411   -5.527  1.00 29.61 ? 159 GLN A C   1 
ATOM   1182 O O   . GLN A 1 165 ? -18.787 7.056   -5.402  1.00 28.69 ? 159 GLN A O   1 
ATOM   1183 C CB  . GLN A 1 165 ? -16.920 9.173   -7.210  1.00 31.23 ? 159 GLN A CB  1 
ATOM   1184 C CG  . GLN A 1 165 ? -17.853 8.560   -8.273  1.00 37.46 ? 159 GLN A CG  1 
ATOM   1185 C CD  . GLN A 1 165 ? -17.434 8.951   -9.703  1.00 45.12 ? 159 GLN A CD  1 
ATOM   1186 O OE1 . GLN A 1 165 ? -18.293 9.202   -10.555 1.00 48.65 ? 159 GLN A OE1 1 
ATOM   1187 N NE2 . GLN A 1 165 ? -16.113 9.011   -9.964  1.00 46.43 ? 159 GLN A NE2 1 
ATOM   1188 N N   . PHE A 1 166 ? -16.554 6.574   -5.429  1.00 29.58 ? 160 PHE A N   1 
ATOM   1189 C CA  . PHE A 1 166 ? -16.731 5.128   -5.279  1.00 29.75 ? 160 PHE A CA  1 
ATOM   1190 C C   . PHE A 1 166 ? -17.265 4.729   -3.900  1.00 30.00 ? 160 PHE A C   1 
ATOM   1191 O O   . PHE A 1 166 ? -17.066 5.385   -2.847  1.00 30.22 ? 160 PHE A O   1 
ATOM   1192 C CB  . PHE A 1 166 ? -15.445 4.335   -5.608  1.00 30.28 ? 160 PHE A CB  1 
ATOM   1193 C CG  . PHE A 1 166 ? -14.872 4.584   -7.008  1.00 32.51 ? 160 PHE A CG  1 
ATOM   1194 C CD1 . PHE A 1 166 ? -15.439 5.539   -7.895  1.00 37.57 ? 160 PHE A CD1 1 
ATOM   1195 C CD2 . PHE A 1 166 ? -13.740 3.887   -7.422  1.00 36.87 ? 160 PHE A CD2 1 
ATOM   1196 C CE1 . PHE A 1 166 ? -14.882 5.778   -9.163  1.00 35.59 ? 160 PHE A CE1 1 
ATOM   1197 C CE2 . PHE A 1 166 ? -13.161 4.083   -8.706  1.00 31.47 ? 160 PHE A CE2 1 
ATOM   1198 C CZ  . PHE A 1 166 ? -13.731 5.035   -9.572  1.00 37.10 ? 160 PHE A CZ  1 
HETATM 1199 O O   . HOH B 2 .   ? 3.964   6.044   -2.006  1.00 20.77 ? 163 HOH A O   1 
HETATM 1200 O O   . HOH B 2 .   ? 0.264   -2.233  -0.965  1.00 17.90 ? 164 HOH A O   1 
HETATM 1201 O O   . HOH B 2 .   ? 3.375   -2.797  5.135   1.00 20.37 ? 165 HOH A O   1 
HETATM 1202 O O   . HOH B 2 .   ? 0.670   0.877   -7.807  1.00 16.51 ? 166 HOH A O   1 
HETATM 1203 O O   . HOH B 2 .   ? 20.975  -7.531  -14.928 1.00 28.35 ? 167 HOH A O   1 
HETATM 1204 O O   . HOH B 2 .   ? 1.080   5.362   11.037  1.00 22.36 ? 168 HOH A O   1 
HETATM 1205 O O   . HOH B 2 .   ? 10.108  -11.217 -19.273 1.00 26.34 ? 169 HOH A O   1 
HETATM 1206 O O   . HOH B 2 .   ? 7.075   -2.715  2.906   1.00 28.01 ? 170 HOH A O   1 
HETATM 1207 O O   . HOH B 2 .   ? -5.120  15.238  -10.251 1.00 23.03 ? 171 HOH A O   1 
HETATM 1208 O O   . HOH B 2 .   ? -9.759  2.365   -12.797 1.00 29.55 ? 172 HOH A O   1 
HETATM 1209 O O   . HOH B 2 .   ? 5.042   1.308   -0.418  1.00 26.24 ? 173 HOH A O   1 
HETATM 1210 O O   . HOH B 2 .   ? 5.135   -4.581  2.267   1.00 22.15 ? 174 HOH A O   1 
HETATM 1211 O O   . HOH B 2 .   ? 4.497   -9.296  15.669  1.00 24.86 ? 175 HOH A O   1 
HETATM 1212 O O   . HOH B 2 .   ? 0.371   0.054   -10.515 1.00 21.85 ? 176 HOH A O   1 
HETATM 1213 O O   . HOH B 2 .   ? 0.812   -6.575  15.613  1.00 27.82 ? 177 HOH A O   1 
HETATM 1214 O O   . HOH B 2 .   ? 14.619  -17.112 8.913   1.00 32.44 ? 178 HOH A O   1 
HETATM 1215 O O   . HOH B 2 .   ? -10.708 -8.112  -6.294  1.00 24.30 ? 179 HOH A O   1 
HETATM 1216 O O   . HOH B 2 .   ? -5.420  -10.645 -10.832 1.00 30.31 ? 180 HOH A O   1 
HETATM 1217 O O   . HOH B 2 .   ? -10.913 -6.780  2.026   1.00 31.63 ? 181 HOH A O   1 
HETATM 1218 O O   . HOH B 2 .   ? 3.119   1.480   4.490   1.00 24.81 ? 182 HOH A O   1 
HETATM 1219 O O   . HOH B 2 .   ? 6.722   -1.710  -4.358  1.00 23.40 ? 183 HOH A O   1 
HETATM 1220 O O   . HOH B 2 .   ? 3.229   -6.455  14.313  1.00 22.98 ? 184 HOH A O   1 
HETATM 1221 O O   . HOH B 2 .   ? 16.283  -6.863  -16.504 1.00 28.64 ? 185 HOH A O   1 
HETATM 1222 O O   . HOH B 2 .   ? -5.423  9.877   -11.060 1.00 25.43 ? 186 HOH A O   1 
HETATM 1223 O O   . HOH B 2 .   ? -1.494  10.252  -4.708  1.00 24.30 ? 187 HOH A O   1 
HETATM 1224 O O   . HOH B 2 .   ? 2.703   9.439   -1.595  1.00 28.62 ? 188 HOH A O   1 
HETATM 1225 O O   . HOH B 2 .   ? -10.551 7.659   12.438  1.00 28.42 ? 189 HOH A O   1 
HETATM 1226 O O   . HOH B 2 .   ? -4.787  13.558  7.016   1.00 28.06 ? 190 HOH A O   1 
HETATM 1227 O O   . HOH B 2 .   ? 21.673  -4.907  -16.761 1.00 41.44 ? 191 HOH A O   1 
HETATM 1228 O O   . HOH B 2 .   ? -1.076  -0.730  -14.796 1.00 32.65 ? 192 HOH A O   1 
HETATM 1229 O O   . HOH B 2 .   ? -11.515 -10.634 8.021   1.00 30.23 ? 193 HOH A O   1 
HETATM 1230 O O   . HOH B 2 .   ? 7.352   -14.685 7.704   1.00 28.06 ? 194 HOH A O   1 
HETATM 1231 O O   . HOH B 2 .   ? -8.573  -7.281  -12.583 1.00 33.42 ? 195 HOH A O   1 
HETATM 1232 O O   . HOH B 2 .   ? 9.517   -8.508  -18.795 1.00 25.09 ? 196 HOH A O   1 
HETATM 1233 O O   . HOH B 2 .   ? -4.813  2.781   -14.238 1.00 32.90 ? 197 HOH A O   1 
HETATM 1234 O O   . HOH B 2 .   ? 11.848  -7.993  -21.995 1.00 28.63 ? 198 HOH A O   1 
HETATM 1235 O O   . HOH B 2 .   ? -15.592 -4.776  -5.330  1.00 25.67 ? 199 HOH A O   1 
HETATM 1236 O O   . HOH B 2 .   ? 6.824   -0.843  0.319   1.00 33.43 ? 200 HOH A O   1 
HETATM 1237 O O   . HOH B 2 .   ? 0.752   -12.805 -9.211  1.00 28.18 ? 201 HOH A O   1 
HETATM 1238 O O   . HOH B 2 .   ? 6.640   -9.134  -18.344 1.00 34.96 ? 202 HOH A O   1 
HETATM 1239 O O   . HOH B 2 .   ? 14.061  -12.884 8.949   1.00 37.07 ? 203 HOH A O   1 
HETATM 1240 O O   . HOH B 2 .   ? 7.834   -5.494  -0.627  1.00 41.95 ? 204 HOH A O   1 
HETATM 1241 O O   . HOH B 2 .   ? -2.649  1.484   -16.118 1.00 34.34 ? 205 HOH A O   1 
HETATM 1242 O O   . HOH B 2 .   ? 3.340   11.522  -4.133  1.00 39.62 ? 206 HOH A O   1 
HETATM 1243 O O   . HOH B 2 .   ? -13.408 -6.675  3.231   1.00 34.59 ? 207 HOH A O   1 
HETATM 1244 O O   . HOH B 2 .   ? 13.593  2.018   4.918   1.00 33.68 ? 208 HOH A O   1 
HETATM 1245 O O   . HOH B 2 .   ? -8.309  16.428  1.157   1.00 27.01 ? 209 HOH A O   1 
HETATM 1246 O O   . HOH B 2 .   ? -1.947  -9.398  16.122  1.00 28.48 ? 210 HOH A O   1 
HETATM 1247 O O   . HOH B 2 .   ? -0.741  -15.632 4.127   1.00 35.60 ? 211 HOH A O   1 
HETATM 1248 O O   . HOH B 2 .   ? -2.414  8.100   13.266  1.00 36.86 ? 212 HOH A O   1 
HETATM 1249 O O   . HOH B 2 .   ? 14.851  -4.857  -14.278 1.00 30.74 ? 213 HOH A O   1 
HETATM 1250 O O   . HOH B 2 .   ? -7.129  16.755  -11.185 1.00 34.19 ? 214 HOH A O   1 
HETATM 1251 O O   . HOH B 2 .   ? -10.008 15.905  -5.763  1.00 31.27 ? 215 HOH A O   1 
HETATM 1252 O O   . HOH B 2 .   ? -4.094  10.929  11.116  1.00 32.42 ? 216 HOH A O   1 
HETATM 1253 O O   . HOH B 2 .   ? 2.490   3.440   2.006   1.00 35.08 ? 217 HOH A O   1 
HETATM 1254 O O   . HOH B 2 .   ? -11.364 -6.136  -0.565  1.00 40.11 ? 218 HOH A O   1 
HETATM 1255 O O   . HOH B 2 .   ? -4.022  -3.747  -17.065 1.00 37.19 ? 219 HOH A O   1 
HETATM 1256 O O   . HOH B 2 .   ? 2.103   -9.074  17.241  1.00 35.44 ? 220 HOH A O   1 
HETATM 1257 O O   . HOH B 2 .   ? -1.026  15.489  0.666   1.00 40.51 ? 221 HOH A O   1 
HETATM 1258 O O   . HOH B 2 .   ? 8.158   4.245   7.662   1.00 35.67 ? 222 HOH A O   1 
HETATM 1259 O O   . HOH B 2 .   ? -6.024  14.458  -14.063 1.00 37.37 ? 223 HOH A O   1 
HETATM 1260 O O   . HOH B 2 .   ? 1.524   -1.066  -17.391 1.00 32.22 ? 224 HOH A O   1 
HETATM 1261 O O   . HOH B 2 .   ? -8.024  -9.862  14.305  1.00 33.20 ? 225 HOH A O   1 
HETATM 1262 O O   . HOH B 2 .   ? 5.664   -11.837 -14.554 1.00 34.42 ? 226 HOH A O   1 
HETATM 1263 O O   . HOH B 2 .   ? -12.722 -2.420  8.202   1.00 26.19 ? 227 HOH A O   1 
HETATM 1264 O O   . HOH B 2 .   ? -2.099  12.360  7.959   1.00 36.86 ? 228 HOH A O   1 
HETATM 1265 O O   . HOH B 2 .   ? -17.840 12.105  -4.327  1.00 37.29 ? 229 HOH A O   1 
HETATM 1266 O O   . HOH B 2 .   ? 2.468   7.661   5.295   1.00 38.82 ? 230 HOH A O   1 
HETATM 1267 O O   . HOH B 2 .   ? -7.357  -11.985 9.988   1.00 33.86 ? 231 HOH A O   1 
HETATM 1268 O O   . HOH B 2 .   ? -5.318  -11.204 1.028   1.00 30.99 ? 232 HOH A O   1 
HETATM 1269 O O   . HOH B 2 .   ? 5.531   -4.220  -4.974  1.00 28.45 ? 233 HOH A O   1 
HETATM 1270 O O   . HOH B 2 .   ? -0.087  10.331  -11.231 1.00 41.42 ? 234 HOH A O   1 
HETATM 1271 O O   . HOH B 2 .   ? -0.145  9.042   -7.510  1.00 32.86 ? 235 HOH A O   1 
HETATM 1272 O O   . HOH B 2 .   ? 6.188   -14.716 5.252   1.00 38.68 ? 236 HOH A O   1 
HETATM 1273 O O   . HOH B 2 .   ? -17.883 10.177  -0.466  1.00 38.17 ? 237 HOH A O   1 
HETATM 1274 O O   . HOH B 2 .   ? -9.639  16.215  -10.545 1.00 45.72 ? 238 HOH A O   1 
HETATM 1275 O O   . HOH B 2 .   ? -0.432  -8.332  -14.326 1.00 42.95 ? 239 HOH A O   1 
HETATM 1276 O O   . HOH B 2 .   ? 16.215  8.603   -6.108  1.00 41.06 ? 240 HOH A O   1 
HETATM 1277 O O   . HOH B 2 .   ? 4.957   -7.718  -19.714 1.00 35.94 ? 241 HOH A O   1 
HETATM 1278 O O   . HOH B 2 .   ? -15.589 12.601  -6.121  1.00 30.48 ? 242 HOH A O   1 
HETATM 1279 O O   . HOH B 2 .   ? 14.402  -13.814 6.389   1.00 38.86 ? 243 HOH A O   1 
HETATM 1280 O O   . HOH B 2 .   ? 3.475   4.286   14.901  1.00 40.25 ? 244 HOH A O   1 
HETATM 1281 O O   . HOH B 2 .   ? -0.102  9.480   4.782   1.00 29.61 ? 245 HOH A O   1 
HETATM 1282 O O   . HOH B 2 .   ? -5.841  9.812   -16.283 1.00 42.54 ? 246 HOH A O   1 
HETATM 1283 O O   . HOH B 2 .   ? -14.706 14.826  -5.146  1.00 39.38 ? 247 HOH A O   1 
HETATM 1284 O O   . HOH B 2 .   ? 1.675   11.973  5.367   1.00 42.86 ? 248 HOH A O   1 
HETATM 1285 O O   . HOH B 2 .   ? -16.812 12.955  -8.377  1.00 39.53 ? 249 HOH A O   1 
HETATM 1286 O O   . HOH B 2 .   ? -2.584  9.224   -7.450  1.00 42.54 ? 250 HOH A O   1 
HETATM 1287 O O   . HOH B 2 .   ? 6.997   3.278   3.038   1.00 46.18 ? 251 HOH A O   1 
HETATM 1288 O O   . HOH B 2 .   ? -4.890  -5.817  -15.723 1.00 51.34 ? 252 HOH A O   1 
HETATM 1289 O O   . HOH B 2 .   ? -2.568  -7.018  -14.705 1.00 48.26 ? 253 HOH A O   1 
HETATM 1290 O O   . HOH B 2 .   ? 3.092   14.894  6.369   1.00 42.84 ? 254 HOH A O   1 
HETATM 1291 O O   . HOH B 2 .   ? 4.113   1.620   16.124  1.00 45.01 ? 255 HOH A O   1 
HETATM 1292 O O   . HOH B 2 .   ? 9.447   -10.417 -1.065  1.00 37.16 ? 256 HOH A O   1 
HETATM 1293 O O   . HOH B 2 .   ? 7.825   0.020   -6.298  1.00 34.36 ? 257 HOH A O   1 
HETATM 1294 O O   . HOH B 2 .   ? -11.470 10.613  -12.736 1.00 47.27 ? 258 HOH A O   1 
HETATM 1295 O O   . HOH B 2 .   ? 10.376  -12.904 -12.263 1.00 44.39 ? 259 HOH A O   1 
HETATM 1296 O O   . HOH B 2 .   ? -7.777  -6.922  0.388   1.00 34.62 ? 260 HOH A O   1 
HETATM 1297 O O   . HOH B 2 .   ? -15.517 -3.589  6.489   1.00 43.56 ? 261 HOH A O   1 
HETATM 1298 O O   . HOH B 2 .   ? -3.978  -1.517  17.705  1.00 45.13 ? 262 HOH A O   1 
HETATM 1299 O O   . HOH B 2 .   ? 9.654   -3.106  1.669   1.00 36.53 ? 263 HOH A O   1 
HETATM 1300 O O   . HOH B 2 .   ? 10.721  -1.032  -6.693  1.00 52.52 ? 264 HOH A O   1 
HETATM 1301 O O   . HOH B 2 .   ? -1.086  -2.641  -16.498 1.00 41.54 ? 265 HOH A O   1 
HETATM 1302 O O   . HOH B 2 .   ? -3.558  1.601   15.578  1.00 40.12 ? 266 HOH A O   1 
HETATM 1303 O O   . HOH B 2 .   ? 4.461   -11.041 -6.096  1.00 44.48 ? 267 HOH A O   1 
HETATM 1304 O O   . HOH B 2 .   ? 4.051   1.876   -23.614 1.00 40.39 ? 268 HOH A O   1 
HETATM 1305 O O   . HOH B 2 .   ? 3.002   -13.544 -7.277  1.00 47.63 ? 269 HOH A O   1 
HETATM 1306 O O   . HOH B 2 .   ? -15.619 3.162   4.928   1.00 36.36 ? 270 HOH A O   1 
HETATM 1307 O O   . HOH B 2 .   ? 3.489   7.109   10.569  1.00 44.10 ? 271 HOH A O   1 
HETATM 1308 O O   . HOH B 2 .   ? 2.862   4.578   -19.985 1.00 39.48 ? 272 HOH A O   1 
HETATM 1309 O O   . HOH B 2 .   ? -2.045  -12.403 14.342  1.00 42.81 ? 273 HOH A O   1 
HETATM 1310 O O   . HOH B 2 .   ? 24.153  -6.084  -16.639 1.00 49.74 ? 274 HOH A O   1 
HETATM 1311 O O   . HOH B 2 .   ? -11.458 2.471   -7.032  1.00 46.87 ? 275 HOH A O   1 
HETATM 1312 O O   . HOH B 2 .   ? 17.029  5.162   9.918   1.00 45.09 ? 276 HOH A O   1 
HETATM 1313 O O   . HOH B 2 .   ? -8.527  -5.250  3.088   1.00 28.66 ? 277 HOH A O   1 
HETATM 1314 O O   . HOH B 2 .   ? 8.584   14.927  -18.310 1.00 43.52 ? 278 HOH A O   1 
HETATM 1315 O O   . HOH B 2 .   ? 0.304   -10.263 -17.519 1.00 54.94 ? 279 HOH A O   1 
HETATM 1316 O O   . HOH B 2 .   ? 14.611  -5.377  -11.316 1.00 49.89 ? 280 HOH A O   1 
HETATM 1317 O O   . HOH B 2 .   ? -2.567  0.773   -18.845 1.00 51.96 ? 281 HOH A O   1 
HETATM 1318 O O   . HOH B 2 .   ? 3.848   5.683   17.223  1.00 46.09 ? 282 HOH A O   1 
HETATM 1319 O O   . HOH B 2 .   ? 2.714   -15.183 2.787   1.00 44.44 ? 283 HOH A O   1 
HETATM 1320 O O   . HOH B 2 .   ? 11.439  3.789   14.206  1.00 46.59 ? 284 HOH A O   1 
HETATM 1321 O O   . HOH B 2 .   ? 18.938  3.850   8.322   1.00 49.66 ? 285 HOH A O   1 
HETATM 1322 O O   . HOH B 2 .   ? 0.635   -13.805 -11.443 1.00 43.99 ? 286 HOH A O   1 
HETATM 1323 O O   . HOH B 2 .   ? -6.853  12.943  9.077   1.00 32.03 ? 287 HOH A O   1 
HETATM 1324 O O   . HOH B 2 .   ? -12.413 -11.911 5.885   1.00 39.46 ? 288 HOH A O   1 
HETATM 1325 O O   . HOH B 2 .   ? -9.148  8.940   -14.164 1.00 47.36 ? 289 HOH A O   1 
HETATM 1326 O O   . HOH B 2 .   ? 9.408   10.922  -19.933 1.00 56.98 ? 290 HOH A O   1 
HETATM 1327 O O   . HOH B 2 .   ? -11.382 -9.613  -4.352  1.00 36.67 ? 291 HOH A O   1 
HETATM 1328 O O   . HOH B 2 .   ? 8.009   7.688   -19.268 1.00 42.00 ? 292 HOH A O   1 
HETATM 1329 O O   . HOH B 2 .   ? 5.902   -10.076 0.169   1.00 46.48 ? 293 HOH A O   1 
HETATM 1330 O O   . HOH B 2 .   ? -7.016  -14.818 9.500   1.00 42.79 ? 294 HOH A O   1 
HETATM 1331 O O   . HOH B 2 .   ? -7.682  -16.700 11.300  1.00 56.97 ? 295 HOH A O   1 
HETATM 1332 O O   . HOH B 2 .   ? 5.977   -11.345 -16.954 1.00 37.01 ? 296 HOH A O   1 
HETATM 1333 O O   . HOH B 2 .   ? -10.825 -8.930  14.596  1.00 41.01 ? 297 HOH A O   1 
HETATM 1334 O O   . HOH B 2 .   ? 8.064   -1.838  -2.009  1.00 46.29 ? 298 HOH A O   1 
HETATM 1335 O O   . HOH B 2 .   ? -13.165 -0.942  11.389  1.00 56.55 ? 299 HOH A O   1 
HETATM 1336 O O   . HOH B 2 .   ? 11.299  4.297   16.884  1.00 50.35 ? 300 HOH A O   1 
HETATM 1337 O O   . HOH B 2 .   ? -10.363 -1.203  19.549  1.00 62.49 ? 301 HOH A O   1 
HETATM 1338 O O   . HOH B 2 .   ? -6.476  -10.340 16.927  1.00 40.03 ? 302 HOH A O   1 
HETATM 1339 O O   . HOH B 2 .   ? -8.668  15.254  9.673   1.00 39.70 ? 303 HOH A O   1 
HETATM 1340 O O   . HOH B 2 .   ? -9.596  7.427   15.084  1.00 38.26 ? 304 HOH A O   1 
HETATM 1341 O O   . HOH B 2 .   ? 14.196  -11.225 1.332   1.00 35.17 ? 305 HOH A O   1 
HETATM 1342 O O   . HOH B 2 .   ? 15.847  -11.747 4.489   1.00 46.76 ? 306 HOH A O   1 
HETATM 1343 O O   . HOH B 2 .   ? 9.334   5.345   -17.833 1.00 32.48 ? 307 HOH A O   1 
HETATM 1344 O O   . HOH B 2 .   ? 21.704  -1.998  9.148   1.00 48.90 ? 308 HOH A O   1 
HETATM 1345 O O   . HOH B 2 .   ? 9.122   7.227   15.564  1.00 51.11 ? 309 HOH A O   1 
HETATM 1346 O O   . HOH B 2 .   ? 18.030  7.150   11.662  1.00 51.37 ? 310 HOH A O   1 
HETATM 1347 O O   . HOH B 2 .   ? 8.690   -9.577  -4.817  1.00 56.58 ? 311 HOH A O   1 
HETATM 1348 O O   . HOH B 2 .   ? 11.747  10.084  -14.093 1.00 45.18 ? 312 HOH A O   1 
HETATM 1349 O O   . HOH B 2 .   ? -7.012  -15.278 6.932   1.00 55.62 ? 313 HOH A O   1 
HETATM 1350 O O   . HOH B 2 .   ? -1.888  -13.504 -8.387  1.00 46.29 ? 314 HOH A O   1 
HETATM 1351 O O   . HOH B 2 .   ? -9.528  -9.230  -10.195 1.00 50.67 ? 315 HOH A O   1 
HETATM 1352 O O   . HOH B 2 .   ? -15.609 -12.584 -0.786  1.00 53.14 ? 316 HOH A O   1 
HETATM 1353 O O   . HOH B 2 .   ? -12.789 -4.851  18.162  1.00 44.43 ? 317 HOH A O   1 
HETATM 1354 O O   . HOH B 2 .   ? -9.733  1.985   21.984  1.00 48.18 ? 318 HOH A O   1 
HETATM 1355 O O   . HOH B 2 .   ? 5.385   11.798  -2.714  0.50 55.53 ? 319 HOH A O   1 
HETATM 1356 O O   . HOH B 2 .   ? 9.745   9.647   -5.846  1.00 52.39 ? 320 HOH A O   1 
HETATM 1357 O O   . HOH B 2 .   ? -16.653 5.181   -0.629  1.00 42.78 ? 321 HOH A O   1 
HETATM 1358 O O   . HOH B 2 .   ? -15.719 15.229  0.949   1.00 49.27 ? 322 HOH A O   1 
HETATM 1359 O O   . HOH B 2 .   ? -17.130 13.476  0.075   1.00 50.26 ? 323 HOH A O   1 
HETATM 1360 O O   . HOH B 2 .   ? 5.890   -4.766  15.216  1.00 63.38 ? 324 HOH A O   1 
HETATM 1361 O O   . HOH B 2 .   ? -9.155  -14.086 -7.851  1.00 45.31 ? 325 HOH A O   1 
HETATM 1362 O O   . HOH B 2 .   ? 0.752   6.684   -12.440 1.00 41.33 ? 326 HOH A O   1 
HETATM 1363 O O   . HOH B 2 .   ? 2.988   5.039   -2.866  1.00 23.85 ? 327 HOH A O   1 
# 
loop_
_pdbx_poly_seq_scheme.asym_id 
_pdbx_poly_seq_scheme.entity_id 
_pdbx_poly_seq_scheme.seq_id 
_pdbx_poly_seq_scheme.mon_id 
_pdbx_poly_seq_scheme.ndb_seq_num 
_pdbx_poly_seq_scheme.pdb_seq_num 
_pdbx_poly_seq_scheme.auth_seq_num 
_pdbx_poly_seq_scheme.pdb_mon_id 
_pdbx_poly_seq_scheme.auth_mon_id 
_pdbx_poly_seq_scheme.pdb_strand_id 
_pdbx_poly_seq_scheme.pdb_ins_code 
_pdbx_poly_seq_scheme.hetero 
A 1 1   HIS 1   -5  ?   ?   ?   A . n 
A 1 2   HIS 2   -4  ?   ?   ?   A . n 
A 1 3   HIS 3   -3  ?   ?   ?   A . n 
A 1 4   HIS 4   -2  ?   ?   ?   A . n 
A 1 5   HIS 5   -1  ?   ?   ?   A . n 
A 1 6   HIS 6   0   ?   ?   ?   A . n 
A 1 7   MET 7   1   ?   ?   ?   A . n 
A 1 8   GLN 8   2   2   GLN GLN A . n 
A 1 9   HIS 9   3   3   HIS HIS A . n 
A 1 10  LEU 10  4   4   LEU LEU A . n 
A 1 11  VAL 11  5   5   VAL VAL A . n 
A 1 12  LEU 12  6   6   LEU LEU A . n 
A 1 13  ILE 13  7   7   ILE ILE A . n 
A 1 14  GLY 14  8   8   GLY GLY A . n 
A 1 15  PHE 15  9   9   PHE PHE A . n 
A 1 16  MET 16  10  10  MET MET A . n 
A 1 17  GLY 17  11  11  GLY GLY A . n 
A 1 18  SER 18  12  12  SER SER A . n 
A 1 19  GLY 19  13  13  GLY GLY A . n 
A 1 20  LYS 20  14  14  LYS LYS A . n 
A 1 21  SER 21  15  15  SER SER A . n 
A 1 22  SER 22  16  16  SER SER A . n 
A 1 23  LEU 23  17  17  LEU LEU A . n 
A 1 24  ALA 24  18  18  ALA ALA A . n 
A 1 25  GLN 25  19  19  GLN GLN A . n 
A 1 26  GLU 26  20  20  GLU GLU A . n 
A 1 27  LEU 27  21  21  LEU LEU A . n 
A 1 28  GLY 28  22  22  GLY GLY A . n 
A 1 29  LEU 29  23  23  LEU LEU A . n 
A 1 30  ALA 30  24  24  ALA ALA A . n 
A 1 31  LEU 31  25  25  LEU LEU A . n 
A 1 32  LYS 32  26  26  LYS LYS A . n 
A 1 33  LEU 33  27  27  LEU LEU A . n 
A 1 34  GLU 34  28  28  GLU GLU A . n 
A 1 35  VAL 35  29  29  VAL VAL A . n 
A 1 36  LEU 36  30  30  LEU LEU A . n 
A 1 37  ASP 37  31  31  ASP ASP A . n 
A 1 38  THR 38  32  32  THR THR A . n 
A 1 39  ASP 39  33  33  ASP ASP A . n 
A 1 40  MET 40  34  34  MET MET A . n 
A 1 41  ILE 41  35  35  ILE ILE A . n 
A 1 42  ILE 42  36  36  ILE ILE A . n 
A 1 43  SER 43  37  37  SER SER A . n 
A 1 44  GLU 44  38  38  GLU GLU A . n 
A 1 45  ARG 45  39  39  ARG ARG A . n 
A 1 46  VAL 46  40  40  VAL VAL A . n 
A 1 47  GLY 47  41  41  GLY GLY A . n 
A 1 48  LEU 48  42  42  LEU LEU A . n 
A 1 49  SER 49  43  43  SER SER A . n 
A 1 50  VAL 50  44  44  VAL VAL A . n 
A 1 51  ARG 51  45  45  ARG ARG A . n 
A 1 52  GLU 52  46  46  GLU GLU A . n 
A 1 53  ILE 53  47  47  ILE ILE A . n 
A 1 54  PHE 54  48  48  PHE PHE A . n 
A 1 55  GLU 55  49  49  GLU GLU A . n 
A 1 56  GLU 56  50  50  GLU GLU A . n 
A 1 57  LEU 57  51  51  LEU LEU A . n 
A 1 58  GLY 58  52  52  GLY GLY A . n 
A 1 59  GLU 59  53  53  GLU GLU A . n 
A 1 60  ASP 60  54  54  ASP ASP A . n 
A 1 61  ASN 61  55  55  ASN ASN A . n 
A 1 62  PHE 62  56  56  PHE PHE A . n 
A 1 63  ARG 63  57  57  ARG ARG A . n 
A 1 64  MET 64  58  58  MET MET A . n 
A 1 65  PHE 65  59  59  PHE PHE A . n 
A 1 66  GLU 66  60  60  GLU GLU A . n 
A 1 67  LYS 67  61  61  LYS LYS A . n 
A 1 68  ASN 68  62  62  ASN ASN A . n 
A 1 69  LEU 69  63  63  LEU LEU A . n 
A 1 70  ILE 70  64  64  ILE ILE A . n 
A 1 71  ASP 71  65  65  ASP ASP A . n 
A 1 72  GLU 72  66  66  GLU GLU A . n 
A 1 73  LEU 73  67  67  LEU LEU A . n 
A 1 74  LYS 74  68  68  LYS LYS A . n 
A 1 75  THR 75  69  69  THR THR A . n 
A 1 76  LEU 76  70  70  LEU LEU A . n 
A 1 77  LYS 77  71  71  LYS LYS A . n 
A 1 78  THR 78  72  72  THR THR A . n 
A 1 79  PRO 79  73  73  PRO PRO A . n 
A 1 80  HIS 80  74  74  HIS HIS A . n 
A 1 81  VAL 81  75  75  VAL VAL A . n 
A 1 82  ILE 82  76  76  ILE ILE A . n 
A 1 83  SER 83  77  77  SER SER A . n 
A 1 84  THR 84  78  78  THR THR A . n 
A 1 85  GLY 85  79  79  GLY GLY A . n 
A 1 86  GLY 86  80  80  GLY GLY A . n 
A 1 87  GLY 87  81  81  GLY GLY A . n 
A 1 88  ILE 88  82  82  ILE ILE A . n 
A 1 89  VAL 89  83  83  VAL VAL A . n 
A 1 90  MET 90  84  84  MET MET A . n 
A 1 91  HIS 91  85  85  HIS HIS A . n 
A 1 92  GLU 92  86  86  GLU GLU A . n 
A 1 93  ASN 93  87  87  ASN ASN A . n 
A 1 94  LEU 94  88  88  LEU LEU A . n 
A 1 95  LYS 95  89  89  LYS LYS A . n 
A 1 96  GLY 96  90  90  GLY GLY A . n 
A 1 97  LEU 97  91  91  LEU LEU A . n 
A 1 98  GLY 98  92  92  GLY GLY A . n 
A 1 99  THR 99  93  93  THR THR A . n 
A 1 100 THR 100 94  94  THR THR A . n 
A 1 101 PHE 101 95  95  PHE PHE A . n 
A 1 102 TYR 102 96  96  TYR TYR A . n 
A 1 103 LEU 103 97  97  LEU LEU A . n 
A 1 104 LYS 104 98  98  LYS LYS A . n 
A 1 105 MET 105 99  99  MET MET A . n 
A 1 106 ASP 106 100 100 ASP ASP A . n 
A 1 107 PHE 107 101 101 PHE PHE A . n 
A 1 108 GLU 108 102 102 GLU GLU A . n 
A 1 109 THR 109 103 103 THR THR A . n 
A 1 110 LEU 110 104 104 LEU LEU A . n 
A 1 111 ILE 111 105 105 ILE ILE A . n 
A 1 112 LYS 112 106 106 LYS LYS A . n 
A 1 113 ARG 113 107 107 ARG ARG A . n 
A 1 114 LEU 114 108 108 LEU LEU A . n 
A 1 115 ASN 115 109 109 ASN ASN A . n 
A 1 116 GLN 116 110 110 GLN GLN A . n 
A 1 117 LYS 117 111 ?   ?   ?   A . n 
A 1 118 GLU 118 112 ?   ?   ?   A . n 
A 1 119 ARG 119 113 ?   ?   ?   A . n 
A 1 120 GLU 120 114 ?   ?   ?   A . n 
A 1 121 LYS 121 115 ?   ?   ?   A . n 
A 1 122 ARG 122 116 ?   ?   ?   A . n 
A 1 123 PRO 123 117 ?   ?   ?   A . n 
A 1 124 LEU 124 118 ?   ?   ?   A . n 
A 1 125 LEU 125 119 119 LEU LEU A . n 
A 1 126 ASN 126 120 120 ASN ASN A . n 
A 1 127 ASN 127 121 121 ASN ASN A . n 
A 1 128 LEU 128 122 122 LEU LEU A . n 
A 1 129 THR 129 123 123 THR THR A . n 
A 1 130 GLN 130 124 124 GLN GLN A . n 
A 1 131 ALA 131 125 125 ALA ALA A . n 
A 1 132 LYS 132 126 126 LYS LYS A . n 
A 1 133 GLU 133 127 127 GLU GLU A . n 
A 1 134 LEU 134 128 128 LEU LEU A . n 
A 1 135 PHE 135 129 129 PHE PHE A . n 
A 1 136 GLU 136 130 130 GLU GLU A . n 
A 1 137 LYS 137 131 131 LYS LYS A . n 
A 1 138 ARG 138 132 132 ARG ARG A . n 
A 1 139 GLN 139 133 133 GLN GLN A . n 
A 1 140 ALA 140 134 134 ALA ALA A . n 
A 1 141 LEU 141 135 135 LEU LEU A . n 
A 1 142 TYR 142 136 136 TYR TYR A . n 
A 1 143 GLU 143 137 137 GLU GLU A . n 
A 1 144 LYS 144 138 138 LYS LYS A . n 
A 1 145 ASN 145 139 139 ASN ASN A . n 
A 1 146 ALA 146 140 140 ALA ALA A . n 
A 1 147 SER 147 141 141 SER SER A . n 
A 1 148 PHE 148 142 142 PHE PHE A . n 
A 1 149 ILE 149 143 143 ILE ILE A . n 
A 1 150 ILE 150 144 144 ILE ILE A . n 
A 1 151 ASP 151 145 145 ASP ASP A . n 
A 1 152 ALA 152 146 146 ALA ALA A . n 
A 1 153 ARG 153 147 147 ARG ARG A . n 
A 1 154 GLY 154 148 148 GLY GLY A . n 
A 1 155 GLY 155 149 149 GLY GLY A . n 
A 1 156 LEU 156 150 150 LEU LEU A . n 
A 1 157 ASN 157 151 151 ASN ASN A . n 
A 1 158 ASN 158 152 152 ASN ASN A . n 
A 1 159 SER 159 153 153 SER SER A . n 
A 1 160 LEU 160 154 154 LEU LEU A . n 
A 1 161 LYS 161 155 155 LYS LYS A . n 
A 1 162 GLN 162 156 156 GLN GLN A . n 
A 1 163 VAL 163 157 157 VAL VAL A . n 
A 1 164 LEU 164 158 158 LEU LEU A . n 
A 1 165 GLN 165 159 159 GLN GLN A . n 
A 1 166 PHE 166 160 160 PHE PHE A . n 
A 1 167 ILE 167 161 ?   ?   ?   A . n 
A 1 168 ALA 168 162 ?   ?   ?   A . n 
# 
loop_
_pdbx_nonpoly_scheme.asym_id 
_pdbx_nonpoly_scheme.entity_id 
_pdbx_nonpoly_scheme.mon_id 
_pdbx_nonpoly_scheme.ndb_seq_num 
_pdbx_nonpoly_scheme.pdb_seq_num 
_pdbx_nonpoly_scheme.auth_seq_num 
_pdbx_nonpoly_scheme.pdb_mon_id 
_pdbx_nonpoly_scheme.auth_mon_id 
_pdbx_nonpoly_scheme.pdb_strand_id 
_pdbx_nonpoly_scheme.pdb_ins_code 
B 2 HOH 1   163 1   HOH HOH A . 
B 2 HOH 2   164 2   HOH HOH A . 
B 2 HOH 3   165 3   HOH HOH A . 
B 2 HOH 4   166 4   HOH HOH A . 
B 2 HOH 5   167 5   HOH HOH A . 
B 2 HOH 6   168 6   HOH HOH A . 
B 2 HOH 7   169 7   HOH HOH A . 
B 2 HOH 8   170 8   HOH HOH A . 
B 2 HOH 9   171 9   HOH HOH A . 
B 2 HOH 10  172 10  HOH HOH A . 
B 2 HOH 11  173 11  HOH HOH A . 
B 2 HOH 12  174 12  HOH HOH A . 
B 2 HOH 13  175 13  HOH HOH A . 
B 2 HOH 14  176 14  HOH HOH A . 
B 2 HOH 15  177 15  HOH HOH A . 
B 2 HOH 16  178 16  HOH HOH A . 
B 2 HOH 17  179 17  HOH HOH A . 
B 2 HOH 18  180 18  HOH HOH A . 
B 2 HOH 19  181 19  HOH HOH A . 
B 2 HOH 20  182 20  HOH HOH A . 
B 2 HOH 21  183 21  HOH HOH A . 
B 2 HOH 22  184 22  HOH HOH A . 
B 2 HOH 23  185 23  HOH HOH A . 
B 2 HOH 24  186 24  HOH HOH A . 
B 2 HOH 25  187 25  HOH HOH A . 
B 2 HOH 26  188 26  HOH HOH A . 
B 2 HOH 27  189 27  HOH HOH A . 
B 2 HOH 28  190 28  HOH HOH A . 
B 2 HOH 29  191 29  HOH HOH A . 
B 2 HOH 30  192 30  HOH HOH A . 
B 2 HOH 31  193 31  HOH HOH A . 
B 2 HOH 32  194 32  HOH HOH A . 
B 2 HOH 33  195 33  HOH HOH A . 
B 2 HOH 34  196 34  HOH HOH A . 
B 2 HOH 35  197 35  HOH HOH A . 
B 2 HOH 36  198 36  HOH HOH A . 
B 2 HOH 37  199 37  HOH HOH A . 
B 2 HOH 38  200 38  HOH HOH A . 
B 2 HOH 39  201 39  HOH HOH A . 
B 2 HOH 40  202 40  HOH HOH A . 
B 2 HOH 41  203 41  HOH HOH A . 
B 2 HOH 42  204 42  HOH HOH A . 
B 2 HOH 43  205 43  HOH HOH A . 
B 2 HOH 44  206 44  HOH HOH A . 
B 2 HOH 45  207 45  HOH HOH A . 
B 2 HOH 46  208 46  HOH HOH A . 
B 2 HOH 47  209 47  HOH HOH A . 
B 2 HOH 48  210 48  HOH HOH A . 
B 2 HOH 49  211 49  HOH HOH A . 
B 2 HOH 50  212 50  HOH HOH A . 
B 2 HOH 51  213 51  HOH HOH A . 
B 2 HOH 52  214 52  HOH HOH A . 
B 2 HOH 53  215 53  HOH HOH A . 
B 2 HOH 54  216 54  HOH HOH A . 
B 2 HOH 55  217 55  HOH HOH A . 
B 2 HOH 56  218 56  HOH HOH A . 
B 2 HOH 57  219 57  HOH HOH A . 
B 2 HOH 58  220 58  HOH HOH A . 
B 2 HOH 59  221 59  HOH HOH A . 
B 2 HOH 60  222 60  HOH HOH A . 
B 2 HOH 61  223 61  HOH HOH A . 
B 2 HOH 62  224 62  HOH HOH A . 
B 2 HOH 63  225 63  HOH HOH A . 
B 2 HOH 64  226 64  HOH HOH A . 
B 2 HOH 65  227 65  HOH HOH A . 
B 2 HOH 66  228 66  HOH HOH A . 
B 2 HOH 67  229 67  HOH HOH A . 
B 2 HOH 68  230 68  HOH HOH A . 
B 2 HOH 69  231 69  HOH HOH A . 
B 2 HOH 70  232 70  HOH HOH A . 
B 2 HOH 71  233 71  HOH HOH A . 
B 2 HOH 72  234 72  HOH HOH A . 
B 2 HOH 73  235 73  HOH HOH A . 
B 2 HOH 74  236 74  HOH HOH A . 
B 2 HOH 75  237 75  HOH HOH A . 
B 2 HOH 76  238 76  HOH HOH A . 
B 2 HOH 77  239 77  HOH HOH A . 
B 2 HOH 78  240 78  HOH HOH A . 
B 2 HOH 79  241 79  HOH HOH A . 
B 2 HOH 80  242 80  HOH HOH A . 
B 2 HOH 81  243 81  HOH HOH A . 
B 2 HOH 82  244 82  HOH HOH A . 
B 2 HOH 83  245 83  HOH HOH A . 
B 2 HOH 84  246 84  HOH HOH A . 
B 2 HOH 85  247 85  HOH HOH A . 
B 2 HOH 86  248 86  HOH HOH A . 
B 2 HOH 87  249 87  HOH HOH A . 
B 2 HOH 88  250 88  HOH HOH A . 
B 2 HOH 89  251 89  HOH HOH A . 
B 2 HOH 90  252 90  HOH HOH A . 
B 2 HOH 91  253 91  HOH HOH A . 
B 2 HOH 92  254 92  HOH HOH A . 
B 2 HOH 93  255 93  HOH HOH A . 
B 2 HOH 94  256 94  HOH HOH A . 
B 2 HOH 95  257 95  HOH HOH A . 
B 2 HOH 96  258 96  HOH HOH A . 
B 2 HOH 97  259 97  HOH HOH A . 
B 2 HOH 98  260 98  HOH HOH A . 
B 2 HOH 99  261 99  HOH HOH A . 
B 2 HOH 100 262 100 HOH HOH A . 
B 2 HOH 101 263 101 HOH HOH A . 
B 2 HOH 102 264 102 HOH HOH A . 
B 2 HOH 103 265 103 HOH HOH A . 
B 2 HOH 104 266 104 HOH HOH A . 
B 2 HOH 105 267 105 HOH HOH A . 
B 2 HOH 106 268 106 HOH HOH A . 
B 2 HOH 107 269 107 HOH HOH A . 
B 2 HOH 108 270 108 HOH HOH A . 
B 2 HOH 109 271 109 HOH HOH A . 
B 2 HOH 110 272 110 HOH HOH A . 
B 2 HOH 111 273 111 HOH HOH A . 
B 2 HOH 112 274 112 HOH HOH A . 
B 2 HOH 113 275 113 HOH HOH A . 
B 2 HOH 114 276 114 HOH HOH A . 
B 2 HOH 115 277 115 HOH HOH A . 
B 2 HOH 116 278 116 HOH HOH A . 
B 2 HOH 117 279 117 HOH HOH A . 
B 2 HOH 118 280 118 HOH HOH A . 
B 2 HOH 119 281 119 HOH HOH A . 
B 2 HOH 120 282 120 HOH HOH A . 
B 2 HOH 121 283 121 HOH HOH A . 
B 2 HOH 122 284 122 HOH HOH A . 
B 2 HOH 123 285 123 HOH HOH A . 
B 2 HOH 124 286 124 HOH HOH A . 
B 2 HOH 125 287 125 HOH HOH A . 
B 2 HOH 126 288 126 HOH HOH A . 
B 2 HOH 127 289 127 HOH HOH A . 
B 2 HOH 128 290 128 HOH HOH A . 
B 2 HOH 129 291 129 HOH HOH A . 
B 2 HOH 130 292 130 HOH HOH A . 
B 2 HOH 131 293 131 HOH HOH A . 
B 2 HOH 132 294 132 HOH HOH A . 
B 2 HOH 133 295 133 HOH HOH A . 
B 2 HOH 134 296 134 HOH HOH A . 
B 2 HOH 135 297 135 HOH HOH A . 
B 2 HOH 136 298 136 HOH HOH A . 
B 2 HOH 137 299 137 HOH HOH A . 
B 2 HOH 138 300 138 HOH HOH A . 
B 2 HOH 139 301 139 HOH HOH A . 
B 2 HOH 140 302 140 HOH HOH A . 
B 2 HOH 141 303 141 HOH HOH A . 
B 2 HOH 142 304 142 HOH HOH A . 
B 2 HOH 143 305 143 HOH HOH A . 
B 2 HOH 144 306 144 HOH HOH A . 
B 2 HOH 145 307 145 HOH HOH A . 
B 2 HOH 146 308 146 HOH HOH A . 
B 2 HOH 147 309 147 HOH HOH A . 
B 2 HOH 148 310 148 HOH HOH A . 
B 2 HOH 149 311 149 HOH HOH A . 
B 2 HOH 150 312 150 HOH HOH A . 
B 2 HOH 151 313 151 HOH HOH A . 
B 2 HOH 152 314 152 HOH HOH A . 
B 2 HOH 153 315 153 HOH HOH A . 
B 2 HOH 154 316 154 HOH HOH A . 
B 2 HOH 155 317 155 HOH HOH A . 
B 2 HOH 156 318 156 HOH HOH A . 
B 2 HOH 157 319 157 HOH HOH A . 
B 2 HOH 158 320 158 HOH HOH A . 
B 2 HOH 159 321 159 HOH HOH A . 
B 2 HOH 160 322 160 HOH HOH A . 
B 2 HOH 161 323 161 HOH HOH A . 
B 2 HOH 162 324 162 HOH HOH A . 
B 2 HOH 163 325 163 HOH HOH A . 
B 2 HOH 164 326 164 HOH HOH A . 
B 2 HOH 165 327 165 HOH HOH A . 
# 
_pdbx_struct_assembly.id                   1 
_pdbx_struct_assembly.details              author_defined_assembly 
_pdbx_struct_assembly.method_details       ? 
_pdbx_struct_assembly.oligomeric_details   monomeric 
_pdbx_struct_assembly.oligomeric_count     1 
# 
_pdbx_struct_assembly_gen.assembly_id       1 
_pdbx_struct_assembly_gen.oper_expression   1 
_pdbx_struct_assembly_gen.asym_id_list      A,B 
# 
_pdbx_struct_oper_list.id                   1 
_pdbx_struct_oper_list.type                 'identity operation' 
_pdbx_struct_oper_list.name                 1_555 
_pdbx_struct_oper_list.symmetry_operation   x,y,z 
_pdbx_struct_oper_list.matrix[1][1]         1.0000000000 
_pdbx_struct_oper_list.matrix[1][2]         0.0000000000 
_pdbx_struct_oper_list.matrix[1][3]         0.0000000000 
_pdbx_struct_oper_list.vector[1]            0.0000000000 
_pdbx_struct_oper_list.matrix[2][1]         0.0000000000 
_pdbx_struct_oper_list.matrix[2][2]         1.0000000000 
_pdbx_struct_oper_list.matrix[2][3]         0.0000000000 
_pdbx_struct_oper_list.vector[2]            0.0000000000 
_pdbx_struct_oper_list.matrix[3][1]         0.0000000000 
_pdbx_struct_oper_list.matrix[3][2]         0.0000000000 
_pdbx_struct_oper_list.matrix[3][3]         1.0000000000 
_pdbx_struct_oper_list.vector[3]            0.0000000000 
# 
_pdbx_struct_special_symmetry.id              1 
_pdbx_struct_special_symmetry.PDB_model_num   1 
_pdbx_struct_special_symmetry.auth_asym_id    A 
_pdbx_struct_special_symmetry.auth_comp_id    HOH 
_pdbx_struct_special_symmetry.auth_seq_id     319 
_pdbx_struct_special_symmetry.PDB_ins_code    ? 
_pdbx_struct_special_symmetry.label_asym_id   B 
_pdbx_struct_special_symmetry.label_comp_id   HOH 
_pdbx_struct_special_symmetry.label_seq_id    . 
# 
loop_
_pdbx_audit_revision_history.ordinal 
_pdbx_audit_revision_history.data_content_type 
_pdbx_audit_revision_history.major_revision 
_pdbx_audit_revision_history.minor_revision 
_pdbx_audit_revision_history.revision_date 
1 'Structure model' 1 0 2006-05-31 
2 'Structure model' 1 1 2008-04-30 
3 'Structure model' 1 2 2011-07-13 
4 'Structure model' 1 3 2017-10-11 
5 'Structure model' 1 4 2023-10-25 
# 
_pdbx_audit_revision_details.ordinal             1 
_pdbx_audit_revision_details.revision_ordinal    1 
_pdbx_audit_revision_details.data_content_type   'Structure model' 
_pdbx_audit_revision_details.provider            repository 
_pdbx_audit_revision_details.type                'Initial release' 
_pdbx_audit_revision_details.description         ? 
_pdbx_audit_revision_details.details             ? 
# 
loop_
_pdbx_audit_revision_group.ordinal 
_pdbx_audit_revision_group.revision_ordinal 
_pdbx_audit_revision_group.data_content_type 
_pdbx_audit_revision_group.group 
1 2 'Structure model' 'Version format compliance' 
2 3 'Structure model' 'Source and taxonomy'       
3 3 'Structure model' 'Version format compliance' 
4 4 'Structure model' 'Refinement description'    
5 5 'Structure model' 'Data collection'           
6 5 'Structure model' 'Database references'       
7 5 'Structure model' 'Refinement description'    
# 
loop_
_pdbx_audit_revision_category.ordinal 
_pdbx_audit_revision_category.revision_ordinal 
_pdbx_audit_revision_category.data_content_type 
_pdbx_audit_revision_category.category 
1 4 'Structure model' software                      
2 5 'Structure model' chem_comp_atom                
3 5 'Structure model' chem_comp_bond                
4 5 'Structure model' database_2                    
5 5 'Structure model' pdbx_initial_refinement_model 
6 5 'Structure model' struct_ref_seq_dif            
# 
loop_
_pdbx_audit_revision_item.ordinal 
_pdbx_audit_revision_item.revision_ordinal 
_pdbx_audit_revision_item.data_content_type 
_pdbx_audit_revision_item.item 
1  4 'Structure model' '_software.classification'            
2  4 'Structure model' '_software.contact_author'            
3  4 'Structure model' '_software.contact_author_email'      
4  4 'Structure model' '_software.date'                      
5  4 'Structure model' '_software.language'                  
6  4 'Structure model' '_software.location'                  
7  4 'Structure model' '_software.name'                      
8  4 'Structure model' '_software.type'                      
9  4 'Structure model' '_software.version'                   
10 5 'Structure model' '_database_2.pdbx_DOI'                
11 5 'Structure model' '_database_2.pdbx_database_accession' 
12 5 'Structure model' '_struct_ref_seq_dif.details'         
# 
_pdbx_phasing_MR.entry_id                     1ZUH 
_pdbx_phasing_MR.method_rotation              ? 
_pdbx_phasing_MR.method_translation           ? 
_pdbx_phasing_MR.model_details                ? 
_pdbx_phasing_MR.R_factor                     0.400 
_pdbx_phasing_MR.R_rigid_body                 ? 
_pdbx_phasing_MR.correlation_coeff_Fo_to_Fc   0.614 
_pdbx_phasing_MR.correlation_coeff_Io_to_Ic   ? 
_pdbx_phasing_MR.d_res_high_rotation          3.000 
_pdbx_phasing_MR.d_res_low_rotation           23.790 
_pdbx_phasing_MR.d_res_high_translation       3.000 
_pdbx_phasing_MR.d_res_low_translation        23.790 
_pdbx_phasing_MR.packing                      ? 
_pdbx_phasing_MR.reflns_percent_rotation      ? 
_pdbx_phasing_MR.reflns_percent_translation   ? 
_pdbx_phasing_MR.sigma_F_rotation             ? 
_pdbx_phasing_MR.sigma_F_translation          ? 
_pdbx_phasing_MR.sigma_I_rotation             ? 
_pdbx_phasing_MR.sigma_I_translation          ? 
# 
loop_
_software.name 
_software.version 
_software.date 
_software.type 
_software.contact_author 
_software.contact_author_email 
_software.classification 
_software.location 
_software.language 
_software.citation_id 
_software.pdbx_ordinal 
DENZO       .     ?               package 'Zbyszek Otwinowski' zbyszek@mix.swmed.edu    'data reduction'  
http://www.lnls.br/infra/linhasluz/denzo-hkl.htm ?       ? 1 
SCALEPACK   .     ?               package 'Zbyszek Otwinowski' zbyszek@mix.swmed.edu    'data scaling'    
http://www.lnls.br/infra/linhasluz/denzo-hkl.htm ?       ? 2 
MOLREP      .     ?               program 'A. Vagin'           alexei@ysbl.york.ac.uk   phasing           
http://www.ccp4.ac.uk/dist/html/molrep.html      Fortran ? 3 
REFMAC      .     ?               program 'Murshudov, G.N.'    ccp4@dl.ac.uk            refinement        
http://www.ccp4.ac.uk/main.html                  Fortran ? 4 
PDB_EXTRACT 1.601 'Jan. 30, 2005' package PDB                  sw-help@rcsb.rutgers.edu 'data extraction' 
http://pdb.rutgers.edu/software/                 C++     ? 5 
HKL-2000    .     ?               ?       ?                    ?                        'data reduction'  ? ?       ? 6 
# 
loop_
_pdbx_validate_close_contact.id 
_pdbx_validate_close_contact.PDB_model_num 
_pdbx_validate_close_contact.auth_atom_id_1 
_pdbx_validate_close_contact.auth_asym_id_1 
_pdbx_validate_close_contact.auth_comp_id_1 
_pdbx_validate_close_contact.auth_seq_id_1 
_pdbx_validate_close_contact.PDB_ins_code_1 
_pdbx_validate_close_contact.label_alt_id_1 
_pdbx_validate_close_contact.auth_atom_id_2 
_pdbx_validate_close_contact.auth_asym_id_2 
_pdbx_validate_close_contact.auth_comp_id_2 
_pdbx_validate_close_contact.auth_seq_id_2 
_pdbx_validate_close_contact.PDB_ins_code_2 
_pdbx_validate_close_contact.label_alt_id_2 
_pdbx_validate_close_contact.dist 
1 1 O A HOH 163 ? ? O A HOH 327 ? ? 1.64 
2 1 O A LYS 106 ? ? O A ASN 109 ? ? 2.07 
# 
_pdbx_validate_symm_contact.id                1 
_pdbx_validate_symm_contact.PDB_model_num     1 
_pdbx_validate_symm_contact.auth_atom_id_1    OD1 
_pdbx_validate_symm_contact.auth_asym_id_1    A 
_pdbx_validate_symm_contact.auth_comp_id_1    ASN 
_pdbx_validate_symm_contact.auth_seq_id_1     120 
_pdbx_validate_symm_contact.PDB_ins_code_1    ? 
_pdbx_validate_symm_contact.label_alt_id_1    ? 
_pdbx_validate_symm_contact.site_symmetry_1   1_555 
_pdbx_validate_symm_contact.auth_atom_id_2    C 
_pdbx_validate_symm_contact.auth_asym_id_2    A 
_pdbx_validate_symm_contact.auth_comp_id_2    PHE 
_pdbx_validate_symm_contact.auth_seq_id_2     160 
_pdbx_validate_symm_contact.PDB_ins_code_2    ? 
_pdbx_validate_symm_contact.label_alt_id_2    ? 
_pdbx_validate_symm_contact.site_symmetry_2   3_545 
_pdbx_validate_symm_contact.dist              1.82 
# 
loop_
_pdbx_validate_rmsd_angle.id 
_pdbx_validate_rmsd_angle.PDB_model_num 
_pdbx_validate_rmsd_angle.auth_atom_id_1 
_pdbx_validate_rmsd_angle.auth_asym_id_1 
_pdbx_validate_rmsd_angle.auth_comp_id_1 
_pdbx_validate_rmsd_angle.auth_seq_id_1 
_pdbx_validate_rmsd_angle.PDB_ins_code_1 
_pdbx_validate_rmsd_angle.label_alt_id_1 
_pdbx_validate_rmsd_angle.auth_atom_id_2 
_pdbx_validate_rmsd_angle.auth_asym_id_2 
_pdbx_validate_rmsd_angle.auth_comp_id_2 
_pdbx_validate_rmsd_angle.auth_seq_id_2 
_pdbx_validate_rmsd_angle.PDB_ins_code_2 
_pdbx_validate_rmsd_angle.label_alt_id_2 
_pdbx_validate_rmsd_angle.auth_atom_id_3 
_pdbx_validate_rmsd_angle.auth_asym_id_3 
_pdbx_validate_rmsd_angle.auth_comp_id_3 
_pdbx_validate_rmsd_angle.auth_seq_id_3 
_pdbx_validate_rmsd_angle.PDB_ins_code_3 
_pdbx_validate_rmsd_angle.label_alt_id_3 
_pdbx_validate_rmsd_angle.angle_value 
_pdbx_validate_rmsd_angle.angle_target_value 
_pdbx_validate_rmsd_angle.angle_deviation 
_pdbx_validate_rmsd_angle.angle_standard_deviation 
_pdbx_validate_rmsd_angle.linker_flag 
1 1 CB A ASP 31  ? ? CG A ASP 31  ? ? OD2 A ASP 31  ? ? 125.27 118.30 6.97  0.90 N 
2 1 CB A ASP 33  ? ? CG A ASP 33  ? ? OD1 A ASP 33  ? ? 125.12 118.30 6.82  0.90 N 
3 1 NE A ARG 57  ? ? CZ A ARG 57  ? ? NH1 A ARG 57  ? ? 127.23 120.30 6.93  0.50 N 
4 1 NE A ARG 57  ? ? CZ A ARG 57  ? ? NH2 A ARG 57  ? ? 115.61 120.30 -4.69 0.50 N 
5 1 CB A ASP 65  ? ? CG A ASP 65  ? ? OD2 A ASP 65  ? ? 124.46 118.30 6.16  0.90 N 
6 1 CB A ASP 100 ? ? CG A ASP 100 ? ? OD2 A ASP 100 ? ? 123.76 118.30 5.46  0.90 N 
# 
loop_
_pdbx_validate_torsion.id 
_pdbx_validate_torsion.PDB_model_num 
_pdbx_validate_torsion.auth_comp_id 
_pdbx_validate_torsion.auth_asym_id 
_pdbx_validate_torsion.auth_seq_id 
_pdbx_validate_torsion.PDB_ins_code 
_pdbx_validate_torsion.label_alt_id 
_pdbx_validate_torsion.phi 
_pdbx_validate_torsion.psi 
1 1 ASN A 109 ? ? -68.04 99.97  
2 1 ASN A 120 ? ? 74.36  -19.07 
3 1 ASN A 121 ? ? 8.59   -75.79 
# 
loop_
_pdbx_unobs_or_zero_occ_residues.id 
_pdbx_unobs_or_zero_occ_residues.PDB_model_num 
_pdbx_unobs_or_zero_occ_residues.polymer_flag 
_pdbx_unobs_or_zero_occ_residues.occupancy_flag 
_pdbx_unobs_or_zero_occ_residues.auth_asym_id 
_pdbx_unobs_or_zero_occ_residues.auth_comp_id 
_pdbx_unobs_or_zero_occ_residues.auth_seq_id 
_pdbx_unobs_or_zero_occ_residues.PDB_ins_code 
_pdbx_unobs_or_zero_occ_residues.label_asym_id 
_pdbx_unobs_or_zero_occ_residues.label_comp_id 
_pdbx_unobs_or_zero_occ_residues.label_seq_id 
1  1 Y 1 A HIS -5  ? A HIS 1   
2  1 Y 1 A HIS -4  ? A HIS 2   
3  1 Y 1 A HIS -3  ? A HIS 3   
4  1 Y 1 A HIS -2  ? A HIS 4   
5  1 Y 1 A HIS -1  ? A HIS 5   
6  1 Y 1 A HIS 0   ? A HIS 6   
7  1 Y 1 A MET 1   ? A MET 7   
8  1 Y 1 A LYS 111 ? A LYS 117 
9  1 Y 1 A GLU 112 ? A GLU 118 
10 1 Y 1 A ARG 113 ? A ARG 119 
11 1 Y 1 A GLU 114 ? A GLU 120 
12 1 Y 1 A LYS 115 ? A LYS 121 
13 1 Y 1 A ARG 116 ? A ARG 122 
14 1 Y 1 A PRO 117 ? A PRO 123 
15 1 Y 1 A LEU 118 ? A LEU 124 
16 1 Y 1 A ILE 161 ? A ILE 167 
17 1 Y 1 A ALA 162 ? A ALA 168 
# 
loop_
_chem_comp_atom.comp_id 
_chem_comp_atom.atom_id 
_chem_comp_atom.type_symbol 
_chem_comp_atom.pdbx_aromatic_flag 
_chem_comp_atom.pdbx_stereo_config 
_chem_comp_atom.pdbx_ordinal 
ALA N    N N N 1   
ALA CA   C N S 2   
ALA C    C N N 3   
ALA O    O N N 4   
ALA CB   C N N 5   
ALA OXT  O N N 6   
ALA H    H N N 7   
ALA H2   H N N 8   
ALA HA   H N N 9   
ALA HB1  H N N 10  
ALA HB2  H N N 11  
ALA HB3  H N N 12  
ALA HXT  H N N 13  
ARG N    N N N 14  
ARG CA   C N S 15  
ARG C    C N N 16  
ARG O    O N N 17  
ARG CB   C N N 18  
ARG CG   C N N 19  
ARG CD   C N N 20  
ARG NE   N N N 21  
ARG CZ   C N N 22  
ARG NH1  N N N 23  
ARG NH2  N N N 24  
ARG OXT  O N N 25  
ARG H    H N N 26  
ARG H2   H N N 27  
ARG HA   H N N 28  
ARG HB2  H N N 29  
ARG HB3  H N N 30  
ARG HG2  H N N 31  
ARG HG3  H N N 32  
ARG HD2  H N N 33  
ARG HD3  H N N 34  
ARG HE   H N N 35  
ARG HH11 H N N 36  
ARG HH12 H N N 37  
ARG HH21 H N N 38  
ARG HH22 H N N 39  
ARG HXT  H N N 40  
ASN N    N N N 41  
ASN CA   C N S 42  
ASN C    C N N 43  
ASN O    O N N 44  
ASN CB   C N N 45  
ASN CG   C N N 46  
ASN OD1  O N N 47  
ASN ND2  N N N 48  
ASN OXT  O N N 49  
ASN H    H N N 50  
ASN H2   H N N 51  
ASN HA   H N N 52  
ASN HB2  H N N 53  
ASN HB3  H N N 54  
ASN HD21 H N N 55  
ASN HD22 H N N 56  
ASN HXT  H N N 57  
ASP N    N N N 58  
ASP CA   C N S 59  
ASP C    C N N 60  
ASP O    O N N 61  
ASP CB   C N N 62  
ASP CG   C N N 63  
ASP OD1  O N N 64  
ASP OD2  O N N 65  
ASP OXT  O N N 66  
ASP H    H N N 67  
ASP H2   H N N 68  
ASP HA   H N N 69  
ASP HB2  H N N 70  
ASP HB3  H N N 71  
ASP HD2  H N N 72  
ASP HXT  H N N 73  
GLN N    N N N 74  
GLN CA   C N S 75  
GLN C    C N N 76  
GLN O    O N N 77  
GLN CB   C N N 78  
GLN CG   C N N 79  
GLN CD   C N N 80  
GLN OE1  O N N 81  
GLN NE2  N N N 82  
GLN OXT  O N N 83  
GLN H    H N N 84  
GLN H2   H N N 85  
GLN HA   H N N 86  
GLN HB2  H N N 87  
GLN HB3  H N N 88  
GLN HG2  H N N 89  
GLN HG3  H N N 90  
GLN HE21 H N N 91  
GLN HE22 H N N 92  
GLN HXT  H N N 93  
GLU N    N N N 94  
GLU CA   C N S 95  
GLU C    C N N 96  
GLU O    O N N 97  
GLU CB   C N N 98  
GLU CG   C N N 99  
GLU CD   C N N 100 
GLU OE1  O N N 101 
GLU OE2  O N N 102 
GLU OXT  O N N 103 
GLU H    H N N 104 
GLU H2   H N N 105 
GLU HA   H N N 106 
GLU HB2  H N N 107 
GLU HB3  H N N 108 
GLU HG2  H N N 109 
GLU HG3  H N N 110 
GLU HE2  H N N 111 
GLU HXT  H N N 112 
GLY N    N N N 113 
GLY CA   C N N 114 
GLY C    C N N 115 
GLY O    O N N 116 
GLY OXT  O N N 117 
GLY H    H N N 118 
GLY H2   H N N 119 
GLY HA2  H N N 120 
GLY HA3  H N N 121 
GLY HXT  H N N 122 
HIS N    N N N 123 
HIS CA   C N S 124 
HIS C    C N N 125 
HIS O    O N N 126 
HIS CB   C N N 127 
HIS CG   C Y N 128 
HIS ND1  N Y N 129 
HIS CD2  C Y N 130 
HIS CE1  C Y N 131 
HIS NE2  N Y N 132 
HIS OXT  O N N 133 
HIS H    H N N 134 
HIS H2   H N N 135 
HIS HA   H N N 136 
HIS HB2  H N N 137 
HIS HB3  H N N 138 
HIS HD1  H N N 139 
HIS HD2  H N N 140 
HIS HE1  H N N 141 
HIS HE2  H N N 142 
HIS HXT  H N N 143 
HOH O    O N N 144 
HOH H1   H N N 145 
HOH H2   H N N 146 
ILE N    N N N 147 
ILE CA   C N S 148 
ILE C    C N N 149 
ILE O    O N N 150 
ILE CB   C N S 151 
ILE CG1  C N N 152 
ILE CG2  C N N 153 
ILE CD1  C N N 154 
ILE OXT  O N N 155 
ILE H    H N N 156 
ILE H2   H N N 157 
ILE HA   H N N 158 
ILE HB   H N N 159 
ILE HG12 H N N 160 
ILE HG13 H N N 161 
ILE HG21 H N N 162 
ILE HG22 H N N 163 
ILE HG23 H N N 164 
ILE HD11 H N N 165 
ILE HD12 H N N 166 
ILE HD13 H N N 167 
ILE HXT  H N N 168 
LEU N    N N N 169 
LEU CA   C N S 170 
LEU C    C N N 171 
LEU O    O N N 172 
LEU CB   C N N 173 
LEU CG   C N N 174 
LEU CD1  C N N 175 
LEU CD2  C N N 176 
LEU OXT  O N N 177 
LEU H    H N N 178 
LEU H2   H N N 179 
LEU HA   H N N 180 
LEU HB2  H N N 181 
LEU HB3  H N N 182 
LEU HG   H N N 183 
LEU HD11 H N N 184 
LEU HD12 H N N 185 
LEU HD13 H N N 186 
LEU HD21 H N N 187 
LEU HD22 H N N 188 
LEU HD23 H N N 189 
LEU HXT  H N N 190 
LYS N    N N N 191 
LYS CA   C N S 192 
LYS C    C N N 193 
LYS O    O N N 194 
LYS CB   C N N 195 
LYS CG   C N N 196 
LYS CD   C N N 197 
LYS CE   C N N 198 
LYS NZ   N N N 199 
LYS OXT  O N N 200 
LYS H    H N N 201 
LYS H2   H N N 202 
LYS HA   H N N 203 
LYS HB2  H N N 204 
LYS HB3  H N N 205 
LYS HG2  H N N 206 
LYS HG3  H N N 207 
LYS HD2  H N N 208 
LYS HD3  H N N 209 
LYS HE2  H N N 210 
LYS HE3  H N N 211 
LYS HZ1  H N N 212 
LYS HZ2  H N N 213 
LYS HZ3  H N N 214 
LYS HXT  H N N 215 
MET N    N N N 216 
MET CA   C N S 217 
MET C    C N N 218 
MET O    O N N 219 
MET CB   C N N 220 
MET CG   C N N 221 
MET SD   S N N 222 
MET CE   C N N 223 
MET OXT  O N N 224 
MET H    H N N 225 
MET H2   H N N 226 
MET HA   H N N 227 
MET HB2  H N N 228 
MET HB3  H N N 229 
MET HG2  H N N 230 
MET HG3  H N N 231 
MET HE1  H N N 232 
MET HE2  H N N 233 
MET HE3  H N N 234 
MET HXT  H N N 235 
PHE N    N N N 236 
PHE CA   C N S 237 
PHE C    C N N 238 
PHE O    O N N 239 
PHE CB   C N N 240 
PHE CG   C Y N 241 
PHE CD1  C Y N 242 
PHE CD2  C Y N 243 
PHE CE1  C Y N 244 
PHE CE2  C Y N 245 
PHE CZ   C Y N 246 
PHE OXT  O N N 247 
PHE H    H N N 248 
PHE H2   H N N 249 
PHE HA   H N N 250 
PHE HB2  H N N 251 
PHE HB3  H N N 252 
PHE HD1  H N N 253 
PHE HD2  H N N 254 
PHE HE1  H N N 255 
PHE HE2  H N N 256 
PHE HZ   H N N 257 
PHE HXT  H N N 258 
PRO N    N N N 259 
PRO CA   C N S 260 
PRO C    C N N 261 
PRO O    O N N 262 
PRO CB   C N N 263 
PRO CG   C N N 264 
PRO CD   C N N 265 
PRO OXT  O N N 266 
PRO H    H N N 267 
PRO HA   H N N 268 
PRO HB2  H N N 269 
PRO HB3  H N N 270 
PRO HG2  H N N 271 
PRO HG3  H N N 272 
PRO HD2  H N N 273 
PRO HD3  H N N 274 
PRO HXT  H N N 275 
SER N    N N N 276 
SER CA   C N S 277 
SER C    C N N 278 
SER O    O N N 279 
SER CB   C N N 280 
SER OG   O N N 281 
SER OXT  O N N 282 
SER H    H N N 283 
SER H2   H N N 284 
SER HA   H N N 285 
SER HB2  H N N 286 
SER HB3  H N N 287 
SER HG   H N N 288 
SER HXT  H N N 289 
THR N    N N N 290 
THR CA   C N S 291 
THR C    C N N 292 
THR O    O N N 293 
THR CB   C N R 294 
THR OG1  O N N 295 
THR CG2  C N N 296 
THR OXT  O N N 297 
THR H    H N N 298 
THR H2   H N N 299 
THR HA   H N N 300 
THR HB   H N N 301 
THR HG1  H N N 302 
THR HG21 H N N 303 
THR HG22 H N N 304 
THR HG23 H N N 305 
THR HXT  H N N 306 
TYR N    N N N 307 
TYR CA   C N S 308 
TYR C    C N N 309 
TYR O    O N N 310 
TYR CB   C N N 311 
TYR CG   C Y N 312 
TYR CD1  C Y N 313 
TYR CD2  C Y N 314 
TYR CE1  C Y N 315 
TYR CE2  C Y N 316 
TYR CZ   C Y N 317 
TYR OH   O N N 318 
TYR OXT  O N N 319 
TYR H    H N N 320 
TYR H2   H N N 321 
TYR HA   H N N 322 
TYR HB2  H N N 323 
TYR HB3  H N N 324 
TYR HD1  H N N 325 
TYR HD2  H N N 326 
TYR HE1  H N N 327 
TYR HE2  H N N 328 
TYR HH   H N N 329 
TYR HXT  H N N 330 
VAL N    N N N 331 
VAL CA   C N S 332 
VAL C    C N N 333 
VAL O    O N N 334 
VAL CB   C N N 335 
VAL CG1  C N N 336 
VAL CG2  C N N 337 
VAL OXT  O N N 338 
VAL H    H N N 339 
VAL H2   H N N 340 
VAL HA   H N N 341 
VAL HB   H N N 342 
VAL HG11 H N N 343 
VAL HG12 H N N 344 
VAL HG13 H N N 345 
VAL HG21 H N N 346 
VAL HG22 H N N 347 
VAL HG23 H N N 348 
VAL HXT  H N N 349 
# 
loop_
_chem_comp_bond.comp_id 
_chem_comp_bond.atom_id_1 
_chem_comp_bond.atom_id_2 
_chem_comp_bond.value_order 
_chem_comp_bond.pdbx_aromatic_flag 
_chem_comp_bond.pdbx_stereo_config 
_chem_comp_bond.pdbx_ordinal 
ALA N   CA   sing N N 1   
ALA N   H    sing N N 2   
ALA N   H2   sing N N 3   
ALA CA  C    sing N N 4   
ALA CA  CB   sing N N 5   
ALA CA  HA   sing N N 6   
ALA C   O    doub N N 7   
ALA C   OXT  sing N N 8   
ALA CB  HB1  sing N N 9   
ALA CB  HB2  sing N N 10  
ALA CB  HB3  sing N N 11  
ALA OXT HXT  sing N N 12  
ARG N   CA   sing N N 13  
ARG N   H    sing N N 14  
ARG N   H2   sing N N 15  
ARG CA  C    sing N N 16  
ARG CA  CB   sing N N 17  
ARG CA  HA   sing N N 18  
ARG C   O    doub N N 19  
ARG C   OXT  sing N N 20  
ARG CB  CG   sing N N 21  
ARG CB  HB2  sing N N 22  
ARG CB  HB3  sing N N 23  
ARG CG  CD   sing N N 24  
ARG CG  HG2  sing N N 25  
ARG CG  HG3  sing N N 26  
ARG CD  NE   sing N N 27  
ARG CD  HD2  sing N N 28  
ARG CD  HD3  sing N N 29  
ARG NE  CZ   sing N N 30  
ARG NE  HE   sing N N 31  
ARG CZ  NH1  sing N N 32  
ARG CZ  NH2  doub N N 33  
ARG NH1 HH11 sing N N 34  
ARG NH1 HH12 sing N N 35  
ARG NH2 HH21 sing N N 36  
ARG NH2 HH22 sing N N 37  
ARG OXT HXT  sing N N 38  
ASN N   CA   sing N N 39  
ASN N   H    sing N N 40  
ASN N   H2   sing N N 41  
ASN CA  C    sing N N 42  
ASN CA  CB   sing N N 43  
ASN CA  HA   sing N N 44  
ASN C   O    doub N N 45  
ASN C   OXT  sing N N 46  
ASN CB  CG   sing N N 47  
ASN CB  HB2  sing N N 48  
ASN CB  HB3  sing N N 49  
ASN CG  OD1  doub N N 50  
ASN CG  ND2  sing N N 51  
ASN ND2 HD21 sing N N 52  
ASN ND2 HD22 sing N N 53  
ASN OXT HXT  sing N N 54  
ASP N   CA   sing N N 55  
ASP N   H    sing N N 56  
ASP N   H2   sing N N 57  
ASP CA  C    sing N N 58  
ASP CA  CB   sing N N 59  
ASP CA  HA   sing N N 60  
ASP C   O    doub N N 61  
ASP C   OXT  sing N N 62  
ASP CB  CG   sing N N 63  
ASP CB  HB2  sing N N 64  
ASP CB  HB3  sing N N 65  
ASP CG  OD1  doub N N 66  
ASP CG  OD2  sing N N 67  
ASP OD2 HD2  sing N N 68  
ASP OXT HXT  sing N N 69  
GLN N   CA   sing N N 70  
GLN N   H    sing N N 71  
GLN N   H2   sing N N 72  
GLN CA  C    sing N N 73  
GLN CA  CB   sing N N 74  
GLN CA  HA   sing N N 75  
GLN C   O    doub N N 76  
GLN C   OXT  sing N N 77  
GLN CB  CG   sing N N 78  
GLN CB  HB2  sing N N 79  
GLN CB  HB3  sing N N 80  
GLN CG  CD   sing N N 81  
GLN CG  HG2  sing N N 82  
GLN CG  HG3  sing N N 83  
GLN CD  OE1  doub N N 84  
GLN CD  NE2  sing N N 85  
GLN NE2 HE21 sing N N 86  
GLN NE2 HE22 sing N N 87  
GLN OXT HXT  sing N N 88  
GLU N   CA   sing N N 89  
GLU N   H    sing N N 90  
GLU N   H2   sing N N 91  
GLU CA  C    sing N N 92  
GLU CA  CB   sing N N 93  
GLU CA  HA   sing N N 94  
GLU C   O    doub N N 95  
GLU C   OXT  sing N N 96  
GLU CB  CG   sing N N 97  
GLU CB  HB2  sing N N 98  
GLU CB  HB3  sing N N 99  
GLU CG  CD   sing N N 100 
GLU CG  HG2  sing N N 101 
GLU CG  HG3  sing N N 102 
GLU CD  OE1  doub N N 103 
GLU CD  OE2  sing N N 104 
GLU OE2 HE2  sing N N 105 
GLU OXT HXT  sing N N 106 
GLY N   CA   sing N N 107 
GLY N   H    sing N N 108 
GLY N   H2   sing N N 109 
GLY CA  C    sing N N 110 
GLY CA  HA2  sing N N 111 
GLY CA  HA3  sing N N 112 
GLY C   O    doub N N 113 
GLY C   OXT  sing N N 114 
GLY OXT HXT  sing N N 115 
HIS N   CA   sing N N 116 
HIS N   H    sing N N 117 
HIS N   H2   sing N N 118 
HIS CA  C    sing N N 119 
HIS CA  CB   sing N N 120 
HIS CA  HA   sing N N 121 
HIS C   O    doub N N 122 
HIS C   OXT  sing N N 123 
HIS CB  CG   sing N N 124 
HIS CB  HB2  sing N N 125 
HIS CB  HB3  sing N N 126 
HIS CG  ND1  sing Y N 127 
HIS CG  CD2  doub Y N 128 
HIS ND1 CE1  doub Y N 129 
HIS ND1 HD1  sing N N 130 
HIS CD2 NE2  sing Y N 131 
HIS CD2 HD2  sing N N 132 
HIS CE1 NE2  sing Y N 133 
HIS CE1 HE1  sing N N 134 
HIS NE2 HE2  sing N N 135 
HIS OXT HXT  sing N N 136 
HOH O   H1   sing N N 137 
HOH O   H2   sing N N 138 
ILE N   CA   sing N N 139 
ILE N   H    sing N N 140 
ILE N   H2   sing N N 141 
ILE CA  C    sing N N 142 
ILE CA  CB   sing N N 143 
ILE CA  HA   sing N N 144 
ILE C   O    doub N N 145 
ILE C   OXT  sing N N 146 
ILE CB  CG1  sing N N 147 
ILE CB  CG2  sing N N 148 
ILE CB  HB   sing N N 149 
ILE CG1 CD1  sing N N 150 
ILE CG1 HG12 sing N N 151 
ILE CG1 HG13 sing N N 152 
ILE CG2 HG21 sing N N 153 
ILE CG2 HG22 sing N N 154 
ILE CG2 HG23 sing N N 155 
ILE CD1 HD11 sing N N 156 
ILE CD1 HD12 sing N N 157 
ILE CD1 HD13 sing N N 158 
ILE OXT HXT  sing N N 159 
LEU N   CA   sing N N 160 
LEU N   H    sing N N 161 
LEU N   H2   sing N N 162 
LEU CA  C    sing N N 163 
LEU CA  CB   sing N N 164 
LEU CA  HA   sing N N 165 
LEU C   O    doub N N 166 
LEU C   OXT  sing N N 167 
LEU CB  CG   sing N N 168 
LEU CB  HB2  sing N N 169 
LEU CB  HB3  sing N N 170 
LEU CG  CD1  sing N N 171 
LEU CG  CD2  sing N N 172 
LEU CG  HG   sing N N 173 
LEU CD1 HD11 sing N N 174 
LEU CD1 HD12 sing N N 175 
LEU CD1 HD13 sing N N 176 
LEU CD2 HD21 sing N N 177 
LEU CD2 HD22 sing N N 178 
LEU CD2 HD23 sing N N 179 
LEU OXT HXT  sing N N 180 
LYS N   CA   sing N N 181 
LYS N   H    sing N N 182 
LYS N   H2   sing N N 183 
LYS CA  C    sing N N 184 
LYS CA  CB   sing N N 185 
LYS CA  HA   sing N N 186 
LYS C   O    doub N N 187 
LYS C   OXT  sing N N 188 
LYS CB  CG   sing N N 189 
LYS CB  HB2  sing N N 190 
LYS CB  HB3  sing N N 191 
LYS CG  CD   sing N N 192 
LYS CG  HG2  sing N N 193 
LYS CG  HG3  sing N N 194 
LYS CD  CE   sing N N 195 
LYS CD  HD2  sing N N 196 
LYS CD  HD3  sing N N 197 
LYS CE  NZ   sing N N 198 
LYS CE  HE2  sing N N 199 
LYS CE  HE3  sing N N 200 
LYS NZ  HZ1  sing N N 201 
LYS NZ  HZ2  sing N N 202 
LYS NZ  HZ3  sing N N 203 
LYS OXT HXT  sing N N 204 
MET N   CA   sing N N 205 
MET N   H    sing N N 206 
MET N   H2   sing N N 207 
MET CA  C    sing N N 208 
MET CA  CB   sing N N 209 
MET CA  HA   sing N N 210 
MET C   O    doub N N 211 
MET C   OXT  sing N N 212 
MET CB  CG   sing N N 213 
MET CB  HB2  sing N N 214 
MET CB  HB3  sing N N 215 
MET CG  SD   sing N N 216 
MET CG  HG2  sing N N 217 
MET CG  HG3  sing N N 218 
MET SD  CE   sing N N 219 
MET CE  HE1  sing N N 220 
MET CE  HE2  sing N N 221 
MET CE  HE3  sing N N 222 
MET OXT HXT  sing N N 223 
PHE N   CA   sing N N 224 
PHE N   H    sing N N 225 
PHE N   H2   sing N N 226 
PHE CA  C    sing N N 227 
PHE CA  CB   sing N N 228 
PHE CA  HA   sing N N 229 
PHE C   O    doub N N 230 
PHE C   OXT  sing N N 231 
PHE CB  CG   sing N N 232 
PHE CB  HB2  sing N N 233 
PHE CB  HB3  sing N N 234 
PHE CG  CD1  doub Y N 235 
PHE CG  CD2  sing Y N 236 
PHE CD1 CE1  sing Y N 237 
PHE CD1 HD1  sing N N 238 
PHE CD2 CE2  doub Y N 239 
PHE CD2 HD2  sing N N 240 
PHE CE1 CZ   doub Y N 241 
PHE CE1 HE1  sing N N 242 
PHE CE2 CZ   sing Y N 243 
PHE CE2 HE2  sing N N 244 
PHE CZ  HZ   sing N N 245 
PHE OXT HXT  sing N N 246 
PRO N   CA   sing N N 247 
PRO N   CD   sing N N 248 
PRO N   H    sing N N 249 
PRO CA  C    sing N N 250 
PRO CA  CB   sing N N 251 
PRO CA  HA   sing N N 252 
PRO C   O    doub N N 253 
PRO C   OXT  sing N N 254 
PRO CB  CG   sing N N 255 
PRO CB  HB2  sing N N 256 
PRO CB  HB3  sing N N 257 
PRO CG  CD   sing N N 258 
PRO CG  HG2  sing N N 259 
PRO CG  HG3  sing N N 260 
PRO CD  HD2  sing N N 261 
PRO CD  HD3  sing N N 262 
PRO OXT HXT  sing N N 263 
SER N   CA   sing N N 264 
SER N   H    sing N N 265 
SER N   H2   sing N N 266 
SER CA  C    sing N N 267 
SER CA  CB   sing N N 268 
SER CA  HA   sing N N 269 
SER C   O    doub N N 270 
SER C   OXT  sing N N 271 
SER CB  OG   sing N N 272 
SER CB  HB2  sing N N 273 
SER CB  HB3  sing N N 274 
SER OG  HG   sing N N 275 
SER OXT HXT  sing N N 276 
THR N   CA   sing N N 277 
THR N   H    sing N N 278 
THR N   H2   sing N N 279 
THR CA  C    sing N N 280 
THR CA  CB   sing N N 281 
THR CA  HA   sing N N 282 
THR C   O    doub N N 283 
THR C   OXT  sing N N 284 
THR CB  OG1  sing N N 285 
THR CB  CG2  sing N N 286 
THR CB  HB   sing N N 287 
THR OG1 HG1  sing N N 288 
THR CG2 HG21 sing N N 289 
THR CG2 HG22 sing N N 290 
THR CG2 HG23 sing N N 291 
THR OXT HXT  sing N N 292 
TYR N   CA   sing N N 293 
TYR N   H    sing N N 294 
TYR N   H2   sing N N 295 
TYR CA  C    sing N N 296 
TYR CA  CB   sing N N 297 
TYR CA  HA   sing N N 298 
TYR C   O    doub N N 299 
TYR C   OXT  sing N N 300 
TYR CB  CG   sing N N 301 
TYR CB  HB2  sing N N 302 
TYR CB  HB3  sing N N 303 
TYR CG  CD1  doub Y N 304 
TYR CG  CD2  sing Y N 305 
TYR CD1 CE1  sing Y N 306 
TYR CD1 HD1  sing N N 307 
TYR CD2 CE2  doub Y N 308 
TYR CD2 HD2  sing N N 309 
TYR CE1 CZ   doub Y N 310 
TYR CE1 HE1  sing N N 311 
TYR CE2 CZ   sing Y N 312 
TYR CE2 HE2  sing N N 313 
TYR CZ  OH   sing N N 314 
TYR OH  HH   sing N N 315 
TYR OXT HXT  sing N N 316 
VAL N   CA   sing N N 317 
VAL N   H    sing N N 318 
VAL N   H2   sing N N 319 
VAL CA  C    sing N N 320 
VAL CA  CB   sing N N 321 
VAL CA  HA   sing N N 322 
VAL C   O    doub N N 323 
VAL C   OXT  sing N N 324 
VAL CB  CG1  sing N N 325 
VAL CB  CG2  sing N N 326 
VAL CB  HB   sing N N 327 
VAL CG1 HG11 sing N N 328 
VAL CG1 HG12 sing N N 329 
VAL CG1 HG13 sing N N 330 
VAL CG2 HG21 sing N N 331 
VAL CG2 HG22 sing N N 332 
VAL CG2 HG23 sing N N 333 
VAL OXT HXT  sing N N 334 
# 
_pdbx_entity_nonpoly.entity_id   2 
_pdbx_entity_nonpoly.name        water 
_pdbx_entity_nonpoly.comp_id     HOH 
# 
_pdbx_initial_refinement_model.id               1 
_pdbx_initial_refinement_model.entity_id_list   ? 
_pdbx_initial_refinement_model.type             'experimental model' 
_pdbx_initial_refinement_model.source_name      PDB 
_pdbx_initial_refinement_model.accession_code   1VIA 
_pdbx_initial_refinement_model.details          'PDB ENTRY 1VIA' 
# 
